data_8UYO
# 
_entry.id   8UYO 
# 
_audit_conform.dict_name       mmcif_pdbx.dic 
_audit_conform.dict_version    5.388 
_audit_conform.dict_location   http://mmcif.pdb.org/dictionaries/ascii/mmcif_pdbx.dic 
# 
loop_
_database_2.database_id 
_database_2.database_code 
_database_2.pdbx_database_accession 
_database_2.pdbx_DOI 
PDB   8UYO         pdb_00008uyo 10.2210/pdb8uyo/pdb 
WWPDB D_1000279154 ?            ?                   
EMDB  EMD-42812    ?            ?                   
# 
_pdbx_audit_revision_history.ordinal             1 
_pdbx_audit_revision_history.data_content_type   'Structure model' 
_pdbx_audit_revision_history.major_revision      1 
_pdbx_audit_revision_history.minor_revision      0 
_pdbx_audit_revision_history.revision_date       2024-03-20 
# 
_pdbx_audit_revision_details.ordinal             1 
_pdbx_audit_revision_details.revision_ordinal    1 
_pdbx_audit_revision_details.data_content_type   'Structure model' 
_pdbx_audit_revision_details.provider            repository 
_pdbx_audit_revision_details.type                'Initial release' 
_pdbx_audit_revision_details.description         ? 
_pdbx_audit_revision_details.details             ? 
# 
_pdbx_database_status.status_code                     REL 
_pdbx_database_status.status_code_sf                  ? 
_pdbx_database_status.status_code_mr                  ? 
_pdbx_database_status.entry_id                        8UYO 
_pdbx_database_status.recvd_initial_deposition_date   2023-11-13 
_pdbx_database_status.SG_entry                        N 
_pdbx_database_status.deposit_site                    RCSB 
_pdbx_database_status.process_site                    RCSB 
_pdbx_database_status.status_code_cs                  ? 
_pdbx_database_status.status_code_nmr_data            ? 
_pdbx_database_status.methods_development_category    ? 
_pdbx_database_status.pdb_format_compatible           Y 
# 
_pdbx_database_related.db_name        EMDB 
_pdbx_database_related.details        'PNMA2 capsid' 
_pdbx_database_related.db_id          EMD-42812 
_pdbx_database_related.content_type   'associated EM volume' 
# 
_pdbx_contact_author.id                 2 
_pdbx_contact_author.email              zhang@broadinstitute.org 
_pdbx_contact_author.name_first         Feng 
_pdbx_contact_author.name_last          Zhang 
_pdbx_contact_author.name_mi            ? 
_pdbx_contact_author.role               'principal investigator/group leader' 
_pdbx_contact_author.identifier_ORCID   0000-0003-0178-7995 
# 
loop_
_audit_author.name 
_audit_author.pdbx_ordinal 
_audit_author.identifier_ORCID 
'Wilkinson, M.E.' 1 0000-0003-4738-9503 
'Madigan, V.'     2 ?                   
'Zhang, Y.'       3 ?                   
'Zhang, F.'       4 0000-0003-0178-7995 
# 
_citation.abstract                  ? 
_citation.abstract_id_CAS           ? 
_citation.book_id_ISBN              ? 
_citation.book_publisher            ? 
_citation.book_publisher_city       ? 
_citation.book_title                ? 
_citation.coordinate_linkage        ? 
_citation.country                   US 
_citation.database_id_Medline       ? 
_citation.details                   ? 
_citation.id                        primary 
_citation.journal_abbrev            Proc.Natl.Acad.Sci.USA 
_citation.journal_id_ASTM           PNASA6 
_citation.journal_id_CSD            0040 
_citation.journal_id_ISSN           1091-6490 
_citation.journal_full              ? 
_citation.journal_issue             ? 
_citation.journal_volume            121 
_citation.language                  ? 
_citation.page_first                e2307812120 
_citation.page_last                 e2307812120 
_citation.title                     
'Human paraneoplastic antigen Ma2 (PNMA2) forms icosahedral capsids that can be engineered for mRNA delivery.' 
_citation.year                      2024 
_citation.database_id_CSD           ? 
_citation.pdbx_database_id_DOI      10.1073/pnas.2307812120 
_citation.pdbx_database_id_PubMed   38437549 
_citation.pdbx_database_id_patent   ? 
_citation.unpublished_flag          ? 
# 
loop_
_citation_author.citation_id 
_citation_author.name 
_citation_author.ordinal 
_citation_author.identifier_ORCID 
primary 'Madigan, V.'     1  ?                   
primary 'Zhang, Y.'       2  0000-0002-1141-5821 
primary 'Raghavan, R.'    3  ?                   
primary 'Wilkinson, M.E.' 4  0000-0003-4738-9503 
primary 'Faure, G.'       5  0000-0001-9537-2277 
primary 'Puccio, E.'      6  ?                   
primary 'Segel, M.'       7  ?                   
primary 'Lash, B.'        8  ?                   
primary 'Macrae, R.K.'    9  0000-0002-7850-9056 
primary 'Zhang, F.'       10 0000-0002-7444-1103 
# 
_entity.id                         1 
_entity.type                       polymer 
_entity.src_method                 man 
_entity.pdbx_description           'Paraneoplastic antigen Ma2' 
_entity.formula_weight             41557.289 
_entity.pdbx_number_of_molecules   1 
_entity.pdbx_ec                    ? 
_entity.pdbx_mutation              ? 
_entity.pdbx_fragment              ? 
_entity.details                    ? 
# 
_entity_name_com.entity_id   1 
_entity_name_com.name        '40 kDa neuronal protein,Onconeuronal antigen Ma2,Paraneoplastic neuronal antigen MM2' 
# 
_entity_poly.entity_id                      1 
_entity_poly.type                           'polypeptide(L)' 
_entity_poly.nstd_linkage                   no 
_entity_poly.nstd_monomer                   no 
_entity_poly.pdbx_seq_one_letter_code       
;MALALLEDWCRIMSVDEQKSLMVTGIPADFEEAEIQEVLQETLKSLGRYRLLGKIFRKQENANAVLLELLEDTDVSAIPS
EVQGKGGVWKVIFKTPNQDTEFLERLNLFLEKEGQTVSGMFRALGQEGVSPATVPCISPELLAHLLGQAMAHAPQPLLPM
RYRKLRVFSGSAVPAPEEESFEVWLEQATEIVKEWPVTEAEKKRWLAESLRGPALDLMHIVQADNPSISVEECLEAFKQV
FGSLESRRTAQVRYLKTYQEEGEKVSAYVLRLETLLRRAVEKRAIPRRIADQVRLEQVMAGATLNQMLWCRLRELKDQGP
PPSFLELMKVIREEEEEEASFENESIEEPEERDGYGRWNHEGDD
;
_entity_poly.pdbx_seq_one_letter_code_can   
;MALALLEDWCRIMSVDEQKSLMVTGIPADFEEAEIQEVLQETLKSLGRYRLLGKIFRKQENANAVLLELLEDTDVSAIPS
EVQGKGGVWKVIFKTPNQDTEFLERLNLFLEKEGQTVSGMFRALGQEGVSPATVPCISPELLAHLLGQAMAHAPQPLLPM
RYRKLRVFSGSAVPAPEEESFEVWLEQATEIVKEWPVTEAEKKRWLAESLRGPALDLMHIVQADNPSISVEECLEAFKQV
FGSLESRRTAQVRYLKTYQEEGEKVSAYVLRLETLLRRAVEKRAIPRRIADQVRLEQVMAGATLNQMLWCRLRELKDQGP
PPSFLELMKVIREEEEEEASFENESIEEPEERDGYGRWNHEGDD
;
_entity_poly.pdbx_strand_id                 1 
_entity_poly.pdbx_target_identifier         ? 
# 
loop_
_entity_poly_seq.entity_id 
_entity_poly_seq.num 
_entity_poly_seq.mon_id 
_entity_poly_seq.hetero 
1 1   MET n 
1 2   ALA n 
1 3   LEU n 
1 4   ALA n 
1 5   LEU n 
1 6   LEU n 
1 7   GLU n 
1 8   ASP n 
1 9   TRP n 
1 10  CYS n 
1 11  ARG n 
1 12  ILE n 
1 13  MET n 
1 14  SER n 
1 15  VAL n 
1 16  ASP n 
1 17  GLU n 
1 18  GLN n 
1 19  LYS n 
1 20  SER n 
1 21  LEU n 
1 22  MET n 
1 23  VAL n 
1 24  THR n 
1 25  GLY n 
1 26  ILE n 
1 27  PRO n 
1 28  ALA n 
1 29  ASP n 
1 30  PHE n 
1 31  GLU n 
1 32  GLU n 
1 33  ALA n 
1 34  GLU n 
1 35  ILE n 
1 36  GLN n 
1 37  GLU n 
1 38  VAL n 
1 39  LEU n 
1 40  GLN n 
1 41  GLU n 
1 42  THR n 
1 43  LEU n 
1 44  LYS n 
1 45  SER n 
1 46  LEU n 
1 47  GLY n 
1 48  ARG n 
1 49  TYR n 
1 50  ARG n 
1 51  LEU n 
1 52  LEU n 
1 53  GLY n 
1 54  LYS n 
1 55  ILE n 
1 56  PHE n 
1 57  ARG n 
1 58  LYS n 
1 59  GLN n 
1 60  GLU n 
1 61  ASN n 
1 62  ALA n 
1 63  ASN n 
1 64  ALA n 
1 65  VAL n 
1 66  LEU n 
1 67  LEU n 
1 68  GLU n 
1 69  LEU n 
1 70  LEU n 
1 71  GLU n 
1 72  ASP n 
1 73  THR n 
1 74  ASP n 
1 75  VAL n 
1 76  SER n 
1 77  ALA n 
1 78  ILE n 
1 79  PRO n 
1 80  SER n 
1 81  GLU n 
1 82  VAL n 
1 83  GLN n 
1 84  GLY n 
1 85  LYS n 
1 86  GLY n 
1 87  GLY n 
1 88  VAL n 
1 89  TRP n 
1 90  LYS n 
1 91  VAL n 
1 92  ILE n 
1 93  PHE n 
1 94  LYS n 
1 95  THR n 
1 96  PRO n 
1 97  ASN n 
1 98  GLN n 
1 99  ASP n 
1 100 THR n 
1 101 GLU n 
1 102 PHE n 
1 103 LEU n 
1 104 GLU n 
1 105 ARG n 
1 106 LEU n 
1 107 ASN n 
1 108 LEU n 
1 109 PHE n 
1 110 LEU n 
1 111 GLU n 
1 112 LYS n 
1 113 GLU n 
1 114 GLY n 
1 115 GLN n 
1 116 THR n 
1 117 VAL n 
1 118 SER n 
1 119 GLY n 
1 120 MET n 
1 121 PHE n 
1 122 ARG n 
1 123 ALA n 
1 124 LEU n 
1 125 GLY n 
1 126 GLN n 
1 127 GLU n 
1 128 GLY n 
1 129 VAL n 
1 130 SER n 
1 131 PRO n 
1 132 ALA n 
1 133 THR n 
1 134 VAL n 
1 135 PRO n 
1 136 CYS n 
1 137 ILE n 
1 138 SER n 
1 139 PRO n 
1 140 GLU n 
1 141 LEU n 
1 142 LEU n 
1 143 ALA n 
1 144 HIS n 
1 145 LEU n 
1 146 LEU n 
1 147 GLY n 
1 148 GLN n 
1 149 ALA n 
1 150 MET n 
1 151 ALA n 
1 152 HIS n 
1 153 ALA n 
1 154 PRO n 
1 155 GLN n 
1 156 PRO n 
1 157 LEU n 
1 158 LEU n 
1 159 PRO n 
1 160 MET n 
1 161 ARG n 
1 162 TYR n 
1 163 ARG n 
1 164 LYS n 
1 165 LEU n 
1 166 ARG n 
1 167 VAL n 
1 168 PHE n 
1 169 SER n 
1 170 GLY n 
1 171 SER n 
1 172 ALA n 
1 173 VAL n 
1 174 PRO n 
1 175 ALA n 
1 176 PRO n 
1 177 GLU n 
1 178 GLU n 
1 179 GLU n 
1 180 SER n 
1 181 PHE n 
1 182 GLU n 
1 183 VAL n 
1 184 TRP n 
1 185 LEU n 
1 186 GLU n 
1 187 GLN n 
1 188 ALA n 
1 189 THR n 
1 190 GLU n 
1 191 ILE n 
1 192 VAL n 
1 193 LYS n 
1 194 GLU n 
1 195 TRP n 
1 196 PRO n 
1 197 VAL n 
1 198 THR n 
1 199 GLU n 
1 200 ALA n 
1 201 GLU n 
1 202 LYS n 
1 203 LYS n 
1 204 ARG n 
1 205 TRP n 
1 206 LEU n 
1 207 ALA n 
1 208 GLU n 
1 209 SER n 
1 210 LEU n 
1 211 ARG n 
1 212 GLY n 
1 213 PRO n 
1 214 ALA n 
1 215 LEU n 
1 216 ASP n 
1 217 LEU n 
1 218 MET n 
1 219 HIS n 
1 220 ILE n 
1 221 VAL n 
1 222 GLN n 
1 223 ALA n 
1 224 ASP n 
1 225 ASN n 
1 226 PRO n 
1 227 SER n 
1 228 ILE n 
1 229 SER n 
1 230 VAL n 
1 231 GLU n 
1 232 GLU n 
1 233 CYS n 
1 234 LEU n 
1 235 GLU n 
1 236 ALA n 
1 237 PHE n 
1 238 LYS n 
1 239 GLN n 
1 240 VAL n 
1 241 PHE n 
1 242 GLY n 
1 243 SER n 
1 244 LEU n 
1 245 GLU n 
1 246 SER n 
1 247 ARG n 
1 248 ARG n 
1 249 THR n 
1 250 ALA n 
1 251 GLN n 
1 252 VAL n 
1 253 ARG n 
1 254 TYR n 
1 255 LEU n 
1 256 LYS n 
1 257 THR n 
1 258 TYR n 
1 259 GLN n 
1 260 GLU n 
1 261 GLU n 
1 262 GLY n 
1 263 GLU n 
1 264 LYS n 
1 265 VAL n 
1 266 SER n 
1 267 ALA n 
1 268 TYR n 
1 269 VAL n 
1 270 LEU n 
1 271 ARG n 
1 272 LEU n 
1 273 GLU n 
1 274 THR n 
1 275 LEU n 
1 276 LEU n 
1 277 ARG n 
1 278 ARG n 
1 279 ALA n 
1 280 VAL n 
1 281 GLU n 
1 282 LYS n 
1 283 ARG n 
1 284 ALA n 
1 285 ILE n 
1 286 PRO n 
1 287 ARG n 
1 288 ARG n 
1 289 ILE n 
1 290 ALA n 
1 291 ASP n 
1 292 GLN n 
1 293 VAL n 
1 294 ARG n 
1 295 LEU n 
1 296 GLU n 
1 297 GLN n 
1 298 VAL n 
1 299 MET n 
1 300 ALA n 
1 301 GLY n 
1 302 ALA n 
1 303 THR n 
1 304 LEU n 
1 305 ASN n 
1 306 GLN n 
1 307 MET n 
1 308 LEU n 
1 309 TRP n 
1 310 CYS n 
1 311 ARG n 
1 312 LEU n 
1 313 ARG n 
1 314 GLU n 
1 315 LEU n 
1 316 LYS n 
1 317 ASP n 
1 318 GLN n 
1 319 GLY n 
1 320 PRO n 
1 321 PRO n 
1 322 PRO n 
1 323 SER n 
1 324 PHE n 
1 325 LEU n 
1 326 GLU n 
1 327 LEU n 
1 328 MET n 
1 329 LYS n 
1 330 VAL n 
1 331 ILE n 
1 332 ARG n 
1 333 GLU n 
1 334 GLU n 
1 335 GLU n 
1 336 GLU n 
1 337 GLU n 
1 338 GLU n 
1 339 ALA n 
1 340 SER n 
1 341 PHE n 
1 342 GLU n 
1 343 ASN n 
1 344 GLU n 
1 345 SER n 
1 346 ILE n 
1 347 GLU n 
1 348 GLU n 
1 349 PRO n 
1 350 GLU n 
1 351 GLU n 
1 352 ARG n 
1 353 ASP n 
1 354 GLY n 
1 355 TYR n 
1 356 GLY n 
1 357 ARG n 
1 358 TRP n 
1 359 ASN n 
1 360 HIS n 
1 361 GLU n 
1 362 GLY n 
1 363 ASP n 
1 364 ASP n 
# 
_entity_src_gen.entity_id                          1 
_entity_src_gen.pdbx_src_id                        1 
_entity_src_gen.pdbx_alt_source_flag               sample 
_entity_src_gen.pdbx_seq_type                      'Biological sequence' 
_entity_src_gen.pdbx_beg_seq_num                   1 
_entity_src_gen.pdbx_end_seq_num                   364 
_entity_src_gen.gene_src_common_name               human 
_entity_src_gen.gene_src_genus                     ? 
_entity_src_gen.pdbx_gene_src_gene                 'PNMA2, KIAA0883, MA2' 
_entity_src_gen.gene_src_species                   ? 
_entity_src_gen.gene_src_strain                    ? 
_entity_src_gen.gene_src_tissue                    ? 
_entity_src_gen.gene_src_tissue_fraction           ? 
_entity_src_gen.gene_src_details                   ? 
_entity_src_gen.pdbx_gene_src_fragment             ? 
_entity_src_gen.pdbx_gene_src_scientific_name      'Homo sapiens' 
_entity_src_gen.pdbx_gene_src_ncbi_taxonomy_id     9606 
_entity_src_gen.pdbx_gene_src_variant              ? 
_entity_src_gen.pdbx_gene_src_cell_line            ? 
_entity_src_gen.pdbx_gene_src_atcc                 ? 
_entity_src_gen.pdbx_gene_src_organ                ? 
_entity_src_gen.pdbx_gene_src_organelle            ? 
_entity_src_gen.pdbx_gene_src_cell                 ? 
_entity_src_gen.pdbx_gene_src_cellular_location    ? 
_entity_src_gen.host_org_common_name               ? 
_entity_src_gen.pdbx_host_org_scientific_name      'Escherichia coli' 
_entity_src_gen.pdbx_host_org_ncbi_taxonomy_id     562 
_entity_src_gen.host_org_genus                     ? 
_entity_src_gen.pdbx_host_org_gene                 ? 
_entity_src_gen.pdbx_host_org_organ                ? 
_entity_src_gen.host_org_species                   ? 
_entity_src_gen.pdbx_host_org_tissue               ? 
_entity_src_gen.pdbx_host_org_tissue_fraction      ? 
_entity_src_gen.pdbx_host_org_strain               'Rosetta 2 (DE3) pLysS' 
_entity_src_gen.pdbx_host_org_variant              ? 
_entity_src_gen.pdbx_host_org_cell_line            ? 
_entity_src_gen.pdbx_host_org_atcc                 ? 
_entity_src_gen.pdbx_host_org_culture_collection   ? 
_entity_src_gen.pdbx_host_org_cell                 ? 
_entity_src_gen.pdbx_host_org_organelle            ? 
_entity_src_gen.pdbx_host_org_cellular_location    ? 
_entity_src_gen.pdbx_host_org_vector_type          ? 
_entity_src_gen.pdbx_host_org_vector               ? 
_entity_src_gen.host_org_details                   ? 
_entity_src_gen.expression_system_id               ? 
_entity_src_gen.plasmid_name                       ? 
_entity_src_gen.plasmid_details                    ? 
_entity_src_gen.pdbx_description                   ? 
# 
loop_
_chem_comp.id 
_chem_comp.type 
_chem_comp.mon_nstd_flag 
_chem_comp.name 
_chem_comp.pdbx_synonyms 
_chem_comp.formula 
_chem_comp.formula_weight 
ALA 'L-peptide linking' y ALANINE         ? 'C3 H7 N O2'     89.093  
ARG 'L-peptide linking' y ARGININE        ? 'C6 H15 N4 O2 1' 175.209 
ASN 'L-peptide linking' y ASPARAGINE      ? 'C4 H8 N2 O3'    132.118 
ASP 'L-peptide linking' y 'ASPARTIC ACID' ? 'C4 H7 N O4'     133.103 
CYS 'L-peptide linking' y CYSTEINE        ? 'C3 H7 N O2 S'   121.158 
GLN 'L-peptide linking' y GLUTAMINE       ? 'C5 H10 N2 O3'   146.144 
GLU 'L-peptide linking' y 'GLUTAMIC ACID' ? 'C5 H9 N O4'     147.129 
GLY 'peptide linking'   y GLYCINE         ? 'C2 H5 N O2'     75.067  
HIS 'L-peptide linking' y HISTIDINE       ? 'C6 H10 N3 O2 1' 156.162 
ILE 'L-peptide linking' y ISOLEUCINE      ? 'C6 H13 N O2'    131.173 
LEU 'L-peptide linking' y LEUCINE         ? 'C6 H13 N O2'    131.173 
LYS 'L-peptide linking' y LYSINE          ? 'C6 H15 N2 O2 1' 147.195 
MET 'L-peptide linking' y METHIONINE      ? 'C5 H11 N O2 S'  149.211 
PHE 'L-peptide linking' y PHENYLALANINE   ? 'C9 H11 N O2'    165.189 
PRO 'L-peptide linking' y PROLINE         ? 'C5 H9 N O2'     115.130 
SER 'L-peptide linking' y SERINE          ? 'C3 H7 N O3'     105.093 
THR 'L-peptide linking' y THREONINE       ? 'C4 H9 N O3'     119.119 
TRP 'L-peptide linking' y TRYPTOPHAN      ? 'C11 H12 N2 O2'  204.225 
TYR 'L-peptide linking' y TYROSINE        ? 'C9 H11 N O3'    181.189 
VAL 'L-peptide linking' y VALINE          ? 'C5 H11 N O2'    117.146 
# 
loop_
_pdbx_poly_seq_scheme.asym_id 
_pdbx_poly_seq_scheme.entity_id 
_pdbx_poly_seq_scheme.seq_id 
_pdbx_poly_seq_scheme.mon_id 
_pdbx_poly_seq_scheme.ndb_seq_num 
_pdbx_poly_seq_scheme.pdb_seq_num 
_pdbx_poly_seq_scheme.auth_seq_num 
_pdbx_poly_seq_scheme.pdb_mon_id 
_pdbx_poly_seq_scheme.auth_mon_id 
_pdbx_poly_seq_scheme.pdb_strand_id 
_pdbx_poly_seq_scheme.pdb_ins_code 
_pdbx_poly_seq_scheme.hetero 
A 1 1   MET 1   1   ?   ?   ?   1 . n 
A 1 2   ALA 2   2   ?   ?   ?   1 . n 
A 1 3   LEU 3   3   ?   ?   ?   1 . n 
A 1 4   ALA 4   4   ?   ?   ?   1 . n 
A 1 5   LEU 5   5   ?   ?   ?   1 . n 
A 1 6   LEU 6   6   ?   ?   ?   1 . n 
A 1 7   GLU 7   7   ?   ?   ?   1 . n 
A 1 8   ASP 8   8   ?   ?   ?   1 . n 
A 1 9   TRP 9   9   ?   ?   ?   1 . n 
A 1 10  CYS 10  10  ?   ?   ?   1 . n 
A 1 11  ARG 11  11  ?   ?   ?   1 . n 
A 1 12  ILE 12  12  ?   ?   ?   1 . n 
A 1 13  MET 13  13  ?   ?   ?   1 . n 
A 1 14  SER 14  14  ?   ?   ?   1 . n 
A 1 15  VAL 15  15  ?   ?   ?   1 . n 
A 1 16  ASP 16  16  ?   ?   ?   1 . n 
A 1 17  GLU 17  17  ?   ?   ?   1 . n 
A 1 18  GLN 18  18  ?   ?   ?   1 . n 
A 1 19  LYS 19  19  ?   ?   ?   1 . n 
A 1 20  SER 20  20  ?   ?   ?   1 . n 
A 1 21  LEU 21  21  ?   ?   ?   1 . n 
A 1 22  MET 22  22  ?   ?   ?   1 . n 
A 1 23  VAL 23  23  ?   ?   ?   1 . n 
A 1 24  THR 24  24  ?   ?   ?   1 . n 
A 1 25  GLY 25  25  ?   ?   ?   1 . n 
A 1 26  ILE 26  26  ?   ?   ?   1 . n 
A 1 27  PRO 27  27  ?   ?   ?   1 . n 
A 1 28  ALA 28  28  ?   ?   ?   1 . n 
A 1 29  ASP 29  29  ?   ?   ?   1 . n 
A 1 30  PHE 30  30  ?   ?   ?   1 . n 
A 1 31  GLU 31  31  ?   ?   ?   1 . n 
A 1 32  GLU 32  32  ?   ?   ?   1 . n 
A 1 33  ALA 33  33  ?   ?   ?   1 . n 
A 1 34  GLU 34  34  ?   ?   ?   1 . n 
A 1 35  ILE 35  35  ?   ?   ?   1 . n 
A 1 36  GLN 36  36  ?   ?   ?   1 . n 
A 1 37  GLU 37  37  ?   ?   ?   1 . n 
A 1 38  VAL 38  38  ?   ?   ?   1 . n 
A 1 39  LEU 39  39  ?   ?   ?   1 . n 
A 1 40  GLN 40  40  ?   ?   ?   1 . n 
A 1 41  GLU 41  41  ?   ?   ?   1 . n 
A 1 42  THR 42  42  ?   ?   ?   1 . n 
A 1 43  LEU 43  43  ?   ?   ?   1 . n 
A 1 44  LYS 44  44  ?   ?   ?   1 . n 
A 1 45  SER 45  45  ?   ?   ?   1 . n 
A 1 46  LEU 46  46  ?   ?   ?   1 . n 
A 1 47  GLY 47  47  ?   ?   ?   1 . n 
A 1 48  ARG 48  48  ?   ?   ?   1 . n 
A 1 49  TYR 49  49  ?   ?   ?   1 . n 
A 1 50  ARG 50  50  ?   ?   ?   1 . n 
A 1 51  LEU 51  51  ?   ?   ?   1 . n 
A 1 52  LEU 52  52  ?   ?   ?   1 . n 
A 1 53  GLY 53  53  ?   ?   ?   1 . n 
A 1 54  LYS 54  54  ?   ?   ?   1 . n 
A 1 55  ILE 55  55  ?   ?   ?   1 . n 
A 1 56  PHE 56  56  ?   ?   ?   1 . n 
A 1 57  ARG 57  57  ?   ?   ?   1 . n 
A 1 58  LYS 58  58  ?   ?   ?   1 . n 
A 1 59  GLN 59  59  ?   ?   ?   1 . n 
A 1 60  GLU 60  60  ?   ?   ?   1 . n 
A 1 61  ASN 61  61  ?   ?   ?   1 . n 
A 1 62  ALA 62  62  ?   ?   ?   1 . n 
A 1 63  ASN 63  63  ?   ?   ?   1 . n 
A 1 64  ALA 64  64  ?   ?   ?   1 . n 
A 1 65  VAL 65  65  ?   ?   ?   1 . n 
A 1 66  LEU 66  66  ?   ?   ?   1 . n 
A 1 67  LEU 67  67  ?   ?   ?   1 . n 
A 1 68  GLU 68  68  ?   ?   ?   1 . n 
A 1 69  LEU 69  69  ?   ?   ?   1 . n 
A 1 70  LEU 70  70  ?   ?   ?   1 . n 
A 1 71  GLU 71  71  ?   ?   ?   1 . n 
A 1 72  ASP 72  72  ?   ?   ?   1 . n 
A 1 73  THR 73  73  ?   ?   ?   1 . n 
A 1 74  ASP 74  74  ?   ?   ?   1 . n 
A 1 75  VAL 75  75  ?   ?   ?   1 . n 
A 1 76  SER 76  76  ?   ?   ?   1 . n 
A 1 77  ALA 77  77  ?   ?   ?   1 . n 
A 1 78  ILE 78  78  ?   ?   ?   1 . n 
A 1 79  PRO 79  79  ?   ?   ?   1 . n 
A 1 80  SER 80  80  ?   ?   ?   1 . n 
A 1 81  GLU 81  81  ?   ?   ?   1 . n 
A 1 82  VAL 82  82  ?   ?   ?   1 . n 
A 1 83  GLN 83  83  ?   ?   ?   1 . n 
A 1 84  GLY 84  84  ?   ?   ?   1 . n 
A 1 85  LYS 85  85  ?   ?   ?   1 . n 
A 1 86  GLY 86  86  ?   ?   ?   1 . n 
A 1 87  GLY 87  87  ?   ?   ?   1 . n 
A 1 88  VAL 88  88  ?   ?   ?   1 . n 
A 1 89  TRP 89  89  ?   ?   ?   1 . n 
A 1 90  LYS 90  90  ?   ?   ?   1 . n 
A 1 91  VAL 91  91  ?   ?   ?   1 . n 
A 1 92  ILE 92  92  ?   ?   ?   1 . n 
A 1 93  PHE 93  93  ?   ?   ?   1 . n 
A 1 94  LYS 94  94  ?   ?   ?   1 . n 
A 1 95  THR 95  95  ?   ?   ?   1 . n 
A 1 96  PRO 96  96  ?   ?   ?   1 . n 
A 1 97  ASN 97  97  ?   ?   ?   1 . n 
A 1 98  GLN 98  98  ?   ?   ?   1 . n 
A 1 99  ASP 99  99  ?   ?   ?   1 . n 
A 1 100 THR 100 100 ?   ?   ?   1 . n 
A 1 101 GLU 101 101 ?   ?   ?   1 . n 
A 1 102 PHE 102 102 ?   ?   ?   1 . n 
A 1 103 LEU 103 103 ?   ?   ?   1 . n 
A 1 104 GLU 104 104 ?   ?   ?   1 . n 
A 1 105 ARG 105 105 ?   ?   ?   1 . n 
A 1 106 LEU 106 106 ?   ?   ?   1 . n 
A 1 107 ASN 107 107 ?   ?   ?   1 . n 
A 1 108 LEU 108 108 ?   ?   ?   1 . n 
A 1 109 PHE 109 109 ?   ?   ?   1 . n 
A 1 110 LEU 110 110 ?   ?   ?   1 . n 
A 1 111 GLU 111 111 ?   ?   ?   1 . n 
A 1 112 LYS 112 112 ?   ?   ?   1 . n 
A 1 113 GLU 113 113 ?   ?   ?   1 . n 
A 1 114 GLY 114 114 ?   ?   ?   1 . n 
A 1 115 GLN 115 115 ?   ?   ?   1 . n 
A 1 116 THR 116 116 ?   ?   ?   1 . n 
A 1 117 VAL 117 117 ?   ?   ?   1 . n 
A 1 118 SER 118 118 ?   ?   ?   1 . n 
A 1 119 GLY 119 119 ?   ?   ?   1 . n 
A 1 120 MET 120 120 ?   ?   ?   1 . n 
A 1 121 PHE 121 121 ?   ?   ?   1 . n 
A 1 122 ARG 122 122 ?   ?   ?   1 . n 
A 1 123 ALA 123 123 ?   ?   ?   1 . n 
A 1 124 LEU 124 124 ?   ?   ?   1 . n 
A 1 125 GLY 125 125 ?   ?   ?   1 . n 
A 1 126 GLN 126 126 ?   ?   ?   1 . n 
A 1 127 GLU 127 127 ?   ?   ?   1 . n 
A 1 128 GLY 128 128 ?   ?   ?   1 . n 
A 1 129 VAL 129 129 ?   ?   ?   1 . n 
A 1 130 SER 130 130 ?   ?   ?   1 . n 
A 1 131 PRO 131 131 ?   ?   ?   1 . n 
A 1 132 ALA 132 132 ?   ?   ?   1 . n 
A 1 133 THR 133 133 ?   ?   ?   1 . n 
A 1 134 VAL 134 134 ?   ?   ?   1 . n 
A 1 135 PRO 135 135 ?   ?   ?   1 . n 
A 1 136 CYS 136 136 ?   ?   ?   1 . n 
A 1 137 ILE 137 137 ?   ?   ?   1 . n 
A 1 138 SER 138 138 ?   ?   ?   1 . n 
A 1 139 PRO 139 139 ?   ?   ?   1 . n 
A 1 140 GLU 140 140 ?   ?   ?   1 . n 
A 1 141 LEU 141 141 ?   ?   ?   1 . n 
A 1 142 LEU 142 142 ?   ?   ?   1 . n 
A 1 143 ALA 143 143 ?   ?   ?   1 . n 
A 1 144 HIS 144 144 ?   ?   ?   1 . n 
A 1 145 LEU 145 145 ?   ?   ?   1 . n 
A 1 146 LEU 146 146 ?   ?   ?   1 . n 
A 1 147 GLY 147 147 ?   ?   ?   1 . n 
A 1 148 GLN 148 148 ?   ?   ?   1 . n 
A 1 149 ALA 149 149 ?   ?   ?   1 . n 
A 1 150 MET 150 150 ?   ?   ?   1 . n 
A 1 151 ALA 151 151 ?   ?   ?   1 . n 
A 1 152 HIS 152 152 ?   ?   ?   1 . n 
A 1 153 ALA 153 153 ?   ?   ?   1 . n 
A 1 154 PRO 154 154 ?   ?   ?   1 . n 
A 1 155 GLN 155 155 ?   ?   ?   1 . n 
A 1 156 PRO 156 156 ?   ?   ?   1 . n 
A 1 157 LEU 157 157 ?   ?   ?   1 . n 
A 1 158 LEU 158 158 158 LEU LEU 1 . n 
A 1 159 PRO 159 159 159 PRO PRO 1 . n 
A 1 160 MET 160 160 160 MET MET 1 . n 
A 1 161 ARG 161 161 161 ARG ARG 1 . n 
A 1 162 TYR 162 162 162 TYR TYR 1 . n 
A 1 163 ARG 163 163 163 ARG ARG 1 . n 
A 1 164 LYS 164 164 164 LYS LYS 1 . n 
A 1 165 LEU 165 165 165 LEU LEU 1 . n 
A 1 166 ARG 166 166 166 ARG ARG 1 . n 
A 1 167 VAL 167 167 167 VAL VAL 1 . n 
A 1 168 PHE 168 168 168 PHE PHE 1 . n 
A 1 169 SER 169 169 169 SER SER 1 . n 
A 1 170 GLY 170 170 170 GLY GLY 1 . n 
A 1 171 SER 171 171 171 SER SER 1 . n 
A 1 172 ALA 172 172 172 ALA ALA 1 . n 
A 1 173 VAL 173 173 173 VAL VAL 1 . n 
A 1 174 PRO 174 174 174 PRO PRO 1 . n 
A 1 175 ALA 175 175 175 ALA ALA 1 . n 
A 1 176 PRO 176 176 176 PRO PRO 1 . n 
A 1 177 GLU 177 177 177 GLU GLU 1 . n 
A 1 178 GLU 178 178 178 GLU GLU 1 . n 
A 1 179 GLU 179 179 179 GLU GLU 1 . n 
A 1 180 SER 180 180 180 SER SER 1 . n 
A 1 181 PHE 181 181 181 PHE PHE 1 . n 
A 1 182 GLU 182 182 182 GLU GLU 1 . n 
A 1 183 VAL 183 183 183 VAL VAL 1 . n 
A 1 184 TRP 184 184 184 TRP TRP 1 . n 
A 1 185 LEU 185 185 185 LEU LEU 1 . n 
A 1 186 GLU 186 186 186 GLU GLU 1 . n 
A 1 187 GLN 187 187 187 GLN GLN 1 . n 
A 1 188 ALA 188 188 188 ALA ALA 1 . n 
A 1 189 THR 189 189 189 THR THR 1 . n 
A 1 190 GLU 190 190 190 GLU GLU 1 . n 
A 1 191 ILE 191 191 191 ILE ILE 1 . n 
A 1 192 VAL 192 192 192 VAL VAL 1 . n 
A 1 193 LYS 193 193 193 LYS LYS 1 . n 
A 1 194 GLU 194 194 194 GLU GLU 1 . n 
A 1 195 TRP 195 195 195 TRP TRP 1 . n 
A 1 196 PRO 196 196 196 PRO PRO 1 . n 
A 1 197 VAL 197 197 197 VAL VAL 1 . n 
A 1 198 THR 198 198 198 THR THR 1 . n 
A 1 199 GLU 199 199 199 GLU GLU 1 . n 
A 1 200 ALA 200 200 200 ALA ALA 1 . n 
A 1 201 GLU 201 201 201 GLU GLU 1 . n 
A 1 202 LYS 202 202 202 LYS LYS 1 . n 
A 1 203 LYS 203 203 203 LYS LYS 1 . n 
A 1 204 ARG 204 204 204 ARG ARG 1 . n 
A 1 205 TRP 205 205 205 TRP TRP 1 . n 
A 1 206 LEU 206 206 206 LEU LEU 1 . n 
A 1 207 ALA 207 207 207 ALA ALA 1 . n 
A 1 208 GLU 208 208 208 GLU GLU 1 . n 
A 1 209 SER 209 209 209 SER SER 1 . n 
A 1 210 LEU 210 210 210 LEU LEU 1 . n 
A 1 211 ARG 211 211 211 ARG ARG 1 . n 
A 1 212 GLY 212 212 212 GLY GLY 1 . n 
A 1 213 PRO 213 213 213 PRO PRO 1 . n 
A 1 214 ALA 214 214 214 ALA ALA 1 . n 
A 1 215 LEU 215 215 215 LEU LEU 1 . n 
A 1 216 ASP 216 216 216 ASP ASP 1 . n 
A 1 217 LEU 217 217 217 LEU LEU 1 . n 
A 1 218 MET 218 218 218 MET MET 1 . n 
A 1 219 HIS 219 219 219 HIS HIS 1 . n 
A 1 220 ILE 220 220 220 ILE ILE 1 . n 
A 1 221 VAL 221 221 221 VAL VAL 1 . n 
A 1 222 GLN 222 222 222 GLN GLN 1 . n 
A 1 223 ALA 223 223 223 ALA ALA 1 . n 
A 1 224 ASP 224 224 224 ASP ASP 1 . n 
A 1 225 ASN 225 225 225 ASN ASN 1 . n 
A 1 226 PRO 226 226 226 PRO PRO 1 . n 
A 1 227 SER 227 227 227 SER SER 1 . n 
A 1 228 ILE 228 228 228 ILE ILE 1 . n 
A 1 229 SER 229 229 229 SER SER 1 . n 
A 1 230 VAL 230 230 230 VAL VAL 1 . n 
A 1 231 GLU 231 231 231 GLU GLU 1 . n 
A 1 232 GLU 232 232 232 GLU GLU 1 . n 
A 1 233 CYS 233 233 233 CYS CYS 1 . n 
A 1 234 LEU 234 234 234 LEU LEU 1 . n 
A 1 235 GLU 235 235 235 GLU GLU 1 . n 
A 1 236 ALA 236 236 236 ALA ALA 1 . n 
A 1 237 PHE 237 237 237 PHE PHE 1 . n 
A 1 238 LYS 238 238 238 LYS LYS 1 . n 
A 1 239 GLN 239 239 239 GLN GLN 1 . n 
A 1 240 VAL 240 240 240 VAL VAL 1 . n 
A 1 241 PHE 241 241 241 PHE PHE 1 . n 
A 1 242 GLY 242 242 242 GLY GLY 1 . n 
A 1 243 SER 243 243 243 SER SER 1 . n 
A 1 244 LEU 244 244 244 LEU LEU 1 . n 
A 1 245 GLU 245 245 245 GLU GLU 1 . n 
A 1 246 SER 246 246 246 SER SER 1 . n 
A 1 247 ARG 247 247 247 ARG ARG 1 . n 
A 1 248 ARG 248 248 248 ARG ARG 1 . n 
A 1 249 THR 249 249 249 THR THR 1 . n 
A 1 250 ALA 250 250 250 ALA ALA 1 . n 
A 1 251 GLN 251 251 251 GLN GLN 1 . n 
A 1 252 VAL 252 252 252 VAL VAL 1 . n 
A 1 253 ARG 253 253 253 ARG ARG 1 . n 
A 1 254 TYR 254 254 254 TYR TYR 1 . n 
A 1 255 LEU 255 255 255 LEU LEU 1 . n 
A 1 256 LYS 256 256 256 LYS LYS 1 . n 
A 1 257 THR 257 257 257 THR THR 1 . n 
A 1 258 TYR 258 258 258 TYR TYR 1 . n 
A 1 259 GLN 259 259 259 GLN GLN 1 . n 
A 1 260 GLU 260 260 260 GLU GLU 1 . n 
A 1 261 GLU 261 261 261 GLU GLU 1 . n 
A 1 262 GLY 262 262 262 GLY GLY 1 . n 
A 1 263 GLU 263 263 263 GLU GLU 1 . n 
A 1 264 LYS 264 264 264 LYS LYS 1 . n 
A 1 265 VAL 265 265 265 VAL VAL 1 . n 
A 1 266 SER 266 266 266 SER SER 1 . n 
A 1 267 ALA 267 267 267 ALA ALA 1 . n 
A 1 268 TYR 268 268 268 TYR TYR 1 . n 
A 1 269 VAL 269 269 269 VAL VAL 1 . n 
A 1 270 LEU 270 270 270 LEU LEU 1 . n 
A 1 271 ARG 271 271 271 ARG ARG 1 . n 
A 1 272 LEU 272 272 272 LEU LEU 1 . n 
A 1 273 GLU 273 273 273 GLU GLU 1 . n 
A 1 274 THR 274 274 274 THR THR 1 . n 
A 1 275 LEU 275 275 275 LEU LEU 1 . n 
A 1 276 LEU 276 276 276 LEU LEU 1 . n 
A 1 277 ARG 277 277 277 ARG ARG 1 . n 
A 1 278 ARG 278 278 278 ARG ARG 1 . n 
A 1 279 ALA 279 279 279 ALA ALA 1 . n 
A 1 280 VAL 280 280 280 VAL VAL 1 . n 
A 1 281 GLU 281 281 281 GLU GLU 1 . n 
A 1 282 LYS 282 282 282 LYS LYS 1 . n 
A 1 283 ARG 283 283 283 ARG ARG 1 . n 
A 1 284 ALA 284 284 284 ALA ALA 1 . n 
A 1 285 ILE 285 285 285 ILE ILE 1 . n 
A 1 286 PRO 286 286 286 PRO PRO 1 . n 
A 1 287 ARG 287 287 287 ARG ARG 1 . n 
A 1 288 ARG 288 288 288 ARG ARG 1 . n 
A 1 289 ILE 289 289 289 ILE ILE 1 . n 
A 1 290 ALA 290 290 290 ALA ALA 1 . n 
A 1 291 ASP 291 291 291 ASP ASP 1 . n 
A 1 292 GLN 292 292 292 GLN GLN 1 . n 
A 1 293 VAL 293 293 293 VAL VAL 1 . n 
A 1 294 ARG 294 294 294 ARG ARG 1 . n 
A 1 295 LEU 295 295 295 LEU LEU 1 . n 
A 1 296 GLU 296 296 296 GLU GLU 1 . n 
A 1 297 GLN 297 297 297 GLN GLN 1 . n 
A 1 298 VAL 298 298 298 VAL VAL 1 . n 
A 1 299 MET 299 299 299 MET MET 1 . n 
A 1 300 ALA 300 300 300 ALA ALA 1 . n 
A 1 301 GLY 301 301 301 GLY GLY 1 . n 
A 1 302 ALA 302 302 302 ALA ALA 1 . n 
A 1 303 THR 303 303 303 THR THR 1 . n 
A 1 304 LEU 304 304 304 LEU LEU 1 . n 
A 1 305 ASN 305 305 305 ASN ASN 1 . n 
A 1 306 GLN 306 306 306 GLN GLN 1 . n 
A 1 307 MET 307 307 307 MET MET 1 . n 
A 1 308 LEU 308 308 308 LEU LEU 1 . n 
A 1 309 TRP 309 309 309 TRP TRP 1 . n 
A 1 310 CYS 310 310 310 CYS CYS 1 . n 
A 1 311 ARG 311 311 311 ARG ARG 1 . n 
A 1 312 LEU 312 312 312 LEU LEU 1 . n 
A 1 313 ARG 313 313 313 ARG ARG 1 . n 
A 1 314 GLU 314 314 314 GLU GLU 1 . n 
A 1 315 LEU 315 315 315 LEU LEU 1 . n 
A 1 316 LYS 316 316 316 LYS LYS 1 . n 
A 1 317 ASP 317 317 317 ASP ASP 1 . n 
A 1 318 GLN 318 318 318 GLN GLN 1 . n 
A 1 319 GLY 319 319 319 GLY GLY 1 . n 
A 1 320 PRO 320 320 320 PRO PRO 1 . n 
A 1 321 PRO 321 321 321 PRO PRO 1 . n 
A 1 322 PRO 322 322 322 PRO PRO 1 . n 
A 1 323 SER 323 323 323 SER SER 1 . n 
A 1 324 PHE 324 324 324 PHE PHE 1 . n 
A 1 325 LEU 325 325 325 LEU LEU 1 . n 
A 1 326 GLU 326 326 326 GLU GLU 1 . n 
A 1 327 LEU 327 327 327 LEU LEU 1 . n 
A 1 328 MET 328 328 328 MET MET 1 . n 
A 1 329 LYS 329 329 329 LYS LYS 1 . n 
A 1 330 VAL 330 330 330 VAL VAL 1 . n 
A 1 331 ILE 331 331 331 ILE ILE 1 . n 
A 1 332 ARG 332 332 332 ARG ARG 1 . n 
A 1 333 GLU 333 333 333 GLU GLU 1 . n 
A 1 334 GLU 334 334 334 GLU GLU 1 . n 
A 1 335 GLU 335 335 335 GLU GLU 1 . n 
A 1 336 GLU 336 336 336 GLU GLU 1 . n 
A 1 337 GLU 337 337 337 GLU GLU 1 . n 
A 1 338 GLU 338 338 338 GLU GLU 1 . n 
A 1 339 ALA 339 339 339 ALA ALA 1 . n 
A 1 340 SER 340 340 340 SER SER 1 . n 
A 1 341 PHE 341 341 ?   ?   ?   1 . n 
A 1 342 GLU 342 342 ?   ?   ?   1 . n 
A 1 343 ASN 343 343 ?   ?   ?   1 . n 
A 1 344 GLU 344 344 ?   ?   ?   1 . n 
A 1 345 SER 345 345 ?   ?   ?   1 . n 
A 1 346 ILE 346 346 ?   ?   ?   1 . n 
A 1 347 GLU 347 347 ?   ?   ?   1 . n 
A 1 348 GLU 348 348 ?   ?   ?   1 . n 
A 1 349 PRO 349 349 ?   ?   ?   1 . n 
A 1 350 GLU 350 350 ?   ?   ?   1 . n 
A 1 351 GLU 351 351 ?   ?   ?   1 . n 
A 1 352 ARG 352 352 ?   ?   ?   1 . n 
A 1 353 ASP 353 353 ?   ?   ?   1 . n 
A 1 354 GLY 354 354 ?   ?   ?   1 . n 
A 1 355 TYR 355 355 ?   ?   ?   1 . n 
A 1 356 GLY 356 356 ?   ?   ?   1 . n 
A 1 357 ARG 357 357 ?   ?   ?   1 . n 
A 1 358 TRP 358 358 ?   ?   ?   1 . n 
A 1 359 ASN 359 359 ?   ?   ?   1 . n 
A 1 360 HIS 360 360 ?   ?   ?   1 . n 
A 1 361 GLU 361 361 ?   ?   ?   1 . n 
A 1 362 GLY 362 362 ?   ?   ?   1 . n 
A 1 363 ASP 363 363 ?   ?   ?   1 . n 
A 1 364 ASP 364 364 ?   ?   ?   1 . n 
# 
_exptl.absorpt_coefficient_mu     ? 
_exptl.absorpt_correction_T_max   ? 
_exptl.absorpt_correction_T_min   ? 
_exptl.absorpt_correction_type    ? 
_exptl.absorpt_process_details    ? 
_exptl.entry_id                   8UYO 
_exptl.crystals_number            ? 
_exptl.details                    ? 
_exptl.method                     'ELECTRON MICROSCOPY' 
_exptl.method_details             ? 
# 
_struct.entry_id                     8UYO 
_struct.title                        'Structure of a recombinant human PNMA2 capsid' 
_struct.pdbx_model_details           ? 
_struct.pdbx_formula_weight          ? 
_struct.pdbx_formula_weight_method   ? 
_struct.pdbx_model_type_details      ? 
_struct.pdbx_CASP_flag               N 
# 
_struct_keywords.entry_id        8UYO 
_struct_keywords.text            'capsid, endogenous retrovirus-like particle, paraneoplasm, antigen, VIRUS LIKE PARTICLE' 
_struct_keywords.pdbx_keywords   'VIRUS LIKE PARTICLE' 
# 
_struct_asym.id                            A 
_struct_asym.pdbx_blank_PDB_chainid_flag   N 
_struct_asym.pdbx_modified                 N 
_struct_asym.entity_id                     1 
_struct_asym.details                       ? 
# 
_struct_ref.id                         1 
_struct_ref.db_name                    UNP 
_struct_ref.db_code                    PNMA2_HUMAN 
_struct_ref.pdbx_db_accession          Q9UL42 
_struct_ref.pdbx_db_isoform            ? 
_struct_ref.entity_id                  1 
_struct_ref.pdbx_seq_one_letter_code   
;MALALLEDWCRIMSVDEQKSLMVTGIPADFEEAEIQEVLQETLKSLGRYRLLGKIFRKQENANAVLLELLEDTDVSAIPS
EVQGKGGVWKVIFKTPNQDTEFLERLNLFLEKEGQTVSGMFRALGQEGVSPATVPCISPELLAHLLGQAMAHAPQPLLPM
RYRKLRVFSGSAVPAPEEESFEVWLEQATEIVKEWPVTEAEKKRWLAESLRGPALDLMHIVQADNPSISVEECLEAFKQV
FGSLESRRTAQVRYLKTYQEEGEKVSAYVLRLETLLRRAVEKRAIPRRIADQVRLEQVMAGATLNQMLWCRLRELKDQGP
PPSFLELMKVIREEEEEEASFENESIEEPEERDGYGRWNHEGDD
;
_struct_ref.pdbx_align_begin           1 
# 
_struct_ref_seq.align_id                      1 
_struct_ref_seq.ref_id                        1 
_struct_ref_seq.pdbx_PDB_id_code              8UYO 
_struct_ref_seq.pdbx_strand_id                1 
_struct_ref_seq.seq_align_beg                 1 
_struct_ref_seq.pdbx_seq_align_beg_ins_code   ? 
_struct_ref_seq.seq_align_end                 364 
_struct_ref_seq.pdbx_seq_align_end_ins_code   ? 
_struct_ref_seq.pdbx_db_accession             Q9UL42 
_struct_ref_seq.db_align_beg                  1 
_struct_ref_seq.pdbx_db_align_beg_ins_code    ? 
_struct_ref_seq.db_align_end                  364 
_struct_ref_seq.pdbx_db_align_end_ins_code    ? 
_struct_ref_seq.pdbx_auth_seq_align_beg       1 
_struct_ref_seq.pdbx_auth_seq_align_end       364 
# 
loop_
_pdbx_struct_assembly.id 
_pdbx_struct_assembly.details 
_pdbx_struct_assembly.method_details 
_pdbx_struct_assembly.oligomeric_details 
_pdbx_struct_assembly.oligomeric_count 
1 'complete icosahedral assembly'                ? 60-meric   60 
2 'icosahedral asymmetric unit'                  ? monomeric  1  
3 'icosahedral pentamer'                         ? pentameric 5  
4 'icosahedral 23 hexamer'                       ? hexameric  6  
5 'icosahedral asymmetric unit, std point frame' ? monomeric  1  
# 
loop_
_pdbx_struct_assembly_gen.assembly_id 
_pdbx_struct_assembly_gen.oper_expression 
_pdbx_struct_assembly_gen.asym_id_list 
1 '(1-60)'           A 
2 1                  A 
3 '(1-5)'            A 
4 '(1,2,6,10,23,24)' A 
5 P                  A 
# 
_pdbx_struct_assembly_auth_evidence.id                     1 
_pdbx_struct_assembly_auth_evidence.assembly_id            1 
_pdbx_struct_assembly_auth_evidence.experimental_support   'electron microscopy' 
_pdbx_struct_assembly_auth_evidence.details                'not applicable' 
# 
loop_
_pdbx_struct_oper_list.id 
_pdbx_struct_oper_list.type 
_pdbx_struct_oper_list.name 
_pdbx_struct_oper_list.symmetry_operation 
_pdbx_struct_oper_list.matrix[1][1] 
_pdbx_struct_oper_list.matrix[1][2] 
_pdbx_struct_oper_list.matrix[1][3] 
_pdbx_struct_oper_list.vector[1] 
_pdbx_struct_oper_list.matrix[2][1] 
_pdbx_struct_oper_list.matrix[2][2] 
_pdbx_struct_oper_list.matrix[2][3] 
_pdbx_struct_oper_list.vector[2] 
_pdbx_struct_oper_list.matrix[3][1] 
_pdbx_struct_oper_list.matrix[3][2] 
_pdbx_struct_oper_list.matrix[3][3] 
_pdbx_struct_oper_list.vector[3] 
P  'transform to point frame' ?     ?     0.29656956  0.77613771  -0.55646809 0.83950    0.80068831  0.11551300  0.58783924  20.56130  0.52052350  -0.61989272 -0.58718677 86.56433  
1  'identity operation'       1_555 x,y,z 1.00000000  0.00000000  0.00000000  0.00000    0.00000000  1.00000000  0.00000000  0.00000   0.00000000  0.00000000  1.00000000  0.00000   
2  'point symmetry operation' ?     ?     0.82451131  -0.09734334 -0.55740954 15.94471   -0.45959224 0.45944408  -0.76005665 28.78273  0.33008497  0.88285639  0.33407860  1.79784   
3  'point symmetry operation' ?     ?     0.54056463  -0.61709707 -0.57182261 25.28737   -0.84097921 -0.41519376 -0.34694109 33.31226  -0.02332083 0.66843500  -0.74340486 33.07258  
4  'point symmetry operation' ?     ?     0.54056463  -0.84097920 -0.02332084 15.11674   -0.61709707 -0.41519375 0.66843501  7.32894   -0.57182260 -0.34694109 -0.74340487 50.60361  
5  'point symmetry operation' ?     ?     0.82451130  -0.45959224 0.33008496  -0.51172   -0.09734335 0.45944409  0.88285640  -13.25918 -0.55740953 -0.76005665 0.33407860  30.16362  
6  'point symmetry operation' ?     ?     -0.45811057 -0.64533746 -0.61128902 -33.42433  -0.64533747 -0.23146602 0.72798561  -6.05333  -0.61128902 0.72798560  -0.31042341 -23.23917 
7  'point symmetry operation' ?     ?     -0.28290257 -0.79158288 0.54162964  -60.40235  -0.18541094 0.59918036  0.77884896  -21.69647 -0.94105734 0.11991429  -0.31627779 -12.59068 
8  'point symmetry operation' ?     ?     0.30933279  0.14203180  0.94028730  -86.72331  -0.17116573 0.98095016  -0.09186441 -6.00650  -0.93542263 -0.13252829 0.32775103  -24.71273 
9  'point symmetry operation' ?     ?     0.50014637  0.86528282  0.03375261  -76.01253  -0.62228822 0.38625051  -0.68085822 19.33356  -0.60217188 0.31952492  0.73163710  -42.85306 
10 'point symmetry operation' ?     ?     0.02584029  0.37866186  -0.92517429 -43.07196  -0.91534247 -0.36306390 -0.17416304 19.30464  -0.40184629 0.85135175  0.33722361  -41.94235 
11 'point symmetry operation' ?     ?     0.28220355  0.18497982  0.94135202  -90.61548  0.18497982  -0.97331349 0.13580615  106.01807 0.94135202  0.13580615  -0.30889006 102.59317 
12 'point symmetry operation' ?     ?     0.45839088  0.88859589  0.01658747  -79.09920  0.64467284  -0.34529235 0.68203381  81.19705  0.61177996  -0.30194458 -0.73113251 120.95629 
13 'point symmetry operation' ?     ?     -0.02496803 0.37828318  -0.92535314 -46.18425  0.91536285  0.38074076  0.13094786  82.76390  0.40185503  -0.84376436 -0.35577272 120.70571 
14 'point symmetry operation' ?     ?     -0.49988761 -0.64072349 -0.58273991 -37.35797  0.62296543  0.20143277  -0.75586965 108.55328 0.60168634  -0.74087667 0.29845484  102.18771 
15 'point symmetry operation' ?     ?     -0.31004512 -0.76019153 0.57094732  -64.81797  0.17156390  -0.63541879 -0.75286706 122.92514 0.93511381  -0.13546881 0.32742992  90.99354  
16 'point symmetry operation' ?     ?     -0.82409298 0.46035765  -0.33006300 -123.04393 0.46035766  0.20477951  -0.86379175 102.57100 -0.33006299 -0.86379175 -0.38068652 77.48537  
17 'point symmetry operation' ?     ?     -0.99999962 0.00033033  -0.00080758 -123.52691 0.00033034  -0.71333207 -0.70082612 114.25243 -0.00080759 -0.70082610 0.71333170  46.67592  
18 'point symmetry operation' ?     ?     -0.82492938 0.09678209  0.55688845  -139.46356 0.09678209  -0.94649717 0.30785765  92.46608  0.55688844  0.30785766  0.77142655  27.77380  
19 'point symmetry operation' ?     ?     -0.54082339 0.61641987  0.57230814  -148.82997 0.61641987  -0.17248953 0.76829286  67.31995  0.57230814  0.76829286  -0.28668709 46.90111  
20 'point symmetry operation' ?     ?     -0.54030647 0.84112192  0.02414201  -138.68209 0.84112192  0.53903860  0.04417370  73.56513  0.02414200  0.04417370  -0.99873213 77.62455  
21 'point symmetry operation' ?     ?     0.80860830  0.49773032  -0.31371508 -24.72377  -0.05808530 -0.46307380 -0.88441436 105.17094 -0.58547307 0.73336702  -0.34553449 -20.54029 
22 'point symmetry operation' ?     ?     0.33440105  -0.12699875 -0.93383471 1.93129    -0.12699874 -0.98791317 0.08887570  89.32623  -0.93383470 0.08887571  -0.34648788 -9.38839  
23 'point symmetry operation' ?     ?     0.02584029  -0.91534247 -0.40184629 1.92896    0.37866186  -0.36306390 0.85135175  59.02622  -0.92517429 -0.17416304 0.33722361  -22.34296 
24 'point symmetry operation' ?     ?     0.30934649  -0.77783663 0.54706027  -24.72753  0.76009075  0.54795356  0.34929780  56.14449  -0.57146024 0.30776139  0.76073394  -41.50121 
25 'point symmetry operation' ?     ?     0.79312373  0.09549039  0.60152834  -41.19982  0.49016617  0.48614404  -0.72346466 84.66351  -0.36151334 0.86864581  0.33876622  -40.38710 
26 'point symmetry operation' ?     ?     -0.49986545 -0.86541294 -0.03456836 -47.47341  0.86608115  -0.49917045 -0.02706123 130.46861 0.00616363  -0.04346598 0.99903589  2.61939   
27 'point symmetry operation' ?     ?     -0.02581813 -0.37946918 0.92484408  -80.41472  0.93457606  -0.33753932 -0.11240465 129.86188 0.35482533  0.86143505  0.36335745  3.26270   
28 'point symmetry operation' ?     ?     0.45839088  0.64467285  0.61177996  -90.08581  0.88859589  -0.34529236 -0.30194459 134.84604 0.01658747  0.68203380  -0.73113251 34.36800  
29 'point symmetry operation' ?     ?     0.28360120  0.79168367  -0.54111673 -63.12158  0.79168368  -0.51171514 -0.33374329 138.53315 -0.54111673 -0.33374328 -0.77188606 52.94882  
30 'point symmetry operation' ?     ?     -0.30863378 -0.14160068 -0.94058196 -36.78566  0.77776880  -0.60681702 -0.16385604 135.82774 -0.54755902 -0.78212680 0.29741681  33.32709  
31 'point symmetry operation' ?     ?     0.02494587  -0.37747586 0.92568336  -77.41281  -0.93459643 0.31986246  0.15561983  -29.39469 -0.35483408 -0.86902243 -0.34480834 74.81331  
32 'point symmetry operation' ?     ?     0.49960729  0.64138810  0.58224896  -86.21562  -0.86622386 0.37532562  0.32982862  -34.81026 -0.00698479 -0.66914272 0.74310109  43.52284  
33 'point symmetry operation' ?     ?     0.30934649  0.76009075  -0.57146023 -58.74183  -0.77783664 0.54795356  0.30776140  -37.22608 0.54706026  0.34929780  0.76073394  25.48769  
34 'point symmetry operation' ?     ?     -0.28290257 -0.18541095 -0.94105734 -32.95929  -0.79158289 0.59918035  0.11991431  -33.30356 0.54162964  0.77884895  -0.31627779 45.63183  
35 'point symmetry operation' ?     ?     -0.45867182 -0.88846577 -0.01577172 -44.49860  -0.88846577 0.45821230  0.02588565  -28.46349 -0.01577171 0.02588564  -0.99954049 76.11674  
36 'point symmetry operation' ?     ?     -0.33368873 0.74515849  -0.57739992 -97.47375  0.12660058  0.64238179  0.75585577  -3.70913  0.93414353  0.17912139  -0.30869307 99.94694  
37 'point symmetry operation' ?     ?     -0.80819021 -0.13492018 -0.57325833 -82.38469  0.05864654  0.95012689  -0.30629968 18.15789  0.58599415  -0.28116803 -0.75997065 119.44222 
38 'point symmetry operation' ?     ?     -0.79357766 -0.48942113 0.36152656  -100.18505 -0.48942113 0.16040270  -0.85716856 45.88956  0.36152656  -0.85716856 -0.36682503 119.32664 
39 'point symmetry operation' ?     ?     -0.31004513 0.17156390  0.93511383  -126.27533 -0.76019154 -0.63541878 -0.13546880 41.16165  0.57094733  -0.75286704 0.32742992  99.75994  
40 'point symmetry operation' ?     ?     -0.02581813 0.93457605  0.35482534  -124.59965 -0.37946919 -0.33753932 0.86143505  10.50798  0.92484407  -0.11240464 0.36335745  87.78263  
41 'point symmetry operation' ?     ?     0.80860830  -0.05808531 -0.58547307 14.07495   0.49773032  -0.46307379 0.73336702  76.07124  -0.31371508 -0.88441435 -0.34553451 78.16110  
42 'point symmetry operation' ?     ?     0.50014638  -0.62228822 -0.60217189 24.24353   0.86528282  0.38625051  0.31952493  71.99736  0.03375260  -0.68085821 0.73163710  47.08193  
43 'point symmetry operation' ?     ?     0.49960729  -0.86622386 -0.00698480 13.22447   0.64138810  0.37532561  -0.66914273 97.48584  0.58224896  0.32982861  0.74310109  29.33851  
44 'point symmetry operation' ?     ?     0.80773604  -0.45278144 0.37755986  -3.75428   0.13546105  -0.48075066 -0.86633083 117.31248 0.57377067  0.75091129  -0.32698538 49.45165  
45 'point symmetry operation' ?     ?     0.99870917  0.04667565  0.02003444  -3.22866   0.04667565  -0.99890999 0.00046786  104.07753 0.02003445  0.00046786  -0.99979918 79.62566  
46 'point symmetry operation' ?     ?     0.02494588  -0.93459642 -0.35483409 1.00528    -0.37747586 0.31986245  -0.86902243 45.19524  0.92568336  0.15561982  -0.34480833 102.03040 
47 'point symmetry operation' ?     ?     0.33297602  -0.74509065 0.57789867  -26.13514  -0.74509066 -0.58351833 -0.32302675 46.82064  0.57789868  -0.32302675 -0.74945769 120.64941 
48 'point symmetry operation' ?     ?     0.80773605  0.13546105  0.57377067  -41.23270  -0.45278144 -0.48075065 0.75091129  17.56438  0.37755986  -0.86633083 -0.32698538 119.21885 
49 'point symmetry operation' ?     ?     0.79312373  0.49016616  -0.36151334 -23.42310  0.09549038  0.48614405  0.86864582  -2.14239  0.60152834  -0.72346465 0.33876622  99.71570  
50 'point symmetry operation' ?     ?     0.30933280  -0.17116573 -0.93542265 2.68141    0.14203180  0.98095016  -0.13252828 14.93441  0.94028729  -0.09186441 0.32775103  89.09266  
51 'point symmetry operation' ?     ?     -0.33368873 0.12660058  0.93414352  -125.42110 0.74515849  0.64238178  0.17912139  57.11343  -0.57739992 0.75585575  -0.30869305 -22.62483 
52 'point symmetry operation' ?     ?     -0.02496804 0.91536284  0.40185503  -125.41833 0.37828319  0.38074076  -0.84376437 87.80630  -0.92535314 0.13094786  -0.35577272 -10.63070 
53 'point symmetry operation' ?     ?     -0.30863379 0.77776880  -0.54755902 -98.74732  -0.14160067 -0.60681702 -0.78212682 103.27973 -0.94058196 -0.16385603 0.29741682  -22.25577 
54 'point symmetry operation' ?     ?     -0.79266955 -0.09603126 -0.60204068 -82.26652  -0.09603126 -0.95552026 0.27885304  82.14996  -0.60204068 0.27885305  0.74818981  -41.43461 
55 'point symmetry operation' ?     ?     -0.80815436 -0.49847534 0.31370186  -98.75181  0.45201604  -0.18347294 0.87293710  53.61762  -0.37758183 0.84726619  0.37359331  -41.66270 
56 'point symmetry operation' ?     ?     -0.49986544 0.86608114  0.00616364  -136.74286 -0.86541295 -0.49917045 -0.04346598 24.15582  -0.03456836 -0.02706122 0.99903590  -0.72730  
57 'point symmetry operation' ?     ?     -0.80815436 0.45201604  -0.37758183 -119.77382 -0.49847535 -0.18347294 0.84726620  -4.08857  0.31370185  0.87293710  0.37359331  -0.26128  
58 'point symmetry operation' ?     ?     -0.99870955 -0.04700599 -0.01922686 -120.32818 -0.04700599 0.71224207  0.70035825  -15.79423 -0.01922686 0.70035823  -0.71353252 30.53779  
59 'point symmetry operation' ?     ?     -0.80819022 0.05864654  0.58599416  -137.63984 -0.13492017 0.95012688  -0.28116802 5.21568   -0.57325833 -0.30629968 -0.75997065 49.10663  
60 'point symmetry operation' ?     ?     -0.49988761 0.62296542  0.60168635  -147.78467 -0.64072349 0.20143277  -0.74087668 29.90617  -0.58273990 -0.75586964 0.29845484  29.78374   
# 
loop_
_struct_conf.conf_type_id 
_struct_conf.id 
_struct_conf.pdbx_PDB_helix_id 
_struct_conf.beg_label_comp_id 
_struct_conf.beg_label_asym_id 
_struct_conf.beg_label_seq_id 
_struct_conf.pdbx_beg_PDB_ins_code 
_struct_conf.end_label_comp_id 
_struct_conf.end_label_asym_id 
_struct_conf.end_label_seq_id 
_struct_conf.pdbx_end_PDB_ins_code 
_struct_conf.beg_auth_comp_id 
_struct_conf.beg_auth_asym_id 
_struct_conf.beg_auth_seq_id 
_struct_conf.end_auth_comp_id 
_struct_conf.end_auth_asym_id 
_struct_conf.end_auth_seq_id 
_struct_conf.pdbx_PDB_helix_class 
_struct_conf.details 
_struct_conf.pdbx_PDB_helix_length 
HELX_P HELX_P1  AA1 SER A 180 ? GLU A 194 ? SER 1 180 GLU 1 194 1 ? 15 
HELX_P HELX_P2  AA2 THR A 198 ? LEU A 210 ? THR 1 198 LEU 1 210 1 ? 13 
HELX_P HELX_P3  AA3 PRO A 213 ? ASP A 224 ? PRO 1 213 ASP 1 224 1 ? 12 
HELX_P HELX_P4  AA4 SER A 229 ? GLY A 242 ? SER 1 229 GLY 1 242 1 ? 14 
HELX_P HELX_P5  AA5 SER A 246 ? LYS A 256 ? SER 1 246 LYS 1 256 1 ? 11 
HELX_P HELX_P6  AA6 LYS A 264 ? LYS A 282 ? LYS 1 264 LYS 1 282 1 ? 19 
HELX_P HELX_P7  AA7 PRO A 286 ? ARG A 288 ? PRO 1 286 ARG 1 288 5 ? 3  
HELX_P HELX_P8  AA8 ILE A 289 ? ALA A 302 ? ILE 1 289 ALA 1 302 1 ? 14 
HELX_P HELX_P9  AA9 ASN A 305 ? GLN A 318 ? ASN 1 305 GLN 1 318 1 ? 14 
HELX_P HELX_P10 AB1 SER A 323 ? GLU A 336 ? SER 1 323 GLU 1 336 1 ? 14 
# 
_struct_conf_type.id          HELX_P 
_struct_conf_type.criteria    ? 
_struct_conf_type.reference   ? 
# 
_pdbx_validate_rmsd_angle.id                         1 
_pdbx_validate_rmsd_angle.PDB_model_num              1 
_pdbx_validate_rmsd_angle.auth_atom_id_1             CG1 
_pdbx_validate_rmsd_angle.auth_asym_id_1             1 
_pdbx_validate_rmsd_angle.auth_comp_id_1             VAL 
_pdbx_validate_rmsd_angle.auth_seq_id_1              197 
_pdbx_validate_rmsd_angle.PDB_ins_code_1             ? 
_pdbx_validate_rmsd_angle.label_alt_id_1             ? 
_pdbx_validate_rmsd_angle.auth_atom_id_2             CB 
_pdbx_validate_rmsd_angle.auth_asym_id_2             1 
_pdbx_validate_rmsd_angle.auth_comp_id_2             VAL 
_pdbx_validate_rmsd_angle.auth_seq_id_2              197 
_pdbx_validate_rmsd_angle.PDB_ins_code_2             ? 
_pdbx_validate_rmsd_angle.label_alt_id_2             ? 
_pdbx_validate_rmsd_angle.auth_atom_id_3             CG2 
_pdbx_validate_rmsd_angle.auth_asym_id_3             1 
_pdbx_validate_rmsd_angle.auth_comp_id_3             VAL 
_pdbx_validate_rmsd_angle.auth_seq_id_3              197 
_pdbx_validate_rmsd_angle.PDB_ins_code_3             ? 
_pdbx_validate_rmsd_angle.label_alt_id_3             ? 
_pdbx_validate_rmsd_angle.angle_value                99.60 
_pdbx_validate_rmsd_angle.angle_target_value         110.90 
_pdbx_validate_rmsd_angle.angle_deviation            -11.30 
_pdbx_validate_rmsd_angle.angle_standard_deviation   1.60 
_pdbx_validate_rmsd_angle.linker_flag                N 
# 
loop_
_pdbx_validate_torsion.id 
_pdbx_validate_torsion.PDB_model_num 
_pdbx_validate_torsion.auth_comp_id 
_pdbx_validate_torsion.auth_asym_id 
_pdbx_validate_torsion.auth_seq_id 
_pdbx_validate_torsion.PDB_ins_code 
_pdbx_validate_torsion.label_alt_id 
_pdbx_validate_torsion.phi 
_pdbx_validate_torsion.psi 
1 1 MET 1 160 ? ? -78.37  -167.68 
2 1 THR 1 303 ? ? -102.29 72.62   
# 
_pdbx_validate_planes.id              1 
_pdbx_validate_planes.PDB_model_num   1 
_pdbx_validate_planes.auth_comp_id    ARG 
_pdbx_validate_planes.auth_asym_id    1 
_pdbx_validate_planes.auth_seq_id     247 
_pdbx_validate_planes.PDB_ins_code    ? 
_pdbx_validate_planes.label_alt_id    ? 
_pdbx_validate_planes.rmsd            0.084 
_pdbx_validate_planes.type            'SIDE CHAIN' 
# 
_pdbx_point_symmetry.entry_id             8UYO 
_pdbx_point_symmetry.Schoenflies_symbol   I 
# 
_em_3d_fitting.id                1 
_em_3d_fitting.entry_id          8UYO 
_em_3d_fitting.method            ? 
_em_3d_fitting.target_criteria   ? 
_em_3d_fitting.details           ? 
_em_3d_fitting.overall_b_value   ? 
_em_3d_fitting.ref_space         REAL 
_em_3d_fitting.ref_protocol      'FLEXIBLE FIT' 
# 
_em_3d_fitting_list.id                            1 
_em_3d_fitting_list.3d_fitting_id                 1 
_em_3d_fitting_list.pdb_entry_id                  . 
_em_3d_fitting_list.pdb_chain_id                  . 
_em_3d_fitting_list.pdb_chain_residue_range       . 
_em_3d_fitting_list.details                       ? 
_em_3d_fitting_list.chain_id                      ? 
_em_3d_fitting_list.chain_residue_range           ? 
_em_3d_fitting_list.source_name                   AlphaFold 
_em_3d_fitting_list.type                          'in silico model' 
_em_3d_fitting_list.accession_code                AF-Q9UL42-F1 
_em_3d_fitting_list.initial_refinement_model_id   1 
# 
_em_3d_reconstruction.entry_id                    8UYO 
_em_3d_reconstruction.id                          1 
_em_3d_reconstruction.method                      ? 
_em_3d_reconstruction.algorithm                   ? 
_em_3d_reconstruction.citation_id                 ? 
_em_3d_reconstruction.details                     ? 
_em_3d_reconstruction.resolution                  3.3 
_em_3d_reconstruction.resolution_method           'FSC 0.143 CUT-OFF' 
_em_3d_reconstruction.magnification_calibration   ? 
_em_3d_reconstruction.nominal_pixel_size          ? 
_em_3d_reconstruction.actual_pixel_size           ? 
_em_3d_reconstruction.num_particles               88320 
_em_3d_reconstruction.euler_angles_details        ? 
_em_3d_reconstruction.num_class_averages          1 
_em_3d_reconstruction.refinement_type             ? 
_em_3d_reconstruction.image_processing_id         1 
_em_3d_reconstruction.symmetry_type               POINT 
# 
_em_buffer.id            1 
_em_buffer.specimen_id   1 
_em_buffer.name          ? 
_em_buffer.details       'phosphate buffered saline, pH 7.4' 
_em_buffer.pH            7.4 
# 
_em_entity_assembly.id                   1 
_em_entity_assembly.parent_id            0 
_em_entity_assembly.source               RECOMBINANT 
_em_entity_assembly.type                 COMPLEX 
_em_entity_assembly.name                 'PNMA2 icosahedral capsid' 
_em_entity_assembly.details              ? 
_em_entity_assembly.synonym              ? 
_em_entity_assembly.oligomeric_details   ? 
_em_entity_assembly.entity_id_list       1 
# 
_em_imaging.entry_id                        8UYO 
_em_imaging.id                              1 
_em_imaging.astigmatism                     ? 
_em_imaging.electron_beam_tilt_params       ? 
_em_imaging.residual_tilt                   ? 
_em_imaging.microscope_model                'FEI TITAN KRIOS' 
_em_imaging.specimen_holder_type            ? 
_em_imaging.specimen_holder_model           'FEI TITAN KRIOS AUTOGRID HOLDER' 
_em_imaging.details                         ? 
_em_imaging.date                            ? 
_em_imaging.accelerating_voltage            300 
_em_imaging.illumination_mode               'FLOOD BEAM' 
_em_imaging.mode                            'BRIGHT FIELD' 
_em_imaging.nominal_cs                      2.7 
_em_imaging.nominal_defocus_min             1000 
_em_imaging.nominal_defocus_max             2600 
_em_imaging.calibrated_defocus_min          ? 
_em_imaging.calibrated_defocus_max          ? 
_em_imaging.tilt_angle_min                  ? 
_em_imaging.tilt_angle_max                  ? 
_em_imaging.nominal_magnification           130000 
_em_imaging.calibrated_magnification        ? 
_em_imaging.electron_source                 'FIELD EMISSION GUN' 
_em_imaging.citation_id                     ? 
_em_imaging.temperature                     ? 
_em_imaging.detector_distance               ? 
_em_imaging.recording_temperature_minimum   ? 
_em_imaging.recording_temperature_maximum   ? 
_em_imaging.alignment_procedure             'COMA FREE' 
_em_imaging.c2_aperture_diameter            50 
_em_imaging.specimen_id                     1 
_em_imaging.cryogen                         NITROGEN 
# 
_em_sample_support.id               1 
_em_sample_support.film_material    ? 
_em_sample_support.method           ? 
_em_sample_support.grid_material    COPPER 
_em_sample_support.grid_mesh_size   300 
_em_sample_support.grid_type        'Quantifoil R1.2/1.3' 
_em_sample_support.details          ? 
_em_sample_support.specimen_id      1 
_em_sample_support.citation_id      ? 
# 
_em_vitrification.entry_id              8UYO 
_em_vitrification.id                    1 
_em_vitrification.specimen_id           1 
_em_vitrification.cryogen_name          ETHANE 
_em_vitrification.humidity              100 
_em_vitrification.temp                  ? 
_em_vitrification.chamber_temperature   277 
_em_vitrification.instrument            'FEI VITROBOT MARK IV' 
_em_vitrification.method                ? 
_em_vitrification.time_resolved_state   ? 
_em_vitrification.citation_id           ? 
_em_vitrification.details               ? 
# 
_em_experiment.entry_id                8UYO 
_em_experiment.id                      1 
_em_experiment.reconstruction_method   'SINGLE PARTICLE' 
_em_experiment.aggregation_state       PARTICLE 
_em_experiment.entity_assembly_id      1 
# 
_em_single_particle_entity.entry_id              8UYO 
_em_single_particle_entity.id                    1 
_em_single_particle_entity.image_processing_id   1 
_em_single_particle_entity.point_symmetry        I 
# 
loop_
_pdbx_unobs_or_zero_occ_residues.id 
_pdbx_unobs_or_zero_occ_residues.PDB_model_num 
_pdbx_unobs_or_zero_occ_residues.polymer_flag 
_pdbx_unobs_or_zero_occ_residues.occupancy_flag 
_pdbx_unobs_or_zero_occ_residues.auth_asym_id 
_pdbx_unobs_or_zero_occ_residues.auth_comp_id 
_pdbx_unobs_or_zero_occ_residues.auth_seq_id 
_pdbx_unobs_or_zero_occ_residues.PDB_ins_code 
_pdbx_unobs_or_zero_occ_residues.label_asym_id 
_pdbx_unobs_or_zero_occ_residues.label_comp_id 
_pdbx_unobs_or_zero_occ_residues.label_seq_id 
1   1 Y 1 1 MET 1   ? A MET 1   
2   1 Y 1 1 ALA 2   ? A ALA 2   
3   1 Y 1 1 LEU 3   ? A LEU 3   
4   1 Y 1 1 ALA 4   ? A ALA 4   
5   1 Y 1 1 LEU 5   ? A LEU 5   
6   1 Y 1 1 LEU 6   ? A LEU 6   
7   1 Y 1 1 GLU 7   ? A GLU 7   
8   1 Y 1 1 ASP 8   ? A ASP 8   
9   1 Y 1 1 TRP 9   ? A TRP 9   
10  1 Y 1 1 CYS 10  ? A CYS 10  
11  1 Y 1 1 ARG 11  ? A ARG 11  
12  1 Y 1 1 ILE 12  ? A ILE 12  
13  1 Y 1 1 MET 13  ? A MET 13  
14  1 Y 1 1 SER 14  ? A SER 14  
15  1 Y 1 1 VAL 15  ? A VAL 15  
16  1 Y 1 1 ASP 16  ? A ASP 16  
17  1 Y 1 1 GLU 17  ? A GLU 17  
18  1 Y 1 1 GLN 18  ? A GLN 18  
19  1 Y 1 1 LYS 19  ? A LYS 19  
20  1 Y 1 1 SER 20  ? A SER 20  
21  1 Y 1 1 LEU 21  ? A LEU 21  
22  1 Y 1 1 MET 22  ? A MET 22  
23  1 Y 1 1 VAL 23  ? A VAL 23  
24  1 Y 1 1 THR 24  ? A THR 24  
25  1 Y 1 1 GLY 25  ? A GLY 25  
26  1 Y 1 1 ILE 26  ? A ILE 26  
27  1 Y 1 1 PRO 27  ? A PRO 27  
28  1 Y 1 1 ALA 28  ? A ALA 28  
29  1 Y 1 1 ASP 29  ? A ASP 29  
30  1 Y 1 1 PHE 30  ? A PHE 30  
31  1 Y 1 1 GLU 31  ? A GLU 31  
32  1 Y 1 1 GLU 32  ? A GLU 32  
33  1 Y 1 1 ALA 33  ? A ALA 33  
34  1 Y 1 1 GLU 34  ? A GLU 34  
35  1 Y 1 1 ILE 35  ? A ILE 35  
36  1 Y 1 1 GLN 36  ? A GLN 36  
37  1 Y 1 1 GLU 37  ? A GLU 37  
38  1 Y 1 1 VAL 38  ? A VAL 38  
39  1 Y 1 1 LEU 39  ? A LEU 39  
40  1 Y 1 1 GLN 40  ? A GLN 40  
41  1 Y 1 1 GLU 41  ? A GLU 41  
42  1 Y 1 1 THR 42  ? A THR 42  
43  1 Y 1 1 LEU 43  ? A LEU 43  
44  1 Y 1 1 LYS 44  ? A LYS 44  
45  1 Y 1 1 SER 45  ? A SER 45  
46  1 Y 1 1 LEU 46  ? A LEU 46  
47  1 Y 1 1 GLY 47  ? A GLY 47  
48  1 Y 1 1 ARG 48  ? A ARG 48  
49  1 Y 1 1 TYR 49  ? A TYR 49  
50  1 Y 1 1 ARG 50  ? A ARG 50  
51  1 Y 1 1 LEU 51  ? A LEU 51  
52  1 Y 1 1 LEU 52  ? A LEU 52  
53  1 Y 1 1 GLY 53  ? A GLY 53  
54  1 Y 1 1 LYS 54  ? A LYS 54  
55  1 Y 1 1 ILE 55  ? A ILE 55  
56  1 Y 1 1 PHE 56  ? A PHE 56  
57  1 Y 1 1 ARG 57  ? A ARG 57  
58  1 Y 1 1 LYS 58  ? A LYS 58  
59  1 Y 1 1 GLN 59  ? A GLN 59  
60  1 Y 1 1 GLU 60  ? A GLU 60  
61  1 Y 1 1 ASN 61  ? A ASN 61  
62  1 Y 1 1 ALA 62  ? A ALA 62  
63  1 Y 1 1 ASN 63  ? A ASN 63  
64  1 Y 1 1 ALA 64  ? A ALA 64  
65  1 Y 1 1 VAL 65  ? A VAL 65  
66  1 Y 1 1 LEU 66  ? A LEU 66  
67  1 Y 1 1 LEU 67  ? A LEU 67  
68  1 Y 1 1 GLU 68  ? A GLU 68  
69  1 Y 1 1 LEU 69  ? A LEU 69  
70  1 Y 1 1 LEU 70  ? A LEU 70  
71  1 Y 1 1 GLU 71  ? A GLU 71  
72  1 Y 1 1 ASP 72  ? A ASP 72  
73  1 Y 1 1 THR 73  ? A THR 73  
74  1 Y 1 1 ASP 74  ? A ASP 74  
75  1 Y 1 1 VAL 75  ? A VAL 75  
76  1 Y 1 1 SER 76  ? A SER 76  
77  1 Y 1 1 ALA 77  ? A ALA 77  
78  1 Y 1 1 ILE 78  ? A ILE 78  
79  1 Y 1 1 PRO 79  ? A PRO 79  
80  1 Y 1 1 SER 80  ? A SER 80  
81  1 Y 1 1 GLU 81  ? A GLU 81  
82  1 Y 1 1 VAL 82  ? A VAL 82  
83  1 Y 1 1 GLN 83  ? A GLN 83  
84  1 Y 1 1 GLY 84  ? A GLY 84  
85  1 Y 1 1 LYS 85  ? A LYS 85  
86  1 Y 1 1 GLY 86  ? A GLY 86  
87  1 Y 1 1 GLY 87  ? A GLY 87  
88  1 Y 1 1 VAL 88  ? A VAL 88  
89  1 Y 1 1 TRP 89  ? A TRP 89  
90  1 Y 1 1 LYS 90  ? A LYS 90  
91  1 Y 1 1 VAL 91  ? A VAL 91  
92  1 Y 1 1 ILE 92  ? A ILE 92  
93  1 Y 1 1 PHE 93  ? A PHE 93  
94  1 Y 1 1 LYS 94  ? A LYS 94  
95  1 Y 1 1 THR 95  ? A THR 95  
96  1 Y 1 1 PRO 96  ? A PRO 96  
97  1 Y 1 1 ASN 97  ? A ASN 97  
98  1 Y 1 1 GLN 98  ? A GLN 98  
99  1 Y 1 1 ASP 99  ? A ASP 99  
100 1 Y 1 1 THR 100 ? A THR 100 
101 1 Y 1 1 GLU 101 ? A GLU 101 
102 1 Y 1 1 PHE 102 ? A PHE 102 
103 1 Y 1 1 LEU 103 ? A LEU 103 
104 1 Y 1 1 GLU 104 ? A GLU 104 
105 1 Y 1 1 ARG 105 ? A ARG 105 
106 1 Y 1 1 LEU 106 ? A LEU 106 
107 1 Y 1 1 ASN 107 ? A ASN 107 
108 1 Y 1 1 LEU 108 ? A LEU 108 
109 1 Y 1 1 PHE 109 ? A PHE 109 
110 1 Y 1 1 LEU 110 ? A LEU 110 
111 1 Y 1 1 GLU 111 ? A GLU 111 
112 1 Y 1 1 LYS 112 ? A LYS 112 
113 1 Y 1 1 GLU 113 ? A GLU 113 
114 1 Y 1 1 GLY 114 ? A GLY 114 
115 1 Y 1 1 GLN 115 ? A GLN 115 
116 1 Y 1 1 THR 116 ? A THR 116 
117 1 Y 1 1 VAL 117 ? A VAL 117 
118 1 Y 1 1 SER 118 ? A SER 118 
119 1 Y 1 1 GLY 119 ? A GLY 119 
120 1 Y 1 1 MET 120 ? A MET 120 
121 1 Y 1 1 PHE 121 ? A PHE 121 
122 1 Y 1 1 ARG 122 ? A ARG 122 
123 1 Y 1 1 ALA 123 ? A ALA 123 
124 1 Y 1 1 LEU 124 ? A LEU 124 
125 1 Y 1 1 GLY 125 ? A GLY 125 
126 1 Y 1 1 GLN 126 ? A GLN 126 
127 1 Y 1 1 GLU 127 ? A GLU 127 
128 1 Y 1 1 GLY 128 ? A GLY 128 
129 1 Y 1 1 VAL 129 ? A VAL 129 
130 1 Y 1 1 SER 130 ? A SER 130 
131 1 Y 1 1 PRO 131 ? A PRO 131 
132 1 Y 1 1 ALA 132 ? A ALA 132 
133 1 Y 1 1 THR 133 ? A THR 133 
134 1 Y 1 1 VAL 134 ? A VAL 134 
135 1 Y 1 1 PRO 135 ? A PRO 135 
136 1 Y 1 1 CYS 136 ? A CYS 136 
137 1 Y 1 1 ILE 137 ? A ILE 137 
138 1 Y 1 1 SER 138 ? A SER 138 
139 1 Y 1 1 PRO 139 ? A PRO 139 
140 1 Y 1 1 GLU 140 ? A GLU 140 
141 1 Y 1 1 LEU 141 ? A LEU 141 
142 1 Y 1 1 LEU 142 ? A LEU 142 
143 1 Y 1 1 ALA 143 ? A ALA 143 
144 1 Y 1 1 HIS 144 ? A HIS 144 
145 1 Y 1 1 LEU 145 ? A LEU 145 
146 1 Y 1 1 LEU 146 ? A LEU 146 
147 1 Y 1 1 GLY 147 ? A GLY 147 
148 1 Y 1 1 GLN 148 ? A GLN 148 
149 1 Y 1 1 ALA 149 ? A ALA 149 
150 1 Y 1 1 MET 150 ? A MET 150 
151 1 Y 1 1 ALA 151 ? A ALA 151 
152 1 Y 1 1 HIS 152 ? A HIS 152 
153 1 Y 1 1 ALA 153 ? A ALA 153 
154 1 Y 1 1 PRO 154 ? A PRO 154 
155 1 Y 1 1 GLN 155 ? A GLN 155 
156 1 Y 1 1 PRO 156 ? A PRO 156 
157 1 Y 1 1 LEU 157 ? A LEU 157 
158 1 Y 1 1 PHE 341 ? A PHE 341 
159 1 Y 1 1 GLU 342 ? A GLU 342 
160 1 Y 1 1 ASN 343 ? A ASN 343 
161 1 Y 1 1 GLU 344 ? A GLU 344 
162 1 Y 1 1 SER 345 ? A SER 345 
163 1 Y 1 1 ILE 346 ? A ILE 346 
164 1 Y 1 1 GLU 347 ? A GLU 347 
165 1 Y 1 1 GLU 348 ? A GLU 348 
166 1 Y 1 1 PRO 349 ? A PRO 349 
167 1 Y 1 1 GLU 350 ? A GLU 350 
168 1 Y 1 1 GLU 351 ? A GLU 351 
169 1 Y 1 1 ARG 352 ? A ARG 352 
170 1 Y 1 1 ASP 353 ? A ASP 353 
171 1 Y 1 1 GLY 354 ? A GLY 354 
172 1 Y 1 1 TYR 355 ? A TYR 355 
173 1 Y 1 1 GLY 356 ? A GLY 356 
174 1 Y 1 1 ARG 357 ? A ARG 357 
175 1 Y 1 1 TRP 358 ? A TRP 358 
176 1 Y 1 1 ASN 359 ? A ASN 359 
177 1 Y 1 1 HIS 360 ? A HIS 360 
178 1 Y 1 1 GLU 361 ? A GLU 361 
179 1 Y 1 1 GLY 362 ? A GLY 362 
180 1 Y 1 1 ASP 363 ? A ASP 363 
181 1 Y 1 1 ASP 364 ? A ASP 364 
# 
loop_
_chem_comp_atom.comp_id 
_chem_comp_atom.atom_id 
_chem_comp_atom.type_symbol 
_chem_comp_atom.pdbx_aromatic_flag 
_chem_comp_atom.pdbx_stereo_config 
_chem_comp_atom.pdbx_ordinal 
ALA N    N N N 1   
ALA CA   C N S 2   
ALA C    C N N 3   
ALA O    O N N 4   
ALA CB   C N N 5   
ALA OXT  O N N 6   
ALA H    H N N 7   
ALA H2   H N N 8   
ALA HA   H N N 9   
ALA HB1  H N N 10  
ALA HB2  H N N 11  
ALA HB3  H N N 12  
ALA HXT  H N N 13  
ARG N    N N N 14  
ARG CA   C N S 15  
ARG C    C N N 16  
ARG O    O N N 17  
ARG CB   C N N 18  
ARG CG   C N N 19  
ARG CD   C N N 20  
ARG NE   N N N 21  
ARG CZ   C N N 22  
ARG NH1  N N N 23  
ARG NH2  N N N 24  
ARG OXT  O N N 25  
ARG H    H N N 26  
ARG H2   H N N 27  
ARG HA   H N N 28  
ARG HB2  H N N 29  
ARG HB3  H N N 30  
ARG HG2  H N N 31  
ARG HG3  H N N 32  
ARG HD2  H N N 33  
ARG HD3  H N N 34  
ARG HE   H N N 35  
ARG HH11 H N N 36  
ARG HH12 H N N 37  
ARG HH21 H N N 38  
ARG HH22 H N N 39  
ARG HXT  H N N 40  
ASN N    N N N 41  
ASN CA   C N S 42  
ASN C    C N N 43  
ASN O    O N N 44  
ASN CB   C N N 45  
ASN CG   C N N 46  
ASN OD1  O N N 47  
ASN ND2  N N N 48  
ASN OXT  O N N 49  
ASN H    H N N 50  
ASN H2   H N N 51  
ASN HA   H N N 52  
ASN HB2  H N N 53  
ASN HB3  H N N 54  
ASN HD21 H N N 55  
ASN HD22 H N N 56  
ASN HXT  H N N 57  
ASP N    N N N 58  
ASP CA   C N S 59  
ASP C    C N N 60  
ASP O    O N N 61  
ASP CB   C N N 62  
ASP CG   C N N 63  
ASP OD1  O N N 64  
ASP OD2  O N N 65  
ASP OXT  O N N 66  
ASP H    H N N 67  
ASP H2   H N N 68  
ASP HA   H N N 69  
ASP HB2  H N N 70  
ASP HB3  H N N 71  
ASP HD2  H N N 72  
ASP HXT  H N N 73  
CYS N    N N N 74  
CYS CA   C N R 75  
CYS C    C N N 76  
CYS O    O N N 77  
CYS CB   C N N 78  
CYS SG   S N N 79  
CYS OXT  O N N 80  
CYS H    H N N 81  
CYS H2   H N N 82  
CYS HA   H N N 83  
CYS HB2  H N N 84  
CYS HB3  H N N 85  
CYS HG   H N N 86  
CYS HXT  H N N 87  
GLN N    N N N 88  
GLN CA   C N S 89  
GLN C    C N N 90  
GLN O    O N N 91  
GLN CB   C N N 92  
GLN CG   C N N 93  
GLN CD   C N N 94  
GLN OE1  O N N 95  
GLN NE2  N N N 96  
GLN OXT  O N N 97  
GLN H    H N N 98  
GLN H2   H N N 99  
GLN HA   H N N 100 
GLN HB2  H N N 101 
GLN HB3  H N N 102 
GLN HG2  H N N 103 
GLN HG3  H N N 104 
GLN HE21 H N N 105 
GLN HE22 H N N 106 
GLN HXT  H N N 107 
GLU N    N N N 108 
GLU CA   C N S 109 
GLU C    C N N 110 
GLU O    O N N 111 
GLU CB   C N N 112 
GLU CG   C N N 113 
GLU CD   C N N 114 
GLU OE1  O N N 115 
GLU OE2  O N N 116 
GLU OXT  O N N 117 
GLU H    H N N 118 
GLU H2   H N N 119 
GLU HA   H N N 120 
GLU HB2  H N N 121 
GLU HB3  H N N 122 
GLU HG2  H N N 123 
GLU HG3  H N N 124 
GLU HE2  H N N 125 
GLU HXT  H N N 126 
GLY N    N N N 127 
GLY CA   C N N 128 
GLY C    C N N 129 
GLY O    O N N 130 
GLY OXT  O N N 131 
GLY H    H N N 132 
GLY H2   H N N 133 
GLY HA2  H N N 134 
GLY HA3  H N N 135 
GLY HXT  H N N 136 
HIS N    N N N 137 
HIS CA   C N S 138 
HIS C    C N N 139 
HIS O    O N N 140 
HIS CB   C N N 141 
HIS CG   C Y N 142 
HIS ND1  N Y N 143 
HIS CD2  C Y N 144 
HIS CE1  C Y N 145 
HIS NE2  N Y N 146 
HIS OXT  O N N 147 
HIS H    H N N 148 
HIS H2   H N N 149 
HIS HA   H N N 150 
HIS HB2  H N N 151 
HIS HB3  H N N 152 
HIS HD1  H N N 153 
HIS HD2  H N N 154 
HIS HE1  H N N 155 
HIS HE2  H N N 156 
HIS HXT  H N N 157 
ILE N    N N N 158 
ILE CA   C N S 159 
ILE C    C N N 160 
ILE O    O N N 161 
ILE CB   C N S 162 
ILE CG1  C N N 163 
ILE CG2  C N N 164 
ILE CD1  C N N 165 
ILE OXT  O N N 166 
ILE H    H N N 167 
ILE H2   H N N 168 
ILE HA   H N N 169 
ILE HB   H N N 170 
ILE HG12 H N N 171 
ILE HG13 H N N 172 
ILE HG21 H N N 173 
ILE HG22 H N N 174 
ILE HG23 H N N 175 
ILE HD11 H N N 176 
ILE HD12 H N N 177 
ILE HD13 H N N 178 
ILE HXT  H N N 179 
LEU N    N N N 180 
LEU CA   C N S 181 
LEU C    C N N 182 
LEU O    O N N 183 
LEU CB   C N N 184 
LEU CG   C N N 185 
LEU CD1  C N N 186 
LEU CD2  C N N 187 
LEU OXT  O N N 188 
LEU H    H N N 189 
LEU H2   H N N 190 
LEU HA   H N N 191 
LEU HB2  H N N 192 
LEU HB3  H N N 193 
LEU HG   H N N 194 
LEU HD11 H N N 195 
LEU HD12 H N N 196 
LEU HD13 H N N 197 
LEU HD21 H N N 198 
LEU HD22 H N N 199 
LEU HD23 H N N 200 
LEU HXT  H N N 201 
LYS N    N N N 202 
LYS CA   C N S 203 
LYS C    C N N 204 
LYS O    O N N 205 
LYS CB   C N N 206 
LYS CG   C N N 207 
LYS CD   C N N 208 
LYS CE   C N N 209 
LYS NZ   N N N 210 
LYS OXT  O N N 211 
LYS H    H N N 212 
LYS H2   H N N 213 
LYS HA   H N N 214 
LYS HB2  H N N 215 
LYS HB3  H N N 216 
LYS HG2  H N N 217 
LYS HG3  H N N 218 
LYS HD2  H N N 219 
LYS HD3  H N N 220 
LYS HE2  H N N 221 
LYS HE3  H N N 222 
LYS HZ1  H N N 223 
LYS HZ2  H N N 224 
LYS HZ3  H N N 225 
LYS HXT  H N N 226 
MET N    N N N 227 
MET CA   C N S 228 
MET C    C N N 229 
MET O    O N N 230 
MET CB   C N N 231 
MET CG   C N N 232 
MET SD   S N N 233 
MET CE   C N N 234 
MET OXT  O N N 235 
MET H    H N N 236 
MET H2   H N N 237 
MET HA   H N N 238 
MET HB2  H N N 239 
MET HB3  H N N 240 
MET HG2  H N N 241 
MET HG3  H N N 242 
MET HE1  H N N 243 
MET HE2  H N N 244 
MET HE3  H N N 245 
MET HXT  H N N 246 
PHE N    N N N 247 
PHE CA   C N S 248 
PHE C    C N N 249 
PHE O    O N N 250 
PHE CB   C N N 251 
PHE CG   C Y N 252 
PHE CD1  C Y N 253 
PHE CD2  C Y N 254 
PHE CE1  C Y N 255 
PHE CE2  C Y N 256 
PHE CZ   C Y N 257 
PHE OXT  O N N 258 
PHE H    H N N 259 
PHE H2   H N N 260 
PHE HA   H N N 261 
PHE HB2  H N N 262 
PHE HB3  H N N 263 
PHE HD1  H N N 264 
PHE HD2  H N N 265 
PHE HE1  H N N 266 
PHE HE2  H N N 267 
PHE HZ   H N N 268 
PHE HXT  H N N 269 
PRO N    N N N 270 
PRO CA   C N S 271 
PRO C    C N N 272 
PRO O    O N N 273 
PRO CB   C N N 274 
PRO CG   C N N 275 
PRO CD   C N N 276 
PRO OXT  O N N 277 
PRO H    H N N 278 
PRO HA   H N N 279 
PRO HB2  H N N 280 
PRO HB3  H N N 281 
PRO HG2  H N N 282 
PRO HG3  H N N 283 
PRO HD2  H N N 284 
PRO HD3  H N N 285 
PRO HXT  H N N 286 
SER N    N N N 287 
SER CA   C N S 288 
SER C    C N N 289 
SER O    O N N 290 
SER CB   C N N 291 
SER OG   O N N 292 
SER OXT  O N N 293 
SER H    H N N 294 
SER H2   H N N 295 
SER HA   H N N 296 
SER HB2  H N N 297 
SER HB3  H N N 298 
SER HG   H N N 299 
SER HXT  H N N 300 
THR N    N N N 301 
THR CA   C N S 302 
THR C    C N N 303 
THR O    O N N 304 
THR CB   C N R 305 
THR OG1  O N N 306 
THR CG2  C N N 307 
THR OXT  O N N 308 
THR H    H N N 309 
THR H2   H N N 310 
THR HA   H N N 311 
THR HB   H N N 312 
THR HG1  H N N 313 
THR HG21 H N N 314 
THR HG22 H N N 315 
THR HG23 H N N 316 
THR HXT  H N N 317 
TRP N    N N N 318 
TRP CA   C N S 319 
TRP C    C N N 320 
TRP O    O N N 321 
TRP CB   C N N 322 
TRP CG   C Y N 323 
TRP CD1  C Y N 324 
TRP CD2  C Y N 325 
TRP NE1  N Y N 326 
TRP CE2  C Y N 327 
TRP CE3  C Y N 328 
TRP CZ2  C Y N 329 
TRP CZ3  C Y N 330 
TRP CH2  C Y N 331 
TRP OXT  O N N 332 
TRP H    H N N 333 
TRP H2   H N N 334 
TRP HA   H N N 335 
TRP HB2  H N N 336 
TRP HB3  H N N 337 
TRP HD1  H N N 338 
TRP HE1  H N N 339 
TRP HE3  H N N 340 
TRP HZ2  H N N 341 
TRP HZ3  H N N 342 
TRP HH2  H N N 343 
TRP HXT  H N N 344 
TYR N    N N N 345 
TYR CA   C N S 346 
TYR C    C N N 347 
TYR O    O N N 348 
TYR CB   C N N 349 
TYR CG   C Y N 350 
TYR CD1  C Y N 351 
TYR CD2  C Y N 352 
TYR CE1  C Y N 353 
TYR CE2  C Y N 354 
TYR CZ   C Y N 355 
TYR OH   O N N 356 
TYR OXT  O N N 357 
TYR H    H N N 358 
TYR H2   H N N 359 
TYR HA   H N N 360 
TYR HB2  H N N 361 
TYR HB3  H N N 362 
TYR HD1  H N N 363 
TYR HD2  H N N 364 
TYR HE1  H N N 365 
TYR HE2  H N N 366 
TYR HH   H N N 367 
TYR HXT  H N N 368 
VAL N    N N N 369 
VAL CA   C N S 370 
VAL C    C N N 371 
VAL O    O N N 372 
VAL CB   C N N 373 
VAL CG1  C N N 374 
VAL CG2  C N N 375 
VAL OXT  O N N 376 
VAL H    H N N 377 
VAL H2   H N N 378 
VAL HA   H N N 379 
VAL HB   H N N 380 
VAL HG11 H N N 381 
VAL HG12 H N N 382 
VAL HG13 H N N 383 
VAL HG21 H N N 384 
VAL HG22 H N N 385 
VAL HG23 H N N 386 
VAL HXT  H N N 387 
# 
loop_
_chem_comp_bond.comp_id 
_chem_comp_bond.atom_id_1 
_chem_comp_bond.atom_id_2 
_chem_comp_bond.value_order 
_chem_comp_bond.pdbx_aromatic_flag 
_chem_comp_bond.pdbx_stereo_config 
_chem_comp_bond.pdbx_ordinal 
ALA N   CA   sing N N 1   
ALA N   H    sing N N 2   
ALA N   H2   sing N N 3   
ALA CA  C    sing N N 4   
ALA CA  CB   sing N N 5   
ALA CA  HA   sing N N 6   
ALA C   O    doub N N 7   
ALA C   OXT  sing N N 8   
ALA CB  HB1  sing N N 9   
ALA CB  HB2  sing N N 10  
ALA CB  HB3  sing N N 11  
ALA OXT HXT  sing N N 12  
ARG N   CA   sing N N 13  
ARG N   H    sing N N 14  
ARG N   H2   sing N N 15  
ARG CA  C    sing N N 16  
ARG CA  CB   sing N N 17  
ARG CA  HA   sing N N 18  
ARG C   O    doub N N 19  
ARG C   OXT  sing N N 20  
ARG CB  CG   sing N N 21  
ARG CB  HB2  sing N N 22  
ARG CB  HB3  sing N N 23  
ARG CG  CD   sing N N 24  
ARG CG  HG2  sing N N 25  
ARG CG  HG3  sing N N 26  
ARG CD  NE   sing N N 27  
ARG CD  HD2  sing N N 28  
ARG CD  HD3  sing N N 29  
ARG NE  CZ   sing N N 30  
ARG NE  HE   sing N N 31  
ARG CZ  NH1  sing N N 32  
ARG CZ  NH2  doub N N 33  
ARG NH1 HH11 sing N N 34  
ARG NH1 HH12 sing N N 35  
ARG NH2 HH21 sing N N 36  
ARG NH2 HH22 sing N N 37  
ARG OXT HXT  sing N N 38  
ASN N   CA   sing N N 39  
ASN N   H    sing N N 40  
ASN N   H2   sing N N 41  
ASN CA  C    sing N N 42  
ASN CA  CB   sing N N 43  
ASN CA  HA   sing N N 44  
ASN C   O    doub N N 45  
ASN C   OXT  sing N N 46  
ASN CB  CG   sing N N 47  
ASN CB  HB2  sing N N 48  
ASN CB  HB3  sing N N 49  
ASN CG  OD1  doub N N 50  
ASN CG  ND2  sing N N 51  
ASN ND2 HD21 sing N N 52  
ASN ND2 HD22 sing N N 53  
ASN OXT HXT  sing N N 54  
ASP N   CA   sing N N 55  
ASP N   H    sing N N 56  
ASP N   H2   sing N N 57  
ASP CA  C    sing N N 58  
ASP CA  CB   sing N N 59  
ASP CA  HA   sing N N 60  
ASP C   O    doub N N 61  
ASP C   OXT  sing N N 62  
ASP CB  CG   sing N N 63  
ASP CB  HB2  sing N N 64  
ASP CB  HB3  sing N N 65  
ASP CG  OD1  doub N N 66  
ASP CG  OD2  sing N N 67  
ASP OD2 HD2  sing N N 68  
ASP OXT HXT  sing N N 69  
CYS N   CA   sing N N 70  
CYS N   H    sing N N 71  
CYS N   H2   sing N N 72  
CYS CA  C    sing N N 73  
CYS CA  CB   sing N N 74  
CYS CA  HA   sing N N 75  
CYS C   O    doub N N 76  
CYS C   OXT  sing N N 77  
CYS CB  SG   sing N N 78  
CYS CB  HB2  sing N N 79  
CYS CB  HB3  sing N N 80  
CYS SG  HG   sing N N 81  
CYS OXT HXT  sing N N 82  
GLN N   CA   sing N N 83  
GLN N   H    sing N N 84  
GLN N   H2   sing N N 85  
GLN CA  C    sing N N 86  
GLN CA  CB   sing N N 87  
GLN CA  HA   sing N N 88  
GLN C   O    doub N N 89  
GLN C   OXT  sing N N 90  
GLN CB  CG   sing N N 91  
GLN CB  HB2  sing N N 92  
GLN CB  HB3  sing N N 93  
GLN CG  CD   sing N N 94  
GLN CG  HG2  sing N N 95  
GLN CG  HG3  sing N N 96  
GLN CD  OE1  doub N N 97  
GLN CD  NE2  sing N N 98  
GLN NE2 HE21 sing N N 99  
GLN NE2 HE22 sing N N 100 
GLN OXT HXT  sing N N 101 
GLU N   CA   sing N N 102 
GLU N   H    sing N N 103 
GLU N   H2   sing N N 104 
GLU CA  C    sing N N 105 
GLU CA  CB   sing N N 106 
GLU CA  HA   sing N N 107 
GLU C   O    doub N N 108 
GLU C   OXT  sing N N 109 
GLU CB  CG   sing N N 110 
GLU CB  HB2  sing N N 111 
GLU CB  HB3  sing N N 112 
GLU CG  CD   sing N N 113 
GLU CG  HG2  sing N N 114 
GLU CG  HG3  sing N N 115 
GLU CD  OE1  doub N N 116 
GLU CD  OE2  sing N N 117 
GLU OE2 HE2  sing N N 118 
GLU OXT HXT  sing N N 119 
GLY N   CA   sing N N 120 
GLY N   H    sing N N 121 
GLY N   H2   sing N N 122 
GLY CA  C    sing N N 123 
GLY CA  HA2  sing N N 124 
GLY CA  HA3  sing N N 125 
GLY C   O    doub N N 126 
GLY C   OXT  sing N N 127 
GLY OXT HXT  sing N N 128 
HIS N   CA   sing N N 129 
HIS N   H    sing N N 130 
HIS N   H2   sing N N 131 
HIS CA  C    sing N N 132 
HIS CA  CB   sing N N 133 
HIS CA  HA   sing N N 134 
HIS C   O    doub N N 135 
HIS C   OXT  sing N N 136 
HIS CB  CG   sing N N 137 
HIS CB  HB2  sing N N 138 
HIS CB  HB3  sing N N 139 
HIS CG  ND1  sing Y N 140 
HIS CG  CD2  doub Y N 141 
HIS ND1 CE1  doub Y N 142 
HIS ND1 HD1  sing N N 143 
HIS CD2 NE2  sing Y N 144 
HIS CD2 HD2  sing N N 145 
HIS CE1 NE2  sing Y N 146 
HIS CE1 HE1  sing N N 147 
HIS NE2 HE2  sing N N 148 
HIS OXT HXT  sing N N 149 
ILE N   CA   sing N N 150 
ILE N   H    sing N N 151 
ILE N   H2   sing N N 152 
ILE CA  C    sing N N 153 
ILE CA  CB   sing N N 154 
ILE CA  HA   sing N N 155 
ILE C   O    doub N N 156 
ILE C   OXT  sing N N 157 
ILE CB  CG1  sing N N 158 
ILE CB  CG2  sing N N 159 
ILE CB  HB   sing N N 160 
ILE CG1 CD1  sing N N 161 
ILE CG1 HG12 sing N N 162 
ILE CG1 HG13 sing N N 163 
ILE CG2 HG21 sing N N 164 
ILE CG2 HG22 sing N N 165 
ILE CG2 HG23 sing N N 166 
ILE CD1 HD11 sing N N 167 
ILE CD1 HD12 sing N N 168 
ILE CD1 HD13 sing N N 169 
ILE OXT HXT  sing N N 170 
LEU N   CA   sing N N 171 
LEU N   H    sing N N 172 
LEU N   H2   sing N N 173 
LEU CA  C    sing N N 174 
LEU CA  CB   sing N N 175 
LEU CA  HA   sing N N 176 
LEU C   O    doub N N 177 
LEU C   OXT  sing N N 178 
LEU CB  CG   sing N N 179 
LEU CB  HB2  sing N N 180 
LEU CB  HB3  sing N N 181 
LEU CG  CD1  sing N N 182 
LEU CG  CD2  sing N N 183 
LEU CG  HG   sing N N 184 
LEU CD1 HD11 sing N N 185 
LEU CD1 HD12 sing N N 186 
LEU CD1 HD13 sing N N 187 
LEU CD2 HD21 sing N N 188 
LEU CD2 HD22 sing N N 189 
LEU CD2 HD23 sing N N 190 
LEU OXT HXT  sing N N 191 
LYS N   CA   sing N N 192 
LYS N   H    sing N N 193 
LYS N   H2   sing N N 194 
LYS CA  C    sing N N 195 
LYS CA  CB   sing N N 196 
LYS CA  HA   sing N N 197 
LYS C   O    doub N N 198 
LYS C   OXT  sing N N 199 
LYS CB  CG   sing N N 200 
LYS CB  HB2  sing N N 201 
LYS CB  HB3  sing N N 202 
LYS CG  CD   sing N N 203 
LYS CG  HG2  sing N N 204 
LYS CG  HG3  sing N N 205 
LYS CD  CE   sing N N 206 
LYS CD  HD2  sing N N 207 
LYS CD  HD3  sing N N 208 
LYS CE  NZ   sing N N 209 
LYS CE  HE2  sing N N 210 
LYS CE  HE3  sing N N 211 
LYS NZ  HZ1  sing N N 212 
LYS NZ  HZ2  sing N N 213 
LYS NZ  HZ3  sing N N 214 
LYS OXT HXT  sing N N 215 
MET N   CA   sing N N 216 
MET N   H    sing N N 217 
MET N   H2   sing N N 218 
MET CA  C    sing N N 219 
MET CA  CB   sing N N 220 
MET CA  HA   sing N N 221 
MET C   O    doub N N 222 
MET C   OXT  sing N N 223 
MET CB  CG   sing N N 224 
MET CB  HB2  sing N N 225 
MET CB  HB3  sing N N 226 
MET CG  SD   sing N N 227 
MET CG  HG2  sing N N 228 
MET CG  HG3  sing N N 229 
MET SD  CE   sing N N 230 
MET CE  HE1  sing N N 231 
MET CE  HE2  sing N N 232 
MET CE  HE3  sing N N 233 
MET OXT HXT  sing N N 234 
PHE N   CA   sing N N 235 
PHE N   H    sing N N 236 
PHE N   H2   sing N N 237 
PHE CA  C    sing N N 238 
PHE CA  CB   sing N N 239 
PHE CA  HA   sing N N 240 
PHE C   O    doub N N 241 
PHE C   OXT  sing N N 242 
PHE CB  CG   sing N N 243 
PHE CB  HB2  sing N N 244 
PHE CB  HB3  sing N N 245 
PHE CG  CD1  doub Y N 246 
PHE CG  CD2  sing Y N 247 
PHE CD1 CE1  sing Y N 248 
PHE CD1 HD1  sing N N 249 
PHE CD2 CE2  doub Y N 250 
PHE CD2 HD2  sing N N 251 
PHE CE1 CZ   doub Y N 252 
PHE CE1 HE1  sing N N 253 
PHE CE2 CZ   sing Y N 254 
PHE CE2 HE2  sing N N 255 
PHE CZ  HZ   sing N N 256 
PHE OXT HXT  sing N N 257 
PRO N   CA   sing N N 258 
PRO N   CD   sing N N 259 
PRO N   H    sing N N 260 
PRO CA  C    sing N N 261 
PRO CA  CB   sing N N 262 
PRO CA  HA   sing N N 263 
PRO C   O    doub N N 264 
PRO C   OXT  sing N N 265 
PRO CB  CG   sing N N 266 
PRO CB  HB2  sing N N 267 
PRO CB  HB3  sing N N 268 
PRO CG  CD   sing N N 269 
PRO CG  HG2  sing N N 270 
PRO CG  HG3  sing N N 271 
PRO CD  HD2  sing N N 272 
PRO CD  HD3  sing N N 273 
PRO OXT HXT  sing N N 274 
SER N   CA   sing N N 275 
SER N   H    sing N N 276 
SER N   H2   sing N N 277 
SER CA  C    sing N N 278 
SER CA  CB   sing N N 279 
SER CA  HA   sing N N 280 
SER C   O    doub N N 281 
SER C   OXT  sing N N 282 
SER CB  OG   sing N N 283 
SER CB  HB2  sing N N 284 
SER CB  HB3  sing N N 285 
SER OG  HG   sing N N 286 
SER OXT HXT  sing N N 287 
THR N   CA   sing N N 288 
THR N   H    sing N N 289 
THR N   H2   sing N N 290 
THR CA  C    sing N N 291 
THR CA  CB   sing N N 292 
THR CA  HA   sing N N 293 
THR C   O    doub N N 294 
THR C   OXT  sing N N 295 
THR CB  OG1  sing N N 296 
THR CB  CG2  sing N N 297 
THR CB  HB   sing N N 298 
THR OG1 HG1  sing N N 299 
THR CG2 HG21 sing N N 300 
THR CG2 HG22 sing N N 301 
THR CG2 HG23 sing N N 302 
THR OXT HXT  sing N N 303 
TRP N   CA   sing N N 304 
TRP N   H    sing N N 305 
TRP N   H2   sing N N 306 
TRP CA  C    sing N N 307 
TRP CA  CB   sing N N 308 
TRP CA  HA   sing N N 309 
TRP C   O    doub N N 310 
TRP C   OXT  sing N N 311 
TRP CB  CG   sing N N 312 
TRP CB  HB2  sing N N 313 
TRP CB  HB3  sing N N 314 
TRP CG  CD1  doub Y N 315 
TRP CG  CD2  sing Y N 316 
TRP CD1 NE1  sing Y N 317 
TRP CD1 HD1  sing N N 318 
TRP CD2 CE2  doub Y N 319 
TRP CD2 CE3  sing Y N 320 
TRP NE1 CE2  sing Y N 321 
TRP NE1 HE1  sing N N 322 
TRP CE2 CZ2  sing Y N 323 
TRP CE3 CZ3  doub Y N 324 
TRP CE3 HE3  sing N N 325 
TRP CZ2 CH2  doub Y N 326 
TRP CZ2 HZ2  sing N N 327 
TRP CZ3 CH2  sing Y N 328 
TRP CZ3 HZ3  sing N N 329 
TRP CH2 HH2  sing N N 330 
TRP OXT HXT  sing N N 331 
TYR N   CA   sing N N 332 
TYR N   H    sing N N 333 
TYR N   H2   sing N N 334 
TYR CA  C    sing N N 335 
TYR CA  CB   sing N N 336 
TYR CA  HA   sing N N 337 
TYR C   O    doub N N 338 
TYR C   OXT  sing N N 339 
TYR CB  CG   sing N N 340 
TYR CB  HB2  sing N N 341 
TYR CB  HB3  sing N N 342 
TYR CG  CD1  doub Y N 343 
TYR CG  CD2  sing Y N 344 
TYR CD1 CE1  sing Y N 345 
TYR CD1 HD1  sing N N 346 
TYR CD2 CE2  doub Y N 347 
TYR CD2 HD2  sing N N 348 
TYR CE1 CZ   doub Y N 349 
TYR CE1 HE1  sing N N 350 
TYR CE2 CZ   sing Y N 351 
TYR CE2 HE2  sing N N 352 
TYR CZ  OH   sing N N 353 
TYR OH  HH   sing N N 354 
TYR OXT HXT  sing N N 355 
VAL N   CA   sing N N 356 
VAL N   H    sing N N 357 
VAL N   H2   sing N N 358 
VAL CA  C    sing N N 359 
VAL CA  CB   sing N N 360 
VAL CA  HA   sing N N 361 
VAL C   O    doub N N 362 
VAL C   OXT  sing N N 363 
VAL CB  CG1  sing N N 364 
VAL CB  CG2  sing N N 365 
VAL CB  HB   sing N N 366 
VAL CG1 HG11 sing N N 367 
VAL CG1 HG12 sing N N 368 
VAL CG1 HG13 sing N N 369 
VAL CG2 HG21 sing N N 370 
VAL CG2 HG22 sing N N 371 
VAL CG2 HG23 sing N N 372 
VAL OXT HXT  sing N N 373 
# 
_em_ctf_correction.details                  ? 
_em_ctf_correction.em_image_processing_id   1 
_em_ctf_correction.id                       1 
_em_ctf_correction.type                     'PHASE FLIPPING AND AMPLITUDE CORRECTION' 
# 
_em_entity_assembly_molwt.entity_assembly_id   1 
_em_entity_assembly_molwt.experimental_flag    NO 
_em_entity_assembly_molwt.id                   1 
_em_entity_assembly_molwt.units                MEGADALTONS 
_em_entity_assembly_molwt.value                2.49 
# 
_em_entity_assembly_naturalsource.cell                 ? 
_em_entity_assembly_naturalsource.cellular_location    ? 
_em_entity_assembly_naturalsource.entity_assembly_id   1 
_em_entity_assembly_naturalsource.id                   2 
_em_entity_assembly_naturalsource.ncbi_tax_id          9606 
_em_entity_assembly_naturalsource.organism             'Homo sapiens' 
_em_entity_assembly_naturalsource.organelle            ? 
_em_entity_assembly_naturalsource.organ                ? 
_em_entity_assembly_naturalsource.strain               ? 
_em_entity_assembly_naturalsource.tissue               ? 
_em_entity_assembly_naturalsource.details              ? 
# 
_em_entity_assembly_recombinant.cell                 ? 
_em_entity_assembly_recombinant.entity_assembly_id   1 
_em_entity_assembly_recombinant.id                   2 
_em_entity_assembly_recombinant.ncbi_tax_id          562 
_em_entity_assembly_recombinant.organism             'Escherichia coli' 
_em_entity_assembly_recombinant.plasmid              ? 
_em_entity_assembly_recombinant.strain               ? 
# 
_em_image_processing.details              ? 
_em_image_processing.id                   1 
_em_image_processing.image_recording_id   1 
# 
_em_image_recording.average_exposure_time               0.6 
_em_image_recording.avg_electron_dose_per_subtomogram   ? 
_em_image_recording.avg_electron_dose_per_image         30.68 
_em_image_recording.details                             ? 
_em_image_recording.detector_mode                       ? 
_em_image_recording.film_or_detector_model              'GATAN K3 BIOQUANTUM (6k x 4k)' 
_em_image_recording.id                                  1 
_em_image_recording.imaging_id                          1 
_em_image_recording.num_diffraction_images              ? 
_em_image_recording.num_grids_imaged                    1 
_em_image_recording.num_real_images                     17600 
# 
_em_particle_selection.details                  ? 
_em_particle_selection.id                       1 
_em_particle_selection.image_processing_id      1 
_em_particle_selection.method                   ? 
_em_particle_selection.num_particles_selected   722571 
_em_particle_selection.reference_model          ? 
# 
loop_
_em_software.category 
_em_software.details 
_em_software.id 
_em_software.image_processing_id 
_em_software.fitting_id 
_em_software.imaging_id 
_em_software.name 
_em_software.version 
'PARTICLE SELECTION'       ? 1  1 ? ? Topaz  ?   
'IMAGE ACQUISITION'        ? 2  ? ? 1 EPU    ?   
MASKING                    ? 3  ? ? ? ?      ?   
'CTF CORRECTION'           ? 4  1 ? ? ?      ?   
'LAYERLINE INDEXING'       ? 5  ? ? ? ?      ?   
'DIFFRACTION INDEXING'     ? 6  ? ? ? ?      ?   
'MODEL FITTING'            ? 7  ? 1 ? Coot   ?   
'MODEL FITTING'            ? 8  ? 1 ? ISOLDE ?   
OTHER                      ? 9  ? ? ? ?      ?   
'INITIAL EULER ASSIGNMENT' ? 10 1 ? ? ?      ?   
'FINAL EULER ASSIGNMENT'   ? 11 1 ? ? RELION 4.1 
CLASSIFICATION             ? 12 1 ? ? ?      ?   
RECONSTRUCTION             ? 13 1 ? ? RELION 4.1 
'MODEL REFINEMENT'         ? 14 ? 1 ? PHENIX ?   
# 
_em_specimen.concentration           1.5 
_em_specimen.details                 ? 
_em_specimen.embedding_applied       NO 
_em_specimen.experiment_id           1 
_em_specimen.id                      1 
_em_specimen.shadowing_applied       NO 
_em_specimen.staining_applied        NO 
_em_specimen.vitrification_applied   YES 
# 
loop_
_pdbx_audit_support.funding_organization 
_pdbx_audit_support.country 
_pdbx_audit_support.grant_number 
_pdbx_audit_support.ordinal 
'Howard Hughes Medical Institute (HHMI)'                                                          'United States' ? 1 
'National Institutes of Health/National Institute Of Allergy and Infectious Diseases (NIH/NIAID)' 'United States' ? 2 
# 
_pdbx_initial_refinement_model.id               1 
_pdbx_initial_refinement_model.type             'in silico model' 
_pdbx_initial_refinement_model.source_name      AlphaFold 
_pdbx_initial_refinement_model.accession_code   AF-Q9UL42-F1 
# 
_atom_sites.entry_id                    8UYO 
_atom_sites.Cartn_transf_matrix[1][1]   ? 
_atom_sites.Cartn_transf_matrix[1][2]   ? 
_atom_sites.Cartn_transf_matrix[1][3]   ? 
_atom_sites.Cartn_transf_matrix[2][1]   ? 
_atom_sites.Cartn_transf_matrix[2][2]   ? 
_atom_sites.Cartn_transf_matrix[2][3]   ? 
_atom_sites.Cartn_transf_matrix[3][1]   ? 
_atom_sites.Cartn_transf_matrix[3][2]   ? 
_atom_sites.Cartn_transf_matrix[3][3]   ? 
_atom_sites.Cartn_transf_vector[1]      ? 
_atom_sites.Cartn_transf_vector[2]      ? 
_atom_sites.Cartn_transf_vector[3]      ? 
_atom_sites.Cartn_transform_axes        ? 
_atom_sites.fract_transf_matrix[1][1]   1.000000 
_atom_sites.fract_transf_matrix[1][2]   0.000000 
_atom_sites.fract_transf_matrix[1][3]   0.000000 
_atom_sites.fract_transf_matrix[2][1]   0.000000 
_atom_sites.fract_transf_matrix[2][2]   1.000000 
_atom_sites.fract_transf_matrix[2][3]   0.000000 
_atom_sites.fract_transf_matrix[3][1]   0.000000 
_atom_sites.fract_transf_matrix[3][2]   0.000000 
_atom_sites.fract_transf_matrix[3][3]   1.000000 
_atom_sites.fract_transf_vector[1]      0.00000 
_atom_sites.fract_transf_vector[2]      0.00000 
_atom_sites.fract_transf_vector[3]      0.00000 
_atom_sites.solution_primary            ? 
_atom_sites.solution_secondary          ? 
_atom_sites.solution_hydrogens          ? 
_atom_sites.special_details             ? 
# 
loop_
_atom_type.symbol 
C 
N 
O 
S 
# 
loop_
_atom_site.group_PDB 
_atom_site.id 
_atom_site.type_symbol 
_atom_site.label_atom_id 
_atom_site.label_alt_id 
_atom_site.label_comp_id 
_atom_site.label_asym_id 
_atom_site.label_entity_id 
_atom_site.label_seq_id 
_atom_site.pdbx_PDB_ins_code 
_atom_site.Cartn_x 
_atom_site.Cartn_y 
_atom_site.Cartn_z 
_atom_site.occupancy 
_atom_site.B_iso_or_equiv 
_atom_site.pdbx_formal_charge 
_atom_site.auth_seq_id 
_atom_site.auth_comp_id 
_atom_site.auth_asym_id 
_atom_site.auth_atom_id 
_atom_site.pdbx_PDB_model_num 
ATOM 1    N N   . LEU A 1 158 ? 30.152  9.203   7.092   1.00 91.81  ? 158 LEU 1 N   1 
ATOM 2    C CA  . LEU A 1 158 ? 29.844  7.974   7.818   1.00 96.60  ? 158 LEU 1 CA  1 
ATOM 3    C C   . LEU A 1 158 ? 28.316  7.823   7.944   1.00 96.85  ? 158 LEU 1 C   1 
ATOM 4    O O   . LEU A 1 158 ? 27.634  8.842   8.127   1.00 97.20  ? 158 LEU 1 O   1 
ATOM 5    C CB  . LEU A 1 158 ? 30.525  7.999   9.194   1.00 95.91  ? 158 LEU 1 CB  1 
ATOM 6    C CG  . LEU A 1 158 ? 30.469  6.739   10.061  1.00 95.02  ? 158 LEU 1 CG  1 
ATOM 7    C CD1 . LEU A 1 158 ? 31.421  5.684   9.524   1.00 94.20  ? 158 LEU 1 CD1 1 
ATOM 8    C CD2 . LEU A 1 158 ? 30.781  7.032   11.513  1.00 93.19  ? 158 LEU 1 CD2 1 
ATOM 9    N N   . PRO A 1 159 ? 27.816  6.590   7.764   1.00 93.70  ? 159 PRO 1 N   1 
ATOM 10   C CA  . PRO A 1 159 ? 26.403  6.291   8.006   1.00 94.30  ? 159 PRO 1 CA  1 
ATOM 11   C C   . PRO A 1 159 ? 25.893  6.739   9.371   1.00 93.27  ? 159 PRO 1 C   1 
ATOM 12   O O   . PRO A 1 159 ? 26.515  6.494   10.406  1.00 93.01  ? 159 PRO 1 O   1 
ATOM 13   C CB  . PRO A 1 159 ? 26.313  4.750   7.835   1.00 91.43  ? 159 PRO 1 CB  1 
ATOM 14   C CG  . PRO A 1 159 ? 27.363  4.441   6.830   1.00 91.93  ? 159 PRO 1 CG  1 
ATOM 15   C CD  . PRO A 1 159 ? 28.498  5.397   7.249   1.00 90.19  ? 159 PRO 1 CD  1 
ATOM 16   N N   . MET A 1 160 ? 24.740  7.420   9.363   1.00 88.74  ? 160 MET 1 N   1 
ATOM 17   C CA  . MET A 1 160 ? 24.203  8.103   10.542  1.00 88.93  ? 160 MET 1 CA  1 
ATOM 18   C C   . MET A 1 160 ? 23.535  7.115   11.506  1.00 89.81  ? 160 MET 1 C   1 
ATOM 19   O O   . MET A 1 160 ? 23.803  5.908   11.428  1.00 88.65  ? 160 MET 1 O   1 
ATOM 20   C CB  . MET A 1 160 ? 23.281  9.235   10.093  1.00 86.73  ? 160 MET 1 CB  1 
ATOM 21   C CG  . MET A 1 160 ? 24.112  10.337  9.437   1.00 89.29  ? 160 MET 1 CG  1 
ATOM 22   S SD  . MET A 1 160 ? 23.435  11.998  9.283   1.00 96.48  ? 160 MET 1 SD  1 
ATOM 23   C CE  . MET A 1 160 ? 21.858  11.665  8.464   1.00 89.19  ? 160 MET 1 CE  1 
ATOM 24   N N   . ARG A 1 161 ? 22.773  7.656   12.507  1.00 91.75  ? 161 ARG 1 N   1 
ATOM 25   C CA  . ARG A 1 161 ? 22.260  6.894   13.660  1.00 91.59  ? 161 ARG 1 CA  1 
ATOM 26   C C   . ARG A 1 161 ? 21.505  5.675   13.181  1.00 90.50  ? 161 ARG 1 C   1 
ATOM 27   O O   . ARG A 1 161 ? 20.782  5.764   12.181  1.00 91.59  ? 161 ARG 1 O   1 
ATOM 28   C CB  . ARG A 1 161 ? 21.263  7.720   14.486  1.00 92.03  ? 161 ARG 1 CB  1 
ATOM 29   C CG  . ARG A 1 161 ? 21.012  7.195   15.902  1.00 91.89  ? 161 ARG 1 CG  1 
ATOM 30   C CD  . ARG A 1 161 ? 19.831  7.876   16.582  1.00 91.83  ? 161 ARG 1 CD  1 
ATOM 31   N NE  . ARG A 1 161 ? 18.574  7.328   16.092  1.00 91.65  ? 161 ARG 1 NE  1 
ATOM 32   C CZ  . ARG A 1 161 ? 17.371  7.754   16.464  1.00 95.54  ? 161 ARG 1 CZ  1 
ATOM 33   N NH1 . ARG A 1 161 ? 17.219  8.727   17.335  1.00 96.30  ? 161 ARG 1 NH1 1 
ATOM 34   N NH2 . ARG A 1 161 ? 16.286  7.190   15.939  1.00 95.64  ? 161 ARG 1 NH2 1 
ATOM 35   N N   . TYR A 1 162 ? 21.647  4.558   13.924  1.00 87.50  ? 162 TYR 1 N   1 
ATOM 36   C CA  . TYR A 1 162 ? 20.784  3.392   13.748  1.00 91.90  ? 162 TYR 1 CA  1 
ATOM 37   C C   . TYR A 1 162 ? 19.302  3.748   13.760  1.00 90.70  ? 162 TYR 1 C   1 
ATOM 38   O O   . TYR A 1 162 ? 18.837  4.623   14.495  1.00 88.34  ? 162 TYR 1 O   1 
ATOM 39   C CB  . TYR A 1 162 ? 21.026  2.336   14.852  1.00 87.26  ? 162 TYR 1 CB  1 
ATOM 40   C CG  . TYR A 1 162 ? 22.317  1.502   14.902  1.00 87.56  ? 162 TYR 1 CG  1 
ATOM 41   C CD1 . TYR A 1 162 ? 22.465  0.358   14.117  1.00 86.73  ? 162 TYR 1 CD1 1 
ATOM 42   C CD2 . TYR A 1 162 ? 23.310  1.740   15.860  1.00 86.31  ? 162 TYR 1 CD2 1 
ATOM 43   C CE1 . TYR A 1 162 ? 23.604  -0.427  14.166  1.00 86.67  ? 162 TYR 1 CE1 1 
ATOM 44   C CE2 . TYR A 1 162 ? 24.441  0.940   15.950  1.00 84.17  ? 162 TYR 1 CE2 1 
ATOM 45   C CZ  . TYR A 1 162 ? 24.584  -0.132  15.088  1.00 86.79  ? 162 TYR 1 CZ  1 
ATOM 46   O OH  . TYR A 1 162 ? 25.689  -0.949  15.205  1.00 88.15  ? 162 TYR 1 OH  1 
ATOM 47   N N   . ARG A 1 163 ? 18.568  3.014   12.943  1.00 80.35  ? 163 ARG 1 N   1 
ATOM 48   C CA  . ARG A 1 163 ? 17.168  3.266   12.649  1.00 74.56  ? 163 ARG 1 CA  1 
ATOM 49   C C   . ARG A 1 163 ? 16.246  2.422   13.521  1.00 78.74  ? 163 ARG 1 C   1 
ATOM 50   O O   . ARG A 1 163 ? 16.524  1.239   13.753  1.00 81.48  ? 163 ARG 1 O   1 
ATOM 51   C CB  . ARG A 1 163 ? 16.942  3.074   11.142  1.00 76.46  ? 163 ARG 1 CB  1 
ATOM 52   C CG  . ARG A 1 163 ? 17.784  1.950   10.515  1.00 74.50  ? 163 ARG 1 CG  1 
ATOM 53   C CD  . ARG A 1 163 ? 17.670  1.926   8.971   1.00 73.76  ? 163 ARG 1 CD  1 
ATOM 54   N NE  . ARG A 1 163 ? 18.809  1.295   8.319   1.00 75.99  ? 163 ARG 1 NE  1 
ATOM 55   C CZ  . ARG A 1 163 ? 18.892  0.028   7.941   1.00 75.79  ? 163 ARG 1 CZ  1 
ATOM 56   N NH1 . ARG A 1 163 ? 17.908  -0.820  8.137   1.00 79.10  ? 163 ARG 1 NH1 1 
ATOM 57   N NH2 . ARG A 1 163 ? 20.007  -0.408  7.361   1.00 75.41  ? 163 ARG 1 NH2 1 
ATOM 58   N N   . LYS A 1 164 ? 15.211  3.057   14.074  1.00 73.32  ? 164 LYS 1 N   1 
ATOM 59   C CA  . LYS A 1 164 ? 14.248  2.387   14.936  1.00 69.59  ? 164 LYS 1 CA  1 
ATOM 60   C C   . LYS A 1 164 ? 13.452  1.341   14.146  1.00 75.17  ? 164 LYS 1 C   1 
ATOM 61   O O   . LYS A 1 164 ? 13.197  1.505   12.952  1.00 74.58  ? 164 LYS 1 O   1 
ATOM 62   C CB  . LYS A 1 164 ? 13.306  3.438   15.542  1.00 68.47  ? 164 LYS 1 CB  1 
ATOM 63   C CG  . LYS A 1 164 ? 12.341  2.922   16.602  1.00 72.39  ? 164 LYS 1 CG  1 
ATOM 64   C CD  . LYS A 1 164 ? 11.318  3.957   17.029  1.00 75.47  ? 164 LYS 1 CD  1 
ATOM 65   C CE  . LYS A 1 164 ? 10.261  3.277   17.889  1.00 76.56  ? 164 LYS 1 CE  1 
ATOM 66   N NZ  . LYS A 1 164 ? 9.191   4.211   18.327  1.00 77.47  ? 164 LYS 1 NZ  1 
ATOM 67   N N   . LEU A 1 165 ? 13.086  0.244   14.822  1.00 77.14  ? 165 LEU 1 N   1 
ATOM 68   C CA  . LEU A 1 165 ? 12.141  -0.743  14.295  1.00 75.22  ? 165 LEU 1 CA  1 
ATOM 69   C C   . LEU A 1 165 ? 10.782  -0.111  13.970  1.00 75.62  ? 165 LEU 1 C   1 
ATOM 70   O O   . LEU A 1 165 ? 10.234  0.655   14.760  1.00 73.53  ? 165 LEU 1 O   1 
ATOM 71   C CB  . LEU A 1 165 ? 11.989  -1.847  15.351  1.00 72.25  ? 165 LEU 1 CB  1 
ATOM 72   C CG  . LEU A 1 165 ? 13.197  -2.765  15.607  1.00 72.08  ? 165 LEU 1 CG  1 
ATOM 73   C CD1 . LEU A 1 165 ? 13.169  -3.339  16.983  1.00 69.89  ? 165 LEU 1 CD1 1 
ATOM 74   C CD2 . LEU A 1 165 ? 13.137  -3.952  14.683  1.00 72.90  ? 165 LEU 1 CD2 1 
ATOM 75   N N   . ARG A 1 166 ? 10.222  -0.460  12.806  1.00 73.59  ? 166 ARG 1 N   1 
ATOM 76   C CA  . ARG A 1 166 ? 8.792   -0.266  12.537  1.00 69.56  ? 166 ARG 1 CA  1 
ATOM 77   C C   . ARG A 1 166 ? 7.966   -1.152  13.486  1.00 74.65  ? 166 ARG 1 C   1 
ATOM 78   O O   . ARG A 1 166 ? 8.435   -2.192  13.952  1.00 74.83  ? 166 ARG 1 O   1 
ATOM 79   C CB  . ARG A 1 166 ? 8.494   -0.596  11.071  1.00 69.36  ? 166 ARG 1 CB  1 
ATOM 80   C CG  . ARG A 1 166 ? 9.237   0.294   10.038  1.00 70.67  ? 166 ARG 1 CG  1 
ATOM 81   C CD  . ARG A 1 166 ? 8.795   -0.011  8.601   1.00 72.01  ? 166 ARG 1 CD  1 
ATOM 82   N NE  . ARG A 1 166 ? 9.585   0.647   7.566   1.00 79.55  ? 166 ARG 1 NE  1 
ATOM 83   C CZ  . ARG A 1 166 ? 9.340   1.813   6.981   1.00 76.33  ? 166 ARG 1 CZ  1 
ATOM 84   N NH1 . ARG A 1 166 ? 8.359   2.602   7.372   1.00 69.74  ? 166 ARG 1 NH1 1 
ATOM 85   N NH2 . ARG A 1 166 ? 10.110  2.210   5.973   1.00 68.57  ? 166 ARG 1 NH2 1 
ATOM 86   N N   . VAL A 1 167 ? 6.712   -0.762  13.754  1.00 80.53  ? 167 VAL 1 N   1 
ATOM 87   C CA  . VAL A 1 167 ? 5.887   -1.394  14.802  1.00 80.76  ? 167 VAL 1 CA  1 
ATOM 88   C C   . VAL A 1 167 ? 4.410   -1.559  14.426  1.00 75.11  ? 167 VAL 1 C   1 
ATOM 89   O O   . VAL A 1 167 ? 3.884   -0.877  13.540  1.00 66.49  ? 167 VAL 1 O   1 
ATOM 90   C CB  . VAL A 1 167 ? 5.963   -0.688  16.192  1.00 75.57  ? 167 VAL 1 CB  1 
ATOM 91   C CG1 . VAL A 1 167 ? 7.363   -0.743  16.854  1.00 72.62  ? 167 VAL 1 CG1 1 
ATOM 92   C CG2 . VAL A 1 167 ? 5.540   0.762   16.071  1.00 72.94  ? 167 VAL 1 CG2 1 
ATOM 93   N N   . PHE A 1 168 ? 3.744   -2.500  15.121  1.00 75.51  ? 168 PHE 1 N   1 
ATOM 94   C CA  . PHE A 1 168 ? 2.394   -2.994  14.801  1.00 74.31  ? 168 PHE 1 CA  1 
ATOM 95   C C   . PHE A 1 168 ? 1.689   -3.549  16.036  1.00 69.56  ? 168 PHE 1 C   1 
ATOM 96   O O   . PHE A 1 168 ? 2.262   -4.371  16.757  1.00 68.90  ? 168 PHE 1 O   1 
ATOM 97   C CB  . PHE A 1 168 ? 2.540   -4.129  13.757  1.00 73.02  ? 168 PHE 1 CB  1 
ATOM 98   C CG  . PHE A 1 168 ? 1.266   -4.872  13.416  1.00 75.87  ? 168 PHE 1 CG  1 
ATOM 99   C CD1 . PHE A 1 168 ? 0.410   -4.416  12.420  1.00 72.73  ? 168 PHE 1 CD1 1 
ATOM 100  C CD2 . PHE A 1 168 ? 0.981   -6.114  14.005  1.00 70.16  ? 168 PHE 1 CD2 1 
ATOM 101  C CE1 . PHE A 1 168 ? -0.724  -5.124  12.085  1.00 63.60  ? 168 PHE 1 CE1 1 
ATOM 102  C CE2 . PHE A 1 168 ? -0.156  -6.818  13.675  1.00 69.83  ? 168 PHE 1 CE2 1 
ATOM 103  C CZ  . PHE A 1 168 ? -0.993  -6.330  12.702  1.00 70.12  ? 168 PHE 1 CZ  1 
ATOM 104  N N   . SER A 1 169 ? 0.439   -3.104  16.269  1.00 72.46  ? 169 SER 1 N   1 
ATOM 105  C CA  . SER A 1 169 ? -0.397  -3.573  17.381  1.00 77.41  ? 169 SER 1 CA  1 
ATOM 106  C C   . SER A 1 169 ? -1.421  -4.650  17.033  1.00 79.29  ? 169 SER 1 C   1 
ATOM 107  O O   . SER A 1 169 ? -1.756  -5.467  17.897  1.00 79.28  ? 169 SER 1 O   1 
ATOM 108  C CB  . SER A 1 169 ? -1.180  -2.427  18.023  1.00 78.20  ? 169 SER 1 CB  1 
ATOM 109  O OG  . SER A 1 169 ? -2.081  -1.893  17.086  1.00 79.05  ? 169 SER 1 OG  1 
ATOM 110  N N   . GLY A 1 170 ? -1.903  -4.697  15.786  1.00 79.39  ? 170 GLY 1 N   1 
ATOM 111  C CA  . GLY A 1 170 ? -3.058  -5.496  15.392  1.00 79.84  ? 170 GLY 1 CA  1 
ATOM 112  C C   . GLY A 1 170 ? -4.415  -5.016  15.889  1.00 81.66  ? 170 GLY 1 C   1 
ATOM 113  O O   . GLY A 1 170 ? -5.425  -5.685  15.633  1.00 81.14  ? 170 GLY 1 O   1 
ATOM 114  N N   . SER A 1 171 ? -4.465  -3.891  16.599  1.00 80.31  ? 171 SER 1 N   1 
ATOM 115  C CA  . SER A 1 171 ? -5.677  -3.342  17.196  1.00 77.82  ? 171 SER 1 CA  1 
ATOM 116  C C   . SER A 1 171 ? -6.643  -2.812  16.137  1.00 78.13  ? 171 SER 1 C   1 
ATOM 117  O O   . SER A 1 171 ? -6.250  -2.471  15.015  1.00 76.41  ? 171 SER 1 O   1 
ATOM 118  C CB  . SER A 1 171 ? -5.319  -2.236  18.188  1.00 77.14  ? 171 SER 1 CB  1 
ATOM 119  O OG  . SER A 1 171 ? -6.471  -1.804  18.882  1.00 74.74  ? 171 SER 1 OG  1 
ATOM 120  N N   . ALA A 1 172 ? -7.928  -2.759  16.507  1.00 83.10  ? 172 ALA 1 N   1 
ATOM 121  C CA  . ALA A 1 172 ? -8.972  -2.227  15.638  1.00 83.57  ? 172 ALA 1 CA  1 
ATOM 122  C C   . ALA A 1 172 ? -8.782  -0.749  15.297  1.00 87.27  ? 172 ALA 1 C   1 
ATOM 123  O O   . ALA A 1 172 ? -9.216  -0.310  14.228  1.00 88.31  ? 172 ALA 1 O   1 
ATOM 124  C CB  . ALA A 1 172 ? -10.349 -2.431  16.273  1.00 82.89  ? 172 ALA 1 CB  1 
ATOM 125  N N   . VAL A 1 173 ? -8.137  0.022   16.174  1.00 94.00  ? 173 VAL 1 N   1 
ATOM 126  C CA  . VAL A 1 173 ? -7.653  1.382   15.890  1.00 92.65  ? 173 VAL 1 CA  1 
ATOM 127  C C   . VAL A 1 173 ? -6.218  1.521   16.400  1.00 92.05  ? 173 VAL 1 C   1 
ATOM 128  O O   . VAL A 1 173 ? -5.983  1.559   17.615  1.00 87.19  ? 173 VAL 1 O   1 
ATOM 129  C CB  . VAL A 1 173 ? -8.553  2.476   16.516  1.00 87.69  ? 173 VAL 1 CB  1 
ATOM 130  C CG1 . VAL A 1 173 ? -8.022  3.855   16.182  1.00 85.41  ? 173 VAL 1 CG1 1 
ATOM 131  C CG2 . VAL A 1 173 ? -10.003 2.425   15.998  1.00 86.97  ? 173 VAL 1 CG2 1 
ATOM 132  N N   . PRO A 1 174 ? -5.232  1.537   15.503  1.00 96.65  ? 174 PRO 1 N   1 
ATOM 133  C CA  . PRO A 1 174 ? -3.833  1.641   15.908  1.00 95.07  ? 174 PRO 1 CA  1 
ATOM 134  C C   . PRO A 1 174 ? -3.451  3.055   16.324  1.00 95.31  ? 174 PRO 1 C   1 
ATOM 135  O O   . PRO A 1 174 ? -4.152  4.024   16.032  1.00 94.53  ? 174 PRO 1 O   1 
ATOM 136  C CB  . PRO A 1 174 ? -3.047  1.216   14.645  1.00 95.33  ? 174 PRO 1 CB  1 
ATOM 137  C CG  . PRO A 1 174 ? -3.900  1.675   13.527  1.00 94.98  ? 174 PRO 1 CG  1 
ATOM 138  C CD  . PRO A 1 174 ? -5.343  1.453   14.042  1.00 93.10  ? 174 PRO 1 CD  1 
ATOM 139  N N   . ALA A 1 175 ? -2.309  3.163   17.015  1.00 98.52  ? 175 ALA 1 N   1 
ATOM 140  C CA  . ALA A 1 175 ? -1.663  4.464   17.146  1.00 99.20  ? 175 ALA 1 CA  1 
ATOM 141  C C   . ALA A 1 175 ? -1.168  4.978   15.786  1.00 101.34 ? 175 ALA 1 C   1 
ATOM 142  O O   . ALA A 1 175 ? -0.781  4.180   14.930  1.00 101.25 ? 175 ALA 1 O   1 
ATOM 143  C CB  . ALA A 1 175 ? -0.489  4.347   18.133  1.00 99.47  ? 175 ALA 1 CB  1 
ATOM 144  N N   . PRO A 1 176 ? -1.154  6.308   15.579  1.00 104.70 ? 176 PRO 1 N   1 
ATOM 145  C CA  . PRO A 1 176 ? -0.763  6.867   14.273  1.00 105.11 ? 176 PRO 1 CA  1 
ATOM 146  C C   . PRO A 1 176 ? 0.698   6.650   13.858  1.00 106.27 ? 176 PRO 1 C   1 
ATOM 147  O O   . PRO A 1 176 ? 1.033   6.925   12.703  1.00 105.98 ? 176 PRO 1 O   1 
ATOM 148  C CB  . PRO A 1 176 ? -1.099  8.376   14.394  1.00 105.20 ? 176 PRO 1 CB  1 
ATOM 149  C CG  . PRO A 1 176 ? -1.012  8.687   15.809  1.00 105.75 ? 176 PRO 1 CG  1 
ATOM 150  C CD  . PRO A 1 176 ? -1.542  7.401   16.485  1.00 103.41 ? 176 PRO 1 CD  1 
ATOM 151  N N   . GLU A 1 177 ? 1.562   6.193   14.753  1.00 103.51 ? 177 GLU 1 N   1 
ATOM 152  C CA  . GLU A 1 177 ? 2.923   5.797   14.430  1.00 99.97  ? 177 GLU 1 CA  1 
ATOM 153  C C   . GLU A 1 177 ? 3.089   4.379   13.888  1.00 101.65 ? 177 GLU 1 C   1 
ATOM 154  O O   . GLU A 1 177 ? 4.182   4.068   13.397  1.00 102.74 ? 177 GLU 1 O   1 
ATOM 155  C CB  . GLU A 1 177 ? 3.806   5.986   15.669  1.00 99.87  ? 177 GLU 1 CB  1 
ATOM 156  C CG  . GLU A 1 177 ? 4.329   7.412   15.885  1.00 101.94 ? 177 GLU 1 CG  1 
ATOM 157  C CD  . GLU A 1 177 ? 5.502   7.827   14.956  1.00 103.36 ? 177 GLU 1 CD  1 
ATOM 158  O OE1 . GLU A 1 177 ? 5.710   7.309   13.837  1.00 105.53 ? 177 GLU 1 OE1 1 
ATOM 159  O OE2 . GLU A 1 177 ? 6.235   8.750   15.367  1.00 101.68 ? 177 GLU 1 OE2 1 
ATOM 160  N N   . GLU A 1 178 ? 2.084   3.512   13.989  1.00 94.86  ? 178 GLU 1 N   1 
ATOM 161  C CA  . GLU A 1 178 ? 2.197   2.122   13.541  1.00 92.86  ? 178 GLU 1 CA  1 
ATOM 162  C C   . GLU A 1 178 ? 2.048   1.977   12.025  1.00 90.81  ? 178 GLU 1 C   1 
ATOM 163  O O   . GLU A 1 178 ? 1.486   2.841   11.344  1.00 90.37  ? 178 GLU 1 O   1 
ATOM 164  C CB  . GLU A 1 178 ? 1.131   1.281   14.228  1.00 92.55  ? 178 GLU 1 CB  1 
ATOM 165  C CG  . GLU A 1 178 ? 1.220   1.253   15.735  1.00 92.66  ? 178 GLU 1 CG  1 
ATOM 166  C CD  . GLU A 1 178 ? 0.042   0.522   16.283  1.00 96.34  ? 178 GLU 1 CD  1 
ATOM 167  O OE1 . GLU A 1 178 ? -0.324  -0.471  15.623  1.00 95.97  ? 178 GLU 1 OE1 1 
ATOM 168  O OE2 . GLU A 1 178 ? -0.477  0.897   17.358  1.00 96.50  ? 178 GLU 1 OE2 1 
ATOM 169  N N   . GLU A 1 179 ? 2.566   0.867   11.493  1.00 85.61  ? 179 GLU 1 N   1 
ATOM 170  C CA  . GLU A 1 179 ? 2.423   0.529   10.082  1.00 85.25  ? 179 GLU 1 CA  1 
ATOM 171  C C   . GLU A 1 179 ? 1.243   -0.406  9.803   1.00 85.81  ? 179 GLU 1 C   1 
ATOM 172  O O   . GLU A 1 179 ? 0.691   -1.057  10.699  1.00 80.77  ? 179 GLU 1 O   1 
ATOM 173  C CB  . GLU A 1 179 ? 3.714   -0.128  9.554   1.00 81.07  ? 179 GLU 1 CB  1 
ATOM 174  C CG  . GLU A 1 179 ? 5.042   0.633   9.725   1.00 85.84  ? 179 GLU 1 CG  1 
ATOM 175  C CD  . GLU A 1 179 ? 5.155   1.990   8.985   1.00 87.79  ? 179 GLU 1 CD  1 
ATOM 176  O OE1 . GLU A 1 179 ? 4.251   2.437   8.236   1.00 87.47  ? 179 GLU 1 OE1 1 
ATOM 177  O OE2 . GLU A 1 179 ? 6.196   2.644   9.178   1.00 85.03  ? 179 GLU 1 OE2 1 
ATOM 178  N N   . SER A 1 180 ? 0.896   -0.482  8.507   1.00 81.98  ? 180 SER 1 N   1 
ATOM 179  C CA  . SER A 1 180 ? 0.112   -1.577  7.940   1.00 77.66  ? 180 SER 1 CA  1 
ATOM 180  C C   . SER A 1 180 ? 0.824   -2.903  8.161   1.00 72.96  ? 180 SER 1 C   1 
ATOM 181  O O   . SER A 1 180 ? 2.057   -2.955  8.223   1.00 77.61  ? 180 SER 1 O   1 
ATOM 182  C CB  . SER A 1 180 ? -0.082  -1.365  6.434   1.00 78.40  ? 180 SER 1 CB  1 
ATOM 183  O OG  . SER A 1 180 ? -0.526  -0.053  6.158   1.00 80.79  ? 180 SER 1 OG  1 
ATOM 184  N N   . PHE A 1 181 ? 0.026   -3.975  8.327   1.00 61.46  ? 181 PHE 1 N   1 
ATOM 185  C CA  . PHE A 1 181 ? 0.549   -5.339  8.451   1.00 62.29  ? 181 PHE 1 CA  1 
ATOM 186  C C   . PHE A 1 181 ? 1.477   -5.708  7.287   1.00 62.73  ? 181 PHE 1 C   1 
ATOM 187  O O   . PHE A 1 181 ? 2.504   -6.366  7.495   1.00 60.34  ? 181 PHE 1 O   1 
ATOM 188  C CB  . PHE A 1 181 ? -0.594  -6.346  8.569   1.00 60.09  ? 181 PHE 1 CB  1 
ATOM 189  C CG  . PHE A 1 181 ? -0.135  -7.757  8.792   1.00 55.82  ? 181 PHE 1 CG  1 
ATOM 190  C CD1 . PHE A 1 181 ? 0.398   -8.141  10.017  1.00 57.41  ? 181 PHE 1 CD1 1 
ATOM 191  C CD2 . PHE A 1 181 ? -0.199  -8.698  7.774   1.00 59.60  ? 181 PHE 1 CD2 1 
ATOM 192  C CE1 . PHE A 1 181 ? 0.840   -9.430  10.229  1.00 58.14  ? 181 PHE 1 CE1 1 
ATOM 193  C CE2 . PHE A 1 181 ? 0.245   -9.985  7.975   1.00 57.87  ? 181 PHE 1 CE2 1 
ATOM 194  C CZ  . PHE A 1 181 ? 0.762   -10.353 9.202   1.00 58.04  ? 181 PHE 1 CZ  1 
ATOM 195  N N   . GLU A 1 182 ? 1.145   -5.251  6.068   1.00 74.28  ? 182 GLU 1 N   1 
ATOM 196  C CA  . GLU A 1 182 ? 1.921   -5.485  4.853   1.00 77.66  ? 182 GLU 1 CA  1 
ATOM 197  C C   . GLU A 1 182 ? 3.335   -4.886  4.887   1.00 78.24  ? 182 GLU 1 C   1 
ATOM 198  O O   . GLU A 1 182 ? 4.181   -5.303  4.087   1.00 76.49  ? 182 GLU 1 O   1 
ATOM 199  C CB  . GLU A 1 182 ? 1.152   -4.923  3.637   1.00 79.39  ? 182 GLU 1 CB  1 
ATOM 200  C CG  . GLU A 1 182 ? -0.245  -5.503  3.389   1.00 79.87  ? 182 GLU 1 CG  1 
ATOM 201  C CD  . GLU A 1 182 ? -0.263  -7.015  3.194   1.00 82.17  ? 182 GLU 1 CD  1 
ATOM 202  O OE1 . GLU A 1 182 ? 0.701   -7.579  2.626   1.00 80.66  ? 182 GLU 1 OE1 1 
ATOM 203  O OE2 . GLU A 1 182 ? -1.256  -7.646  3.609   1.00 81.57  ? 182 GLU 1 OE2 1 
ATOM 204  N N   . VAL A 1 183 ? 3.589   -3.930  5.775   1.00 74.25  ? 183 VAL 1 N   1 
ATOM 205  C CA  . VAL A 1 183 ? 4.888   -3.282  5.951   1.00 72.76  ? 183 VAL 1 CA  1 
ATOM 206  C C   . VAL A 1 183 ? 5.672   -3.805  7.160   1.00 72.34  ? 183 VAL 1 C   1 
ATOM 207  O O   . VAL A 1 183 ? 6.895   -4.032  7.062   1.00 71.01  ? 183 VAL 1 O   1 
ATOM 208  C CB  . VAL A 1 183 ? 4.667   -1.746  6.003   1.00 71.36  ? 183 VAL 1 CB  1 
ATOM 209  C CG1 . VAL A 1 183 ? 5.923   -0.992  6.382   1.00 72.43  ? 183 VAL 1 CG1 1 
ATOM 210  C CG2 . VAL A 1 183 ? 4.190   -1.244  4.621   1.00 68.17  ? 183 VAL 1 CG2 1 
ATOM 211  N N   . TRP A 1 184 ? 4.993   -4.025  8.301   1.00 58.89  ? 184 TRP 1 N   1 
ATOM 212  C CA  . TRP A 1 184 ? 5.602   -4.783  9.394   1.00 52.76  ? 184 TRP 1 CA  1 
ATOM 213  C C   . TRP A 1 184 ? 6.052   -6.174  8.937   1.00 49.53  ? 184 TRP 1 C   1 
ATOM 214  O O   . TRP A 1 184 ? 7.108   -6.650  9.369   1.00 53.09  ? 184 TRP 1 O   1 
ATOM 215  C CB  . TRP A 1 184 ? 4.615   -4.925  10.568  1.00 57.26  ? 184 TRP 1 CB  1 
ATOM 216  C CG  . TRP A 1 184 ? 5.170   -5.763  11.736  1.00 60.06  ? 184 TRP 1 CG  1 
ATOM 217  C CD1 . TRP A 1 184 ? 5.882   -5.262  12.792  1.00 51.97  ? 184 TRP 1 CD1 1 
ATOM 218  C CD2 . TRP A 1 184 ? 5.129   -7.194  11.925  1.00 59.39  ? 184 TRP 1 CD2 1 
ATOM 219  N NE1 . TRP A 1 184 ? 6.287   -6.279  13.618  1.00 46.17  ? 184 TRP 1 NE1 1 
ATOM 220  C CE2 . TRP A 1 184 ? 5.842   -7.464  13.114  1.00 46.72  ? 184 TRP 1 CE2 1 
ATOM 221  C CE3 . TRP A 1 184 ? 4.582   -8.267  11.210  1.00 57.09  ? 184 TRP 1 CE3 1 
ATOM 222  C CZ2 . TRP A 1 184 ? 6.011   -8.748  13.601  1.00 44.24  ? 184 TRP 1 CZ2 1 
ATOM 223  C CZ3 . TRP A 1 184 ? 4.745   -9.545  11.712  1.00 47.09  ? 184 TRP 1 CZ3 1 
ATOM 224  C CH2 . TRP A 1 184 ? 5.445   -9.770  12.905  1.00 45.75  ? 184 TRP 1 CH2 1 
ATOM 225  N N   . LEU A 1 185 ? 5.292   -6.821  8.040   1.00 47.95  ? 185 LEU 1 N   1 
ATOM 226  C CA  . LEU A 1 185 ? 5.672   -8.107  7.451   1.00 54.60  ? 185 LEU 1 CA  1 
ATOM 227  C C   . LEU A 1 185 ? 6.888   -8.027  6.503   1.00 62.11  ? 185 LEU 1 C   1 
ATOM 228  O O   . LEU A 1 185 ? 7.624   -9.012  6.390   1.00 64.89  ? 185 LEU 1 O   1 
ATOM 229  C CB  . LEU A 1 185 ? 4.436   -8.715  6.779   1.00 54.40  ? 185 LEU 1 CB  1 
ATOM 230  C CG  . LEU A 1 185 ? 4.568   -10.098 6.149   1.00 57.33  ? 185 LEU 1 CG  1 
ATOM 231  C CD1 . LEU A 1 185 ? 4.924   -11.121 7.208   1.00 58.15  ? 185 LEU 1 CD1 1 
ATOM 232  C CD2 . LEU A 1 185 ? 3.253   -10.472 5.501   1.00 57.79  ? 185 LEU 1 CD2 1 
ATOM 233  N N   . GLU A 1 186 ? 7.238   -6.841  5.996   1.00 73.16  ? 186 GLU 1 N   1 
ATOM 234  C CA  . GLU A 1 186 ? 8.490   -6.659  5.260   1.00 70.75  ? 186 GLU 1 CA  1 
ATOM 235  C C   . GLU A 1 186 ? 9.694   -6.700  6.178   1.00 74.22  ? 186 GLU 1 C   1 
ATOM 236  O O   . GLU A 1 186 ? 10.673  -7.413  5.901   1.00 73.57  ? 186 GLU 1 O   1 
ATOM 237  C CB  . GLU A 1 186 ? 8.507   -5.349  4.468   1.00 72.06  ? 186 GLU 1 CB  1 
ATOM 238  C CG  . GLU A 1 186 ? 7.649   -5.327  3.226   1.00 76.04  ? 186 GLU 1 CG  1 
ATOM 239  C CD  . GLU A 1 186 ? 8.340   -5.945  1.993   1.00 78.35  ? 186 GLU 1 CD  1 
ATOM 240  O OE1 . GLU A 1 186 ? 9.037   -6.985  2.074   1.00 80.44  ? 186 GLU 1 OE1 1 
ATOM 241  O OE2 . GLU A 1 186 ? 8.177   -5.364  0.902   1.00 74.95  ? 186 GLU 1 OE2 1 
ATOM 242  N N   . GLN A 1 187 ? 9.627   -5.921  7.259   1.00 70.44  ? 187 GLN 1 N   1 
ATOM 243  C CA  . GLN A 1 187 ? 10.653  -5.954  8.308   1.00 64.51  ? 187 GLN 1 CA  1 
ATOM 244  C C   . GLN A 1 187 ? 10.835  -7.356  8.924   1.00 67.73  ? 187 GLN 1 C   1 
ATOM 245  O O   . GLN A 1 187 ? 11.974  -7.821  9.110   1.00 68.70  ? 187 GLN 1 O   1 
ATOM 246  C CB  . GLN A 1 187 ? 10.319  -4.915  9.359   1.00 56.10  ? 187 GLN 1 CB  1 
ATOM 247  C CG  . GLN A 1 187 ? 11.261  -4.866  10.525  1.00 60.06  ? 187 GLN 1 CG  1 
ATOM 248  C CD  . GLN A 1 187 ? 10.839  -3.803  11.504  1.00 68.10  ? 187 GLN 1 CD  1 
ATOM 249  O OE1 . GLN A 1 187 ? 11.234  -2.647  11.374  1.00 69.41  ? 187 GLN 1 OE1 1 
ATOM 250  N NE2 . GLN A 1 187 ? 9.997   -4.179  12.453  1.00 72.32  ? 187 GLN 1 NE2 1 
ATOM 251  N N   . ALA A 1 188 ? 9.723   -8.038  9.240   1.00 61.02  ? 188 ALA 1 N   1 
ATOM 252  C CA  . ALA A 1 188 ? 9.765   -9.417  9.736   1.00 52.87  ? 188 ALA 1 CA  1 
ATOM 253  C C   . ALA A 1 188 ? 10.353  -10.417 8.726   1.00 57.20  ? 188 ALA 1 C   1 
ATOM 254  O O   . ALA A 1 188 ? 11.143  -11.293 9.115   1.00 62.61  ? 188 ALA 1 O   1 
ATOM 255  C CB  . ALA A 1 188 ? 8.360   -9.845  10.143  1.00 52.50  ? 188 ALA 1 CB  1 
ATOM 256  N N   . THR A 1 189 ? 10.055  -10.261 7.428   1.00 65.75  ? 189 THR 1 N   1 
ATOM 257  C CA  . THR A 1 189 ? 10.622  -11.125 6.389   1.00 67.01  ? 189 THR 1 CA  1 
ATOM 258  C C   . THR A 1 189 ? 12.126  -10.899 6.211   1.00 70.16  ? 189 THR 1 C   1 
ATOM 259  O O   . THR A 1 189 ? 12.892  -11.866 6.046   1.00 75.63  ? 189 THR 1 O   1 
ATOM 260  C CB  . THR A 1 189 ? 9.901   -10.898 5.059   1.00 71.82  ? 189 THR 1 CB  1 
ATOM 261  O OG1 . THR A 1 189 ? 8.497   -11.166 5.229   1.00 72.49  ? 189 THR 1 OG1 1 
ATOM 262  C CG2 . THR A 1 189 ? 10.419  -11.841 3.962   1.00 72.00  ? 189 THR 1 CG2 1 
ATOM 263  N N   . GLU A 1 190 ? 12.566  -9.637  6.293   1.00 72.81  ? 190 GLU 1 N   1 
ATOM 264  C CA  . GLU A 1 190 ? 13.989  -9.295  6.336   1.00 72.99  ? 190 GLU 1 CA  1 
ATOM 265  C C   . GLU A 1 190 ? 14.711  -9.970  7.516   1.00 78.27  ? 190 GLU 1 C   1 
ATOM 266  O O   . GLU A 1 190 ? 15.744  -10.622 7.301   1.00 79.62  ? 190 GLU 1 O   1 
ATOM 267  C CB  . GLU A 1 190 ? 14.130  -7.771  6.368   1.00 74.75  ? 190 GLU 1 CB  1 
ATOM 268  C CG  . GLU A 1 190 ? 15.550  -7.223  6.443   1.00 79.39  ? 190 GLU 1 CG  1 
ATOM 269  C CD  . GLU A 1 190 ? 15.602  -5.828  7.038   1.00 78.80  ? 190 GLU 1 CD  1 
ATOM 270  O OE1 . GLU A 1 190 ? 14.683  -5.025  6.763   1.00 75.92  ? 190 GLU 1 OE1 1 
ATOM 271  O OE2 . GLU A 1 190 ? 16.567  -5.531  7.772   1.00 78.30  ? 190 GLU 1 OE2 1 
ATOM 272  N N   . ILE A 1 191 ? 14.222  -9.772  8.759   1.00 74.47  ? 191 ILE 1 N   1 
ATOM 273  C CA  . ILE A 1 191 ? 14.808  -10.394 9.964   1.00 70.38  ? 191 ILE 1 CA  1 
ATOM 274  C C   . ILE A 1 191 ? 14.893  -11.926 9.834   1.00 70.42  ? 191 ILE 1 C   1 
ATOM 275  O O   . ILE A 1 191 ? 15.915  -12.535 10.186  1.00 72.47  ? 191 ILE 1 O   1 
ATOM 276  C CB  . ILE A 1 191 ? 14.025  -9.970  11.227  1.00 67.03  ? 191 ILE 1 CB  1 
ATOM 277  C CG1 . ILE A 1 191 ? 14.206  -8.474  11.508  1.00 70.34  ? 191 ILE 1 CG1 1 
ATOM 278  C CG2 . ILE A 1 191 ? 14.439  -10.754 12.482  1.00 70.00  ? 191 ILE 1 CG2 1 
ATOM 279  C CD1 . ILE A 1 191 ? 13.308  -7.947  12.605  1.00 67.31  ? 191 ILE 1 CD1 1 
ATOM 280  N N   . VAL A 1 192 ? 13.862  -12.549 9.262   1.00 75.14  ? 192 VAL 1 N   1 
ATOM 281  C CA  . VAL A 1 192 ? 13.826  -14.003 9.097   1.00 77.13  ? 192 VAL 1 CA  1 
ATOM 282  C C   . VAL A 1 192 ? 14.837  -14.483 8.039   1.00 76.93  ? 192 VAL 1 C   1 
ATOM 283  O O   . VAL A 1 192 ? 15.633  -15.398 8.302   1.00 78.74  ? 192 VAL 1 O   1 
ATOM 284  C CB  . VAL A 1 192 ? 12.391  -14.468 8.805   1.00 76.65  ? 192 VAL 1 CB  1 
ATOM 285  C CG1 . VAL A 1 192 ? 12.354  -15.868 8.240   1.00 77.83  ? 192 VAL 1 CG1 1 
ATOM 286  C CG2 . VAL A 1 192 ? 11.592  -14.436 10.107  1.00 75.73  ? 192 VAL 1 CG2 1 
ATOM 287  N N   . LYS A 1 193 ? 14.838  -13.882 6.847   1.00 87.97  ? 193 LYS 1 N   1 
ATOM 288  C CA  . LYS A 1 193 ? 15.634  -14.357 5.715   1.00 88.55  ? 193 LYS 1 CA  1 
ATOM 289  C C   . LYS A 1 193 ? 17.083  -13.862 5.676   1.00 89.83  ? 193 LYS 1 C   1 
ATOM 290  O O   . LYS A 1 193 ? 17.966  -14.604 5.213   1.00 89.92  ? 193 LYS 1 O   1 
ATOM 291  C CB  . LYS A 1 193 ? 14.958  -13.969 4.396   1.00 89.90  ? 193 LYS 1 CB  1 
ATOM 292  C CG  . LYS A 1 193 ? 13.631  -14.662 4.131   1.00 87.75  ? 193 LYS 1 CG  1 
ATOM 293  C CD  . LYS A 1 193 ? 13.110  -14.312 2.743   1.00 90.14  ? 193 LYS 1 CD  1 
ATOM 294  C CE  . LYS A 1 193 ? 11.806  -15.032 2.435   1.00 91.61  ? 193 LYS 1 CE  1 
ATOM 295  N NZ  . LYS A 1 193 ? 11.348  -14.762 1.040   1.00 92.89  ? 193 LYS 1 NZ  1 
ATOM 296  N N   . GLU A 1 194 ? 17.370  -12.634 6.101   1.00 90.88  ? 194 GLU 1 N   1 
ATOM 297  C CA  . GLU A 1 194 ? 18.644  -11.989 5.782   1.00 90.17  ? 194 GLU 1 CA  1 
ATOM 298  C C   . GLU A 1 194 ? 19.624  -11.876 6.940   1.00 87.55  ? 194 GLU 1 C   1 
ATOM 299  O O   . GLU A 1 194 ? 20.833  -11.993 6.697   1.00 87.56  ? 194 GLU 1 O   1 
ATOM 300  C CB  . GLU A 1 194 ? 18.391  -10.575 5.235   1.00 89.16  ? 194 GLU 1 CB  1 
ATOM 301  C CG  . GLU A 1 194 ? 17.513  -10.496 3.990   1.00 86.59  ? 194 GLU 1 CG  1 
ATOM 302  C CD  . GLU A 1 194 ? 17.373  -9.078  3.461   1.00 87.45  ? 194 GLU 1 CD  1 
ATOM 303  O OE1 . GLU A 1 194 ? 18.272  -8.246  3.727   1.00 89.83  ? 194 GLU 1 OE1 1 
ATOM 304  O OE2 . GLU A 1 194 ? 16.367  -8.800  2.774   1.00 88.93  ? 194 GLU 1 OE2 1 
ATOM 305  N N   . TRP A 1 195 ? 19.167  -11.567 8.167   1.00 78.19  ? 195 TRP 1 N   1 
ATOM 306  C CA  . TRP A 1 195 ? 20.084  -11.182 9.270   1.00 77.22  ? 195 TRP 1 CA  1 
ATOM 307  C C   . TRP A 1 195 ? 20.982  -12.337 9.713   1.00 81.55  ? 195 TRP 1 C   1 
ATOM 308  O O   . TRP A 1 195 ? 20.497  -13.449 9.934   1.00 79.59  ? 195 TRP 1 O   1 
ATOM 309  C CB  . TRP A 1 195 ? 19.293  -10.658 10.480  1.00 75.14  ? 195 TRP 1 CB  1 
ATOM 310  C CG  . TRP A 1 195 ? 18.672  -9.262  10.338  1.00 73.49  ? 195 TRP 1 CG  1 
ATOM 311  C CD1 . TRP A 1 195 ? 18.379  -8.602  9.174   1.00 76.90  ? 195 TRP 1 CD1 1 
ATOM 312  C CD2 . TRP A 1 195 ? 18.263  -8.395  11.406  1.00 72.17  ? 195 TRP 1 CD2 1 
ATOM 313  N NE1 . TRP A 1 195 ? 17.830  -7.368  9.459   1.00 73.49  ? 195 TRP 1 NE1 1 
ATOM 314  C CE2 . TRP A 1 195 ? 17.743  -7.224  10.812  1.00 70.70  ? 195 TRP 1 CE2 1 
ATOM 315  C CE3 . TRP A 1 195 ? 18.287  -8.490  12.802  1.00 74.46  ? 195 TRP 1 CE3 1 
ATOM 316  C CZ2 . TRP A 1 195 ? 17.257  -6.158  11.568  1.00 73.02  ? 195 TRP 1 CZ2 1 
ATOM 317  C CZ3 . TRP A 1 195 ? 17.801  -7.433  13.548  1.00 76.21  ? 195 TRP 1 CZ3 1 
ATOM 318  C CH2 . TRP A 1 195 ? 17.293  -6.282  12.925  1.00 74.08  ? 195 TRP 1 CH2 1 
ATOM 319  N N   . PRO A 1 196 ? 22.308  -12.105 9.860   1.00 91.30  ? 196 PRO 1 N   1 
ATOM 320  C CA  . PRO A 1 196 ? 23.270  -13.127 10.293  1.00 89.96  ? 196 PRO 1 CA  1 
ATOM 321  C C   . PRO A 1 196 ? 23.300  -13.270 11.824  1.00 89.88  ? 196 PRO 1 C   1 
ATOM 322  O O   . PRO A 1 196 ? 24.193  -12.793 12.528  1.00 86.67  ? 196 PRO 1 O   1 
ATOM 323  C CB  . PRO A 1 196 ? 24.607  -12.640 9.698   1.00 86.62  ? 196 PRO 1 CB  1 
ATOM 324  C CG  . PRO A 1 196 ? 24.522  -11.113 9.770   1.00 85.30  ? 196 PRO 1 CG  1 
ATOM 325  C CD  . PRO A 1 196 ? 23.007  -10.863 9.486   1.00 85.45  ? 196 PRO 1 CD  1 
ATOM 326  N N   . VAL A 1 197 ? 22.280  -13.951 12.380  1.00 93.22  ? 197 VAL 1 N   1 
ATOM 327  C CA  . VAL A 1 197 ? 21.977  -13.911 13.818  1.00 93.05  ? 197 VAL 1 CA  1 
ATOM 328  C C   . VAL A 1 197 ? 21.566  -15.317 14.306  1.00 93.94  ? 197 VAL 1 C   1 
ATOM 329  O O   . VAL A 1 197 ? 21.155  -16.172 13.512  1.00 92.01  ? 197 VAL 1 O   1 
ATOM 330  C CB  . VAL A 1 197 ? 20.860  -12.787 14.005  1.00 90.19  ? 197 VAL 1 CB  1 
ATOM 331  C CG1 . VAL A 1 197 ? 20.258  -12.690 15.333  1.00 91.70  ? 197 VAL 1 CG1 1 
ATOM 332  C CG2 . VAL A 1 197 ? 21.401  -11.335 13.859  1.00 88.81  ? 197 VAL 1 CG2 1 
ATOM 333  N N   . THR A 1 198 ? 21.708  -15.564 15.629  1.00 103.41 ? 198 THR 1 N   1 
ATOM 334  C CA  . THR A 1 198 ? 21.303  -16.788 16.337  1.00 103.60 ? 198 THR 1 CA  1 
ATOM 335  C C   . THR A 1 198 ? 19.792  -16.753 16.594  1.00 100.19 ? 198 THR 1 C   1 
ATOM 336  O O   . THR A 1 198 ? 19.228  -15.664 16.776  1.00 99.19  ? 198 THR 1 O   1 
ATOM 337  C CB  . THR A 1 198 ? 22.119  -16.882 17.657  1.00 101.21 ? 198 THR 1 CB  1 
ATOM 338  O OG1 . THR A 1 198 ? 23.492  -17.145 17.336  1.00 100.50 ? 198 THR 1 OG1 1 
ATOM 339  C CG2 . THR A 1 198 ? 21.683  -18.006 18.635  1.00 102.06 ? 198 THR 1 CG2 1 
ATOM 340  N N   . GLU A 1 199 ? 19.139  -17.941 16.581  1.00 92.39  ? 199 GLU 1 N   1 
ATOM 341  C CA  . GLU A 1 199 ? 17.671  -18.101 16.605  1.00 93.75  ? 199 GLU 1 CA  1 
ATOM 342  C C   . GLU A 1 199 ? 16.986  -17.354 17.755  1.00 94.35  ? 199 GLU 1 C   1 
ATOM 343  O O   . GLU A 1 199 ? 16.015  -16.626 17.529  1.00 96.80  ? 199 GLU 1 O   1 
ATOM 344  C CB  . GLU A 1 199 ? 17.313  -19.591 16.673  1.00 96.85  ? 199 GLU 1 CB  1 
ATOM 345  C CG  . GLU A 1 199 ? 17.913  -20.458 15.569  1.00 96.76  ? 199 GLU 1 CG  1 
ATOM 346  C CD  . GLU A 1 199 ? 17.605  -19.926 14.188  1.00 97.25  ? 199 GLU 1 CD  1 
ATOM 347  O OE1 . GLU A 1 199 ? 16.411  -19.865 13.827  1.00 95.80  ? 199 GLU 1 OE1 1 
ATOM 348  O OE2 . GLU A 1 199 ? 18.555  -19.571 13.461  1.00 95.28  ? 199 GLU 1 OE2 1 
ATOM 349  N N   . ALA A 1 200 ? 17.478  -17.524 18.994  1.00 96.09  ? 200 ALA 1 N   1 
ATOM 350  C CA  . ALA A 1 200 ? 16.908  -16.833 20.149  1.00 97.34  ? 200 ALA 1 CA  1 
ATOM 351  C C   . ALA A 1 200 ? 17.090  -15.314 20.095  1.00 97.63  ? 200 ALA 1 C   1 
ATOM 352  O O   . ALA A 1 200 ? 16.223  -14.581 20.589  1.00 91.15  ? 200 ALA 1 O   1 
ATOM 353  C CB  . ALA A 1 200 ? 17.512  -17.377 21.454  1.00 96.81  ? 200 ALA 1 CB  1 
ATOM 354  N N   . GLU A 1 201 ? 18.102  -14.833 19.371  1.00 104.83 ? 201 GLU 1 N   1 
ATOM 355  C CA  . GLU A 1 201 ? 18.297  -13.409 19.118  1.00 103.96 ? 201 GLU 1 CA  1 
ATOM 356  C C   . GLU A 1 201 ? 17.436  -12.874 17.964  1.00 103.11 ? 201 GLU 1 C   1 
ATOM 357  O O   . GLU A 1 201 ? 16.929  -11.748 18.074  1.00 100.24 ? 201 GLU 1 O   1 
ATOM 358  C CB  . GLU A 1 201 ? 19.792  -13.097 18.955  1.00 100.00 ? 201 GLU 1 CB  1 
ATOM 359  C CG  . GLU A 1 201 ? 20.117  -11.589 18.825  1.00 101.71 ? 201 GLU 1 CG  1 
ATOM 360  C CD  . GLU A 1 201 ? 21.605  -11.265 18.770  1.00 102.97 ? 201 GLU 1 CD  1 
ATOM 361  O OE1 . GLU A 1 201 ? 22.433  -12.135 19.118  1.00 101.12 ? 201 GLU 1 OE1 1 
ATOM 362  O OE2 . GLU A 1 201 ? 21.942  -10.130 18.367  1.00 104.03 ? 201 GLU 1 OE2 1 
ATOM 363  N N   . LYS A 1 202 ? 17.218  -13.675 16.897  1.00 96.19  ? 202 LYS 1 N   1 
ATOM 364  C CA  . LYS A 1 202 ? 16.134  -13.393 15.940  1.00 90.55  ? 202 LYS 1 CA  1 
ATOM 365  C C   . LYS A 1 202 ? 14.802  -13.250 16.672  1.00 89.39  ? 202 LYS 1 C   1 
ATOM 366  O O   . LYS A 1 202 ? 14.106  -12.246 16.485  1.00 89.65  ? 202 LYS 1 O   1 
ATOM 367  C CB  . LYS A 1 202 ? 15.997  -14.480 14.863  1.00 89.06  ? 202 LYS 1 CB  1 
ATOM 368  C CG  . LYS A 1 202 ? 17.021  -14.485 13.726  1.00 90.05  ? 202 LYS 1 CG  1 
ATOM 369  C CD  . LYS A 1 202 ? 16.631  -15.491 12.633  1.00 91.00  ? 202 LYS 1 CD  1 
ATOM 370  C CE  . LYS A 1 202 ? 17.646  -15.487 11.497  1.00 92.21  ? 202 LYS 1 CE  1 
ATOM 371  N NZ  . LYS A 1 202 ? 17.324  -16.482 10.433  1.00 92.03  ? 202 LYS 1 NZ  1 
ATOM 372  N N   . LYS A 1 203 ? 14.432  -14.253 17.471  1.00 90.76  ? 203 LYS 1 N   1 
ATOM 373  C CA  . LYS A 1 203 ? 13.152  -14.304 18.172  1.00 89.70  ? 203 LYS 1 CA  1 
ATOM 374  C C   . LYS A 1 203 ? 12.977  -13.150 19.177  1.00 90.91  ? 203 LYS 1 C   1 
ATOM 375  O O   . LYS A 1 203 ? 11.869  -12.610 19.295  1.00 87.96  ? 203 LYS 1 O   1 
ATOM 376  C CB  . LYS A 1 203 ? 13.003  -15.676 18.837  1.00 89.19  ? 203 LYS 1 CB  1 
ATOM 377  C CG  . LYS A 1 203 ? 12.781  -16.733 17.769  1.00 89.99  ? 203 LYS 1 CG  1 
ATOM 378  C CD  . LYS A 1 203 ? 12.845  -18.175 18.218  1.00 90.15  ? 203 LYS 1 CD  1 
ATOM 379  C CE  . LYS A 1 203 ? 11.756  -18.497 19.207  1.00 92.09  ? 203 LYS 1 CE  1 
ATOM 380  N NZ  . LYS A 1 203 ? 11.793  -19.930 19.607  1.00 92.58  ? 203 LYS 1 NZ  1 
ATOM 381  N N   . ARG A 1 204 ? 14.061  -12.683 19.811  1.00 94.66  ? 204 ARG 1 N   1 
ATOM 382  C CA  . ARG A 1 204 ? 14.003  -11.495 20.673  1.00 95.97  ? 204 ARG 1 CA  1 
ATOM 383  C C   . ARG A 1 204 ? 13.906  -10.169 19.892  1.00 93.59  ? 204 ARG 1 C   1 
ATOM 384  O O   . ARG A 1 204 ? 13.170  -9.267  20.326  1.00 84.10  ? 204 ARG 1 O   1 
ATOM 385  C CB  . ARG A 1 204 ? 15.195  -11.492 21.647  1.00 95.75  ? 204 ARG 1 CB  1 
ATOM 386  C CG  . ARG A 1 204 ? 14.994  -12.458 22.842  1.00 95.02  ? 204 ARG 1 CG  1 
ATOM 387  C CD  . ARG A 1 204 ? 16.225  -12.715 23.723  1.00 91.81  ? 204 ARG 1 CD  1 
ATOM 388  N NE  . ARG A 1 204 ? 15.902  -13.685 24.764  1.00 95.70  ? 204 ARG 1 NE  1 
ATOM 389  C CZ  . ARG A 1 204 ? 16.795  -14.307 25.526  1.00 96.33  ? 204 ARG 1 CZ  1 
ATOM 390  N NH1 . ARG A 1 204 ? 18.084  -14.087 25.407  1.00 95.01  ? 204 ARG 1 NH1 1 
ATOM 391  N NH2 . ARG A 1 204 ? 16.380  -15.182 26.436  1.00 94.19  ? 204 ARG 1 NH2 1 
ATOM 392  N N   . TRP A 1 205 ? 14.453  -10.104 18.675  1.00 87.41  ? 205 TRP 1 N   1 
ATOM 393  C CA  . TRP A 1 205 ? 14.259  -8.946  17.787  1.00 82.87  ? 205 TRP 1 CA  1 
ATOM 394  C C   . TRP A 1 205 ? 12.864  -8.917  17.164  1.00 83.86  ? 205 TRP 1 C   1 
ATOM 395  O O   . TRP A 1 205 ? 12.284  -7.839  16.988  1.00 82.23  ? 205 TRP 1 O   1 
ATOM 396  C CB  . TRP A 1 205 ? 15.305  -8.914  16.672  1.00 77.90  ? 205 TRP 1 CB  1 
ATOM 397  C CG  . TRP A 1 205 ? 16.660  -8.403  17.054  1.00 76.73  ? 205 TRP 1 CG  1 
ATOM 398  C CD1 . TRP A 1 205 ? 17.836  -9.084  16.986  1.00 76.81  ? 205 TRP 1 CD1 1 
ATOM 399  C CD2 . TRP A 1 205 ? 16.991  -7.073  17.414  1.00 76.17  ? 205 TRP 1 CD2 1 
ATOM 400  N NE1 . TRP A 1 205 ? 18.871  -8.289  17.375  1.00 78.02  ? 205 TRP 1 NE1 1 
ATOM 401  C CE2 . TRP A 1 205 ? 18.382  -7.046  17.628  1.00 78.21  ? 205 TRP 1 CE2 1 
ATOM 402  C CE3 . TRP A 1 205 ? 16.251  -5.903  17.611  1.00 76.63  ? 205 TRP 1 CE3 1 
ATOM 403  C CZ2 . TRP A 1 205 ? 19.042  -5.914  18.026  1.00 78.82  ? 205 TRP 1 CZ2 1 
ATOM 404  C CZ3 . TRP A 1 205 ? 16.914  -4.779  18.009  1.00 77.14  ? 205 TRP 1 CZ3 1 
ATOM 405  C CH2 . TRP A 1 205 ? 18.304  -4.810  18.217  1.00 78.77  ? 205 TRP 1 CH2 1 
ATOM 406  N N   . LEU A 1 206 ? 12.341  -10.083 16.797  1.00 82.05  ? 206 LEU 1 N   1 
ATOM 407  C CA  . LEU A 1 206 ? 10.990  -10.247 16.265  1.00 75.51  ? 206 LEU 1 CA  1 
ATOM 408  C C   . LEU A 1 206 ? 9.965   -9.816  17.317  1.00 76.12  ? 206 LEU 1 C   1 
ATOM 409  O O   . LEU A 1 206 ? 9.141   -8.927  17.057  1.00 69.99  ? 206 LEU 1 O   1 
ATOM 410  C CB  . LEU A 1 206 ? 10.792  -11.690 15.791  1.00 72.49  ? 206 LEU 1 CB  1 
ATOM 411  C CG  . LEU A 1 206 ? 9.923   -11.966 14.558  1.00 73.23  ? 206 LEU 1 CG  1 
ATOM 412  C CD1 . LEU A 1 206 ? 10.403  -11.147 13.377  1.00 75.35  ? 206 LEU 1 CD1 1 
ATOM 413  C CD2 . LEU A 1 206 ? 10.046  -13.430 14.210  1.00 76.53  ? 206 LEU 1 CD2 1 
ATOM 414  N N   . ALA A 1 207 ? 10.031  -10.431 18.509  1.00 84.72  ? 207 ALA 1 N   1 
ATOM 415  C CA  . ALA A 1 207 ? 9.219   -10.098 19.688  1.00 80.13  ? 207 ALA 1 CA  1 
ATOM 416  C C   . ALA A 1 207 ? 9.236   -8.600  20.049  1.00 79.08  ? 207 ALA 1 C   1 
ATOM 417  O O   . ALA A 1 207 ? 8.171   -8.026  20.310  1.00 75.83  ? 207 ALA 1 O   1 
ATOM 418  C CB  . ALA A 1 207 ? 9.682   -10.928 20.884  1.00 74.27  ? 207 ALA 1 CB  1 
ATOM 419  N N   . GLU A 1 208 ? 10.417  -7.953  20.079  1.00 81.93  ? 208 GLU 1 N   1 
ATOM 420  C CA  . GLU A 1 208 ? 10.564  -6.524  20.408  1.00 86.31  ? 208 GLU 1 CA  1 
ATOM 421  C C   . GLU A 1 208 ? 9.761   -5.563  19.493  1.00 82.67  ? 208 GLU 1 C   1 
ATOM 422  O O   . GLU A 1 208 ? 9.392   -4.469  19.940  1.00 81.06  ? 208 GLU 1 O   1 
ATOM 423  C CB  . GLU A 1 208 ? 12.078  -6.196  20.400  1.00 87.26  ? 208 GLU 1 CB  1 
ATOM 424  C CG  . GLU A 1 208 ? 12.551  -4.725  20.433  1.00 86.13  ? 208 GLU 1 CG  1 
ATOM 425  C CD  . GLU A 1 208 ? 12.232  -3.987  21.726  1.00 87.20  ? 208 GLU 1 CD  1 
ATOM 426  O OE1 . GLU A 1 208 ? 11.845  -4.617  22.732  1.00 86.60  ? 208 GLU 1 OE1 1 
ATOM 427  O OE2 . GLU A 1 208 ? 12.320  -2.742  21.713  1.00 88.08  ? 208 GLU 1 OE2 1 
ATOM 428  N N   . SER A 1 209 ? 9.357   -5.977  18.299  1.00 76.43  ? 209 SER 1 N   1 
ATOM 429  C CA  . SER A 1 209 ? 8.600   -5.110  17.405  1.00 77.42  ? 209 SER 1 CA  1 
ATOM 430  C C   . SER A 1 209 ? 7.078   -5.147  17.651  1.00 77.81  ? 209 SER 1 C   1 
ATOM 431  O O   . SER A 1 209 ? 6.382   -4.213  17.230  1.00 75.92  ? 209 SER 1 O   1 
ATOM 432  C CB  . SER A 1 209 ? 8.929   -5.507  15.955  1.00 81.37  ? 209 SER 1 CB  1 
ATOM 433  O OG  . SER A 1 209 ? 8.243   -4.727  14.999  1.00 81.70  ? 209 SER 1 OG  1 
ATOM 434  N N   . LEU A 1 210 ? 6.552   -6.200  18.296  1.00 75.47  ? 210 LEU 1 N   1 
ATOM 435  C CA  . LEU A 1 210 ? 5.120   -6.455  18.513  1.00 71.61  ? 210 LEU 1 CA  1 
ATOM 436  C C   . LEU A 1 210 ? 4.530   -5.629  19.670  1.00 73.14  ? 210 LEU 1 C   1 
ATOM 437  O O   . LEU A 1 210 ? 5.149   -5.529  20.735  1.00 77.78  ? 210 LEU 1 O   1 
ATOM 438  C CB  . LEU A 1 210 ? 4.953   -7.943  18.829  1.00 64.67  ? 210 LEU 1 CB  1 
ATOM 439  C CG  . LEU A 1 210 ? 5.298   -8.913  17.704  1.00 63.29  ? 210 LEU 1 CG  1 
ATOM 440  C CD1 . LEU A 1 210 ? 5.239   -10.351 18.177  1.00 62.54  ? 210 LEU 1 CD1 1 
ATOM 441  C CD2 . LEU A 1 210 ? 4.267   -8.682  16.676  1.00 66.28  ? 210 LEU 1 CD2 1 
ATOM 442  N N   . ARG A 1 211 ? 3.317   -5.071  19.500  1.00 77.42  ? 211 ARG 1 N   1 
ATOM 443  C CA  . ARG A 1 211 ? 2.532   -4.548  20.654  1.00 84.06  ? 211 ARG 1 CA  1 
ATOM 444  C C   . ARG A 1 211 ? 1.040   -4.902  20.489  1.00 81.12  ? 211 ARG 1 C   1 
ATOM 445  O O   . ARG A 1 211 ? 0.668   -5.726  19.649  1.00 80.11  ? 211 ARG 1 O   1 
ATOM 446  C CB  . ARG A 1 211 ? 2.814   -3.054  20.846  1.00 80.76  ? 211 ARG 1 CB  1 
ATOM 447  C CG  . ARG A 1 211 ? 3.791   -2.788  22.031  1.00 80.69  ? 211 ARG 1 CG  1 
ATOM 448  C CD  . ARG A 1 211 ? 3.245   -3.268  23.386  1.00 78.49  ? 211 ARG 1 CD  1 
ATOM 449  N NE  . ARG A 1 211 ? 4.111   -2.935  24.514  1.00 77.92  ? 211 ARG 1 NE  1 
ATOM 450  C CZ  . ARG A 1 211 ? 3.967   -1.911  25.344  1.00 82.42  ? 211 ARG 1 CZ  1 
ATOM 451  N NH1 . ARG A 1 211 ? 3.033   -1.002  25.173  1.00 84.48  ? 211 ARG 1 NH1 1 
ATOM 452  N NH2 . ARG A 1 211 ? 4.798   -1.787  26.374  1.00 81.14  ? 211 ARG 1 NH2 1 
ATOM 453  N N   . GLY A 1 212 ? 0.187   -4.298  21.329  1.00 79.29  ? 212 GLY 1 N   1 
ATOM 454  C CA  . GLY A 1 212 ? -1.260  -4.478  21.315  1.00 77.33  ? 212 GLY 1 CA  1 
ATOM 455  C C   . GLY A 1 212 ? -1.721  -5.899  21.609  1.00 81.46  ? 212 GLY 1 C   1 
ATOM 456  O O   . GLY A 1 212 ? -1.123  -6.595  22.435  1.00 80.54  ? 212 GLY 1 O   1 
ATOM 457  N N   . PRO A 1 213 ? -2.804  -6.348  20.970  1.00 78.38  ? 213 PRO 1 N   1 
ATOM 458  C CA  . PRO A 1 213 ? -3.094  -7.796  20.932  1.00 74.71  ? 213 PRO 1 CA  1 
ATOM 459  C C   . PRO A 1 213 ? -2.047  -8.669  20.248  1.00 73.84  ? 213 PRO 1 C   1 
ATOM 460  O O   . PRO A 1 213 ? -1.973  -9.862  20.583  1.00 76.20  ? 213 PRO 1 O   1 
ATOM 461  C CB  . PRO A 1 213 ? -4.463  -7.883  20.215  1.00 79.35  ? 213 PRO 1 CB  1 
ATOM 462  C CG  . PRO A 1 213 ? -4.584  -6.658  19.408  1.00 77.47  ? 213 PRO 1 CG  1 
ATOM 463  C CD  . PRO A 1 213 ? -3.871  -5.600  20.298  1.00 74.15  ? 213 PRO 1 CD  1 
ATOM 464  N N   . ALA A 1 214 ? -1.309  -8.148  19.263  1.00 59.29  ? 214 ALA 1 N   1 
ATOM 465  C CA  . ALA A 1 214 ? -0.434  -8.941  18.397  1.00 60.61  ? 214 ALA 1 CA  1 
ATOM 466  C C   . ALA A 1 214 ? 0.710   -9.605  19.160  1.00 57.55  ? 214 ALA 1 C   1 
ATOM 467  O O   . ALA A 1 214 ? 1.098   -10.736 18.850  1.00 50.89  ? 214 ALA 1 O   1 
ATOM 468  C CB  . ALA A 1 214 ? 0.138   -8.076  17.276  1.00 63.17  ? 214 ALA 1 CB  1 
ATOM 469  N N   . LEU A 1 215 ? 1.240   -8.908  20.171  1.00 73.81  ? 215 LEU 1 N   1 
ATOM 470  C CA  . LEU A 1 215 ? 2.248   -9.424  21.088  1.00 75.87  ? 215 LEU 1 CA  1 
ATOM 471  C C   . LEU A 1 215 ? 1.814   -10.685 21.857  1.00 73.72  ? 215 LEU 1 C   1 
ATOM 472  O O   . LEU A 1 215 ? 2.672   -11.490 22.244  1.00 74.82  ? 215 LEU 1 O   1 
ATOM 473  C CB  . LEU A 1 215 ? 2.624   -8.290  22.045  1.00 71.45  ? 215 LEU 1 CB  1 
ATOM 474  C CG  . LEU A 1 215 ? 3.642   -8.429  23.167  1.00 72.10  ? 215 LEU 1 CG  1 
ATOM 475  C CD1 . LEU A 1 215 ? 4.949   -8.915  22.590  1.00 72.06  ? 215 LEU 1 CD1 1 
ATOM 476  C CD2 . LEU A 1 215 ? 3.796   -7.070  23.792  1.00 68.42  ? 215 LEU 1 CD2 1 
ATOM 477  N N   . ASP A 1 216 ? 0.515   -10.884 22.059  1.00 70.31  ? 216 ASP 1 N   1 
ATOM 478  C CA  . ASP A 1 216 ? -0.094  -11.840 22.973  1.00 67.42  ? 216 ASP 1 CA  1 
ATOM 479  C C   . ASP A 1 216 ? -0.294  -13.234 22.347  1.00 72.15  ? 216 ASP 1 C   1 
ATOM 480  O O   . ASP A 1 216 ? -0.190  -14.243 23.052  1.00 68.32  ? 216 ASP 1 O   1 
ATOM 481  C CB  . ASP A 1 216 ? -1.456  -11.316 23.465  1.00 68.19  ? 216 ASP 1 CB  1 
ATOM 482  C CG  . ASP A 1 216 ? -1.403  -9.857  23.918  1.00 73.05  ? 216 ASP 1 CG  1 
ATOM 483  O OD1 . ASP A 1 216 ? -0.336  -9.366  24.314  1.00 73.85  ? 216 ASP 1 OD1 1 
ATOM 484  O OD2 . ASP A 1 216 ? -2.471  -9.203  23.882  1.00 70.52  ? 216 ASP 1 OD2 1 
ATOM 485  N N   . LEU A 1 217 ? -0.534  -13.291 21.032  1.00 64.65  ? 217 LEU 1 N   1 
ATOM 486  C CA  . LEU A 1 217 ? -0.617  -14.521 20.225  1.00 63.04  ? 217 LEU 1 CA  1 
ATOM 487  C C   . LEU A 1 217 ? 0.671   -15.373 20.213  1.00 63.44  ? 217 LEU 1 C   1 
ATOM 488  O O   . LEU A 1 217 ? 0.592   -16.631 20.214  1.00 61.79  ? 217 LEU 1 O   1 
ATOM 489  C CB  . LEU A 1 217 ? -1.010  -14.121 18.802  1.00 60.63  ? 217 LEU 1 CB  1 
ATOM 490  C CG  . LEU A 1 217 ? -0.983  -15.152 17.675  1.00 60.22  ? 217 LEU 1 CG  1 
ATOM 491  C CD1 . LEU A 1 217 ? -2.024  -16.203 17.940  1.00 53.03  ? 217 LEU 1 CD1 1 
ATOM 492  C CD2 . LEU A 1 217 ? -1.240  -14.488 16.334  1.00 63.07  ? 217 LEU 1 CD2 1 
ATOM 493  N N   . MET A 1 218 ? 1.838   -14.712 20.133  1.00 68.54  ? 218 MET 1 N   1 
ATOM 494  C CA  . MET A 1 218 ? 3.147   -15.311 19.858  1.00 70.22  ? 218 MET 1 CA  1 
ATOM 495  C C   . MET A 1 218 ? 3.523   -16.390 20.891  1.00 75.46  ? 218 MET 1 C   1 
ATOM 496  O O   . MET A 1 218 ? 4.025   -17.461 20.520  1.00 77.29  ? 218 MET 1 O   1 
ATOM 497  C CB  . MET A 1 218 ? 4.199   -14.191 19.813  1.00 73.04  ? 218 MET 1 CB  1 
ATOM 498  C CG  . MET A 1 218 ? 5.581   -14.552 19.264  1.00 75.97  ? 218 MET 1 CG  1 
ATOM 499  S SD  . MET A 1 218 ? 5.813   -14.414 17.484  1.00 75.83  ? 218 MET 1 SD  1 
ATOM 500  C CE  . MET A 1 218 ? 7.470   -15.064 17.362  1.00 72.39  ? 218 MET 1 CE  1 
ATOM 501  N N   . HIS A 1 219 ? 3.249   -16.142 22.175  1.00 87.01  ? 219 HIS 1 N   1 
ATOM 502  C CA  . HIS A 1 219 ? 3.458   -17.123 23.249  1.00 87.69  ? 219 HIS 1 CA  1 
ATOM 503  C C   . HIS A 1 219 ? 2.578   -18.377 23.150  1.00 85.71  ? 219 HIS 1 C   1 
ATOM 504  O O   . HIS A 1 219 ? 3.094   -19.504 23.349  1.00 81.21  ? 219 HIS 1 O   1 
ATOM 505  C CB  . HIS A 1 219 ? 3.238   -16.455 24.605  1.00 87.81  ? 219 HIS 1 CB  1 
ATOM 506  C CG  . HIS A 1 219 ? 4.364   -15.592 25.041  1.00 89.86  ? 219 HIS 1 CG  1 
ATOM 507  N ND1 . HIS A 1 219 ? 4.191   -14.381 25.655  1.00 91.29  ? 219 HIS 1 ND1 1 
ATOM 508  C CD2 . HIS A 1 219 ? 5.691   -15.812 25.052  1.00 85.00  ? 219 HIS 1 CD2 1 
ATOM 509  C CE1 . HIS A 1 219 ? 5.355   -13.854 25.964  1.00 88.90  ? 219 HIS 1 CE1 1 
ATOM 510  N NE2 . HIS A 1 219 ? 6.291   -14.714 25.614  1.00 84.34  ? 219 HIS 1 NE2 1 
ATOM 511  N N   . ILE A 1 220 ? 1.260   -18.196 22.914  1.00 74.62  ? 220 ILE 1 N   1 
ATOM 512  C CA  . ILE A 1 220 ? 0.299   -19.302 22.813  1.00 68.46  ? 220 ILE 1 CA  1 
ATOM 513  C C   . ILE A 1 220 ? 0.753   -20.296 21.746  1.00 69.32  ? 220 ILE 1 C   1 
ATOM 514  O O   . ILE A 1 220 ? 0.759   -21.515 21.985  1.00 72.35  ? 220 ILE 1 O   1 
ATOM 515  C CB  . ILE A 1 220 ? -1.113  -18.771 22.496  1.00 65.26  ? 220 ILE 1 CB  1 
ATOM 516  C CG1 . ILE A 1 220 ? -1.684  -17.896 23.616  1.00 64.42  ? 220 ILE 1 CG1 1 
ATOM 517  C CG2 . ILE A 1 220 ? -2.100  -19.913 22.251  1.00 67.43  ? 220 ILE 1 CG2 1 
ATOM 518  C CD1 . ILE A 1 220 ? -2.736  -16.903 23.124  1.00 57.48  ? 220 ILE 1 CD1 1 
ATOM 519  N N   . VAL A 1 221 ? 1.164   -19.788 20.577  1.00 77.88  ? 221 VAL 1 N   1 
ATOM 520  C CA  . VAL A 1 221 ? 1.494   -20.647 19.429  1.00 83.75  ? 221 VAL 1 CA  1 
ATOM 521  C C   . VAL A 1 221 ? 2.730   -21.526 19.703  1.00 85.56  ? 221 VAL 1 C   1 
ATOM 522  O O   . VAL A 1 221 ? 2.740   -22.728 19.388  1.00 82.99  ? 221 VAL 1 O   1 
ATOM 523  C CB  . VAL A 1 221 ? 1.676   -19.790 18.166  1.00 85.30  ? 221 VAL 1 CB  1 
ATOM 524  C CG1 . VAL A 1 221 ? 2.110   -20.625 16.976  1.00 85.77  ? 221 VAL 1 CG1 1 
ATOM 525  C CG2 . VAL A 1 221 ? 0.375   -19.110 17.840  1.00 85.19  ? 221 VAL 1 CG2 1 
ATOM 526  N N   . GLN A 1 222 ? 3.746   -20.960 20.358  1.00 102.35 ? 222 GLN 1 N   1 
ATOM 527  C CA  . GLN A 1 222 ? 4.989   -21.667 20.677  1.00 103.52 ? 222 GLN 1 CA  1 
ATOM 528  C C   . GLN A 1 222 ? 4.795   -22.774 21.714  1.00 103.07 ? 222 GLN 1 C   1 
ATOM 529  O O   . GLN A 1 222 ? 5.375   -23.861 21.558  1.00 102.27 ? 222 GLN 1 O   1 
ATOM 530  C CB  . GLN A 1 222 ? 6.042   -20.672 21.164  1.00 99.60  ? 222 GLN 1 CB  1 
ATOM 531  C CG  . GLN A 1 222 ? 6.595   -19.801 20.046  1.00 99.28  ? 222 GLN 1 CG  1 
ATOM 532  C CD  . GLN A 1 222 ? 7.456   -18.642 20.533  1.00 102.81 ? 222 GLN 1 CD  1 
ATOM 533  O OE1 . GLN A 1 222 ? 7.589   -18.414 21.736  1.00 102.65 ? 222 GLN 1 OE1 1 
ATOM 534  N NE2 . GLN A 1 222 ? 8.029   -17.906 19.589  1.00 104.18 ? 222 GLN 1 NE2 1 
ATOM 535  N N   . ALA A 1 223 ? 4.031   -22.503 22.793  1.00 99.60  ? 223 ALA 1 N   1 
ATOM 536  C CA  . ALA A 1 223 ? 3.789   -23.498 23.853  1.00 96.24  ? 223 ALA 1 CA  1 
ATOM 537  C C   . ALA A 1 223 ? 3.157   -24.798 23.340  1.00 95.53  ? 223 ALA 1 C   1 
ATOM 538  O O   . ALA A 1 223 ? 3.513   -25.893 23.797  1.00 99.20  ? 223 ALA 1 O   1 
ATOM 539  C CB  . ALA A 1 223 ? 2.917   -22.895 24.945  1.00 94.56  ? 223 ALA 1 CB  1 
ATOM 540  N N   . ASP A 1 224 ? 2.240   -24.702 22.388  1.00 100.95 ? 224 ASP 1 N   1 
ATOM 541  C CA  . ASP A 1 224 ? 1.547   -25.850 21.821  1.00 103.72 ? 224 ASP 1 CA  1 
ATOM 542  C C   . ASP A 1 224 ? 2.379   -26.618 20.785  1.00 105.25 ? 224 ASP 1 C   1 
ATOM 543  O O   . ASP A 1 224 ? 1.950   -27.698 20.371  1.00 103.69 ? 224 ASP 1 O   1 
ATOM 544  C CB  . ASP A 1 224 ? 0.203   -25.410 21.209  1.00 103.81 ? 224 ASP 1 CB  1 
ATOM 545  C CG  . ASP A 1 224 ? -0.769  -24.847 22.254  1.00 103.13 ? 224 ASP 1 CG  1 
ATOM 546  O OD1 . ASP A 1 224 ? -0.524  -25.009 23.465  1.00 103.13 ? 224 ASP 1 OD1 1 
ATOM 547  O OD2 . ASP A 1 224 ? -1.798  -24.250 21.855  1.00 105.07 ? 224 ASP 1 OD2 1 
ATOM 548  N N   . ASN A 1 225 ? 3.533   -26.108 20.356  1.00 117.02 ? 225 ASN 1 N   1 
ATOM 549  C CA  . ASN A 1 225 ? 4.422   -26.834 19.433  1.00 115.66 ? 225 ASN 1 CA  1 
ATOM 550  C C   . ASN A 1 225 ? 5.873   -26.367 19.594  1.00 115.30 ? 225 ASN 1 C   1 
ATOM 551  O O   . ASN A 1 225 ? 6.299   -25.415 18.933  1.00 115.20 ? 225 ASN 1 O   1 
ATOM 552  C CB  . ASN A 1 225 ? 3.962   -26.666 17.979  1.00 113.94 ? 225 ASN 1 CB  1 
ATOM 553  C CG  . ASN A 1 225 ? 4.827   -27.448 16.912  1.00 114.70 ? 225 ASN 1 CG  1 
ATOM 554  O OD1 . ASN A 1 225 ? 5.809   -28.161 17.193  1.00 115.40 ? 225 ASN 1 OD1 1 
ATOM 555  N ND2 . ASN A 1 225 ? 4.431   -27.262 15.661  1.00 116.72 ? 225 ASN 1 ND2 1 
ATOM 556  N N   . PRO A 1 226 ? 6.656   -27.023 20.469  1.00 118.73 ? 226 PRO 1 N   1 
ATOM 557  C CA  . PRO A 1 226 ? 8.045   -26.574 20.737  1.00 117.41 ? 226 PRO 1 CA  1 
ATOM 558  C C   . PRO A 1 226 ? 9.016   -26.665 19.541  1.00 116.62 ? 226 PRO 1 C   1 
ATOM 559  O O   . PRO A 1 226 ? 10.046  -25.976 19.553  1.00 115.20 ? 226 PRO 1 O   1 
ATOM 560  C CB  . PRO A 1 226 ? 8.509   -27.506 21.890  1.00 118.28 ? 226 PRO 1 CB  1 
ATOM 561  C CG  . PRO A 1 226 ? 7.265   -27.929 22.577  1.00 117.88 ? 226 PRO 1 CG  1 
ATOM 562  C CD  . PRO A 1 226 ? 6.269   -28.074 21.404  1.00 117.57 ? 226 PRO 1 CD  1 
ATOM 563  N N   . SER A 1 227 ? 8.741   -27.484 18.538  1.00 118.75 ? 227 SER 1 N   1 
ATOM 564  C CA  . SER A 1 227 ? 9.558   -27.651 17.334  1.00 119.04 ? 227 SER 1 CA  1 
ATOM 565  C C   . SER A 1 227 ? 9.416   -26.506 16.309  1.00 120.06 ? 227 SER 1 C   1 
ATOM 566  O O   . SER A 1 227 ? 10.045  -26.588 15.244  1.00 119.41 ? 227 SER 1 O   1 
ATOM 567  C CB  . SER A 1 227 ? 9.223   -29.005 16.666  1.00 118.70 ? 227 SER 1 CB  1 
ATOM 568  O OG  . SER A 1 227 ? 7.994   -28.969 15.957  1.00 120.68 ? 227 SER 1 OG  1 
ATOM 569  N N   . ILE A 1 228 ? 8.582   -25.487 16.588  1.00 116.74 ? 228 ILE 1 N   1 
ATOM 570  C CA  . ILE A 1 228 ? 8.255   -24.392 15.664  1.00 113.10 ? 228 ILE 1 CA  1 
ATOM 571  C C   . ILE A 1 228 ? 9.490   -23.536 15.314  1.00 114.11 ? 228 ILE 1 C   1 
ATOM 572  O O   . ILE A 1 228 ? 10.256  -23.112 16.194  1.00 113.49 ? 228 ILE 1 O   1 
ATOM 573  C CB  . ILE A 1 228 ? 7.080   -23.561 16.267  1.00 113.87 ? 228 ILE 1 CB  1 
ATOM 574  C CG1 . ILE A 1 228 ? 6.312   -22.715 15.259  1.00 112.82 ? 228 ILE 1 CG1 1 
ATOM 575  C CG2 . ILE A 1 228 ? 7.392   -22.685 17.520  1.00 113.23 ? 228 ILE 1 CG2 1 
ATOM 576  C CD1 . ILE A 1 228 ? 5.326   -23.599 14.549  1.00 110.49 ? 228 ILE 1 CD1 1 
ATOM 577  N N   . SER A 1 229 ? 9.784   -23.425 14.003  1.00 112.13 ? 229 SER 1 N   1 
ATOM 578  C CA  . SER A 1 229 ? 10.767  -22.491 13.448  1.00 111.49 ? 229 SER 1 CA  1 
ATOM 579  C C   . SER A 1 229 ? 10.151  -21.100 13.282  1.00 111.31 ? 229 SER 1 C   1 
ATOM 580  O O   . SER A 1 229 ? 8.923   -20.951 13.309  1.00 113.73 ? 229 SER 1 O   1 
ATOM 581  C CB  . SER A 1 229 ? 11.270  -22.993 12.100  1.00 111.32 ? 229 SER 1 CB  1 
ATOM 582  O OG  . SER A 1 229 ? 10.193  -23.038 11.193  1.00 111.03 ? 229 SER 1 OG  1 
ATOM 583  N N   . VAL A 1 230 ? 11.000  -20.064 13.139  1.00 100.33 ? 230 VAL 1 N   1 
ATOM 584  C CA  . VAL A 1 230 ? 10.496  -18.716 12.835  1.00 100.38 ? 230 VAL 1 CA  1 
ATOM 585  C C   . VAL A 1 230 ? 9.766   -18.644 11.492  1.00 101.13 ? 230 VAL 1 C   1 
ATOM 586  O O   . VAL A 1 230 ? 8.771   -17.904 11.361  1.00 98.49  ? 230 VAL 1 O   1 
ATOM 587  C CB  . VAL A 1 230 ? 11.621  -17.643 12.890  1.00 100.78 ? 230 VAL 1 CB  1 
ATOM 588  C CG1 . VAL A 1 230 ? 12.182  -17.553 14.260  1.00 100.81 ? 230 VAL 1 CG1 1 
ATOM 589  C CG2 . VAL A 1 230 ? 12.776  -17.890 11.913  1.00 101.06 ? 230 VAL 1 CG2 1 
ATOM 590  N N   . GLU A 1 231 ? 10.171  -19.474 10.520  1.00 104.70 ? 231 GLU 1 N   1 
ATOM 591  C CA  . GLU A 1 231 ? 9.467   -19.592 9.245   1.00 105.90 ? 231 GLU 1 CA  1 
ATOM 592  C C   . GLU A 1 231 ? 8.064   -20.166 9.395   1.00 105.66 ? 231 GLU 1 C   1 
ATOM 593  O O   . GLU A 1 231 ? 7.157   -19.773 8.653   1.00 105.15 ? 231 GLU 1 O   1 
ATOM 594  C CB  . GLU A 1 231 ? 10.274  -20.454 8.263   1.00 103.47 ? 231 GLU 1 CB  1 
ATOM 595  C CG  . GLU A 1 231 ? 11.555  -19.820 7.698   1.00 104.40 ? 231 GLU 1 CG  1 
ATOM 596  C CD  . GLU A 1 231 ? 12.799  -20.009 8.543   1.00 106.97 ? 231 GLU 1 CD  1 
ATOM 597  O OE1 . GLU A 1 231 ? 12.700  -20.475 9.696   1.00 108.59 ? 231 GLU 1 OE1 1 
ATOM 598  O OE2 . GLU A 1 231 ? 13.892  -19.678 8.036   1.00 107.45 ? 231 GLU 1 OE2 1 
ATOM 599  N N   . GLU A 1 232 ? 7.863   -21.065 10.356  1.00 100.18 ? 232 GLU 1 N   1 
ATOM 600  C CA  . GLU A 1 232 ? 6.536   -21.611 10.624  1.00 99.03  ? 232 GLU 1 CA  1 
ATOM 601  C C   . GLU A 1 232 ? 5.666   -20.709 11.506  1.00 97.43  ? 232 GLU 1 C   1 
ATOM 602  O O   . GLU A 1 232 ? 4.449   -20.634 11.299  1.00 97.72  ? 232 GLU 1 O   1 
ATOM 603  C CB  . GLU A 1 232 ? 6.665   -22.989 11.259  1.00 100.15 ? 232 GLU 1 CB  1 
ATOM 604  C CG  . GLU A 1 232 ? 7.189   -24.116 10.365  1.00 102.37 ? 232 GLU 1 CG  1 
ATOM 605  C CD  . GLU A 1 232 ? 7.724   -25.272 11.198  1.00 103.06 ? 232 GLU 1 CD  1 
ATOM 606  O OE1 . GLU A 1 232 ? 8.704   -25.070 11.944  1.00 102.79 ? 232 GLU 1 OE1 1 
ATOM 607  O OE2 . GLU A 1 232 ? 7.171   -26.385 11.110  1.00 100.15 ? 232 GLU 1 OE2 1 
ATOM 608  N N   . CYS A 1 233 ? 6.258   -20.055 12.507  1.00 81.32  ? 233 CYS 1 N   1 
ATOM 609  C CA  . CYS A 1 233 ? 5.546   -19.130 13.386  1.00 80.63  ? 233 CYS 1 CA  1 
ATOM 610  C C   . CYS A 1 233 ? 4.974   -17.904 12.646  1.00 80.13  ? 233 CYS 1 C   1 
ATOM 611  O O   . CYS A 1 233 ? 3.843   -17.459 12.938  1.00 76.14  ? 233 CYS 1 O   1 
ATOM 612  C CB  . CYS A 1 233 ? 6.454   -18.739 14.542  1.00 87.18  ? 233 CYS 1 CB  1 
ATOM 613  S SG  . CYS A 1 233 ? 5.581   -17.667 15.655  1.00 81.62  ? 233 CYS 1 SG  1 
ATOM 614  N N   . LEU A 1 234 ? 5.695   -17.383 11.636  1.00 69.82  ? 234 LEU 1 N   1 
ATOM 615  C CA  . LEU A 1 234 ? 5.118   -16.317 10.795  1.00 65.35  ? 234 LEU 1 CA  1 
ATOM 616  C C   . LEU A 1 234 ? 3.895   -16.757 9.973   1.00 64.49  ? 234 LEU 1 C   1 
ATOM 617  O O   . LEU A 1 234 ? 3.016   -15.921 9.695   1.00 63.01  ? 234 LEU 1 O   1 
ATOM 618  C CB  . LEU A 1 234 ? 6.170   -15.747 9.849   1.00 65.28  ? 234 LEU 1 CB  1 
ATOM 619  C CG  . LEU A 1 234 ? 7.094   -14.623 10.327  1.00 64.10  ? 234 LEU 1 CG  1 
ATOM 620  C CD1 . LEU A 1 234 ? 7.937   -14.163 9.167   1.00 64.09  ? 234 LEU 1 CD1 1 
ATOM 621  C CD2 . LEU A 1 234 ? 6.260   -13.467 10.853  1.00 64.39  ? 234 LEU 1 CD2 1 
ATOM 622  N N   . GLU A 1 235 ? 3.784   -18.042 9.616   1.00 70.47  ? 235 GLU 1 N   1 
ATOM 623  C CA  . GLU A 1 235 ? 2.611   -18.519 8.882   1.00 68.78  ? 235 GLU 1 CA  1 
ATOM 624  C C   . GLU A 1 235 ? 1.348   -18.498 9.743   1.00 68.22  ? 235 GLU 1 C   1 
ATOM 625  O O   . GLU A 1 235 ? 0.272   -18.140 9.250   1.00 65.44  ? 235 GLU 1 O   1 
ATOM 626  C CB  . GLU A 1 235 ? 2.862   -19.927 8.337   1.00 67.69  ? 235 GLU 1 CB  1 
ATOM 627  C CG  . GLU A 1 235 ? 3.891   -19.976 7.232   1.00 71.24  ? 235 GLU 1 CG  1 
ATOM 628  C CD  . GLU A 1 235 ? 3.363   -19.376 5.946   1.00 76.40  ? 235 GLU 1 CD  1 
ATOM 629  O OE1 . GLU A 1 235 ? 2.521   -20.019 5.282   1.00 77.03  ? 235 GLU 1 OE1 1 
ATOM 630  O OE2 . GLU A 1 235 ? 3.782   -18.251 5.600   1.00 76.19  ? 235 GLU 1 OE2 1 
ATOM 631  N N   . ALA A 1 236 ? 1.464   -18.848 11.029  1.00 60.82  ? 236 ALA 1 N   1 
ATOM 632  C CA  . ALA A 1 236 ? 0.370   -18.672 11.984  1.00 56.94  ? 236 ALA 1 CA  1 
ATOM 633  C C   . ALA A 1 236 ? 0.000   -17.200 12.193  1.00 52.93  ? 236 ALA 1 C   1 
ATOM 634  O O   . ALA A 1 236 ? -1.182  -16.873 12.347  1.00 48.47  ? 236 ALA 1 O   1 
ATOM 635  C CB  . ALA A 1 236 ? 0.734   -19.312 13.324  1.00 59.84  ? 236 ALA 1 CB  1 
ATOM 636  N N   . PHE A 1 237 ? 0.997   -16.307 12.194  1.00 46.31  ? 237 PHE 1 N   1 
ATOM 637  C CA  . PHE A 1 237 ? 0.765   -14.871 12.420  1.00 45.72  ? 237 PHE 1 CA  1 
ATOM 638  C C   . PHE A 1 237 ? -0.036  -14.209 11.282  1.00 50.81  ? 237 PHE 1 C   1 
ATOM 639  O O   . PHE A 1 237 ? -0.945  -13.385 11.524  1.00 38.32  ? 237 PHE 1 O   1 
ATOM 640  C CB  . PHE A 1 237 ? 2.098   -14.176 12.638  1.00 48.10  ? 237 PHE 1 CB  1 
ATOM 641  C CG  . PHE A 1 237 ? 2.057   -13.110 13.666  1.00 44.45  ? 237 PHE 1 CG  1 
ATOM 642  C CD1 . PHE A 1 237 ? 1.728   -11.806 13.337  1.00 47.41  ? 237 PHE 1 CD1 1 
ATOM 643  C CD2 . PHE A 1 237 ? 2.283   -13.424 15.001  1.00 45.01  ? 237 PHE 1 CD2 1 
ATOM 644  C CE1 . PHE A 1 237 ? 1.665   -10.832 14.309  1.00 48.18  ? 237 PHE 1 CE1 1 
ATOM 645  C CE2 . PHE A 1 237 ? 2.221   -12.460 15.976  1.00 45.10  ? 237 PHE 1 CE2 1 
ATOM 646  C CZ  . PHE A 1 237 ? 1.905   -11.168 15.630  1.00 47.37  ? 237 PHE 1 CZ  1 
ATOM 647  N N   . LYS A 1 238 ? 0.229   -14.645 10.041  1.00 62.65  ? 238 LYS 1 N   1 
ATOM 648  C CA  . LYS A 1 238 ? -0.508  -14.198 8.852   1.00 53.39  ? 238 LYS 1 CA  1 
ATOM 649  C C   . LYS A 1 238 ? -1.992  -14.587 8.858   1.00 54.64  ? 238 LYS 1 C   1 
ATOM 650  O O   . LYS A 1 238 ? -2.824  -13.807 8.385   1.00 56.52  ? 238 LYS 1 O   1 
ATOM 651  C CB  . LYS A 1 238 ? 0.140   -14.784 7.607   1.00 48.86  ? 238 LYS 1 CB  1 
ATOM 652  C CG  . LYS A 1 238 ? 1.473   -14.204 7.217   1.00 50.73  ? 238 LYS 1 CG  1 
ATOM 653  C CD  . LYS A 1 238 ? 2.023   -14.981 6.039   1.00 52.96  ? 238 LYS 1 CD  1 
ATOM 654  C CE  . LYS A 1 238 ? 3.480   -14.660 5.788   1.00 54.07  ? 238 LYS 1 CE  1 
ATOM 655  N NZ  . LYS A 1 238 ? 4.064   -15.587 4.779   1.00 52.44  ? 238 LYS 1 NZ  1 
ATOM 656  N N   . GLN A 1 239 ? -2.340  -15.787 9.329   1.00 51.94  ? 239 GLN 1 N   1 
ATOM 657  C CA  . GLN A 1 239 ? -3.740  -16.239 9.391   1.00 43.36  ? 239 GLN 1 CA  1 
ATOM 658  C C   . GLN A 1 239 ? -4.630  -15.362 10.290  1.00 48.77  ? 239 GLN 1 C   1 
ATOM 659  O O   . GLN A 1 239 ? -5.789  -15.100 9.945   1.00 52.93  ? 239 GLN 1 O   1 
ATOM 660  C CB  . GLN A 1 239 ? -3.773  -17.688 9.882   1.00 42.63  ? 239 GLN 1 CB  1 
ATOM 661  C CG  . GLN A 1 239 ? -3.185  -18.691 8.908   1.00 48.77  ? 239 GLN 1 CG  1 
ATOM 662  C CD  . GLN A 1 239 ? -3.084  -20.087 9.503   1.00 57.41  ? 239 GLN 1 CD  1 
ATOM 663  O OE1 . GLN A 1 239 ? -3.762  -20.409 10.480  1.00 54.34  ? 239 GLN 1 OE1 1 
ATOM 664  N NE2 . GLN A 1 239 ? -2.231  -20.910 8.911   1.00 54.90  ? 239 GLN 1 NE2 1 
ATOM 665  N N   . VAL A 1 240 ? -4.112  -14.903 11.426  1.00 38.55  ? 240 VAL 1 N   1 
ATOM 666  C CA  . VAL A 1 240 ? -4.870  -14.178 12.439  1.00 33.07  ? 240 VAL 1 CA  1 
ATOM 667  C C   . VAL A 1 240 ? -4.902  -12.666 12.166  1.00 40.80  ? 240 VAL 1 C   1 
ATOM 668  O O   . VAL A 1 240 ? -5.947  -12.030 12.349  1.00 32.37  ? 240 VAL 1 O   1 
ATOM 669  C CB  . VAL A 1 240 ? -4.325  -14.493 13.847  1.00 36.42  ? 240 VAL 1 CB  1 
ATOM 670  C CG1 . VAL A 1 240 ? -5.157  -13.831 14.950  1.00 27.06  ? 240 VAL 1 CG1 1 
ATOM 671  C CG2 . VAL A 1 240 ? -4.289  -15.987 14.056  1.00 39.90  ? 240 VAL 1 CG2 1 
ATOM 672  N N   . PHE A 1 241 ? -3.829  -12.086 11.622  1.00 54.43  ? 241 PHE 1 N   1 
ATOM 673  C CA  . PHE A 1 241 ? -3.766  -10.640 11.436  1.00 49.30  ? 241 PHE 1 CA  1 
ATOM 674  C C   . PHE A 1 241 ? -3.738  -10.178 9.981   1.00 47.49  ? 241 PHE 1 C   1 
ATOM 675  O O   . PHE A 1 241 ? -3.880  -8.975  9.737   1.00 47.77  ? 241 PHE 1 O   1 
ATOM 676  C CB  . PHE A 1 241 ? -2.573  -10.050 12.210  1.00 44.19  ? 241 PHE 1 CB  1 
ATOM 677  C CG  . PHE A 1 241 ? -2.755  -10.073 13.699  1.00 38.24  ? 241 PHE 1 CG  1 
ATOM 678  C CD1 . PHE A 1 241 ? -3.579  -9.132  14.314  1.00 39.17  ? 241 PHE 1 CD1 1 
ATOM 679  C CD2 . PHE A 1 241 ? -2.175  -11.057 14.484  1.00 42.57  ? 241 PHE 1 CD2 1 
ATOM 680  C CE1 . PHE A 1 241 ? -3.769  -9.141  15.684  1.00 41.96  ? 241 PHE 1 CE1 1 
ATOM 681  C CE2 . PHE A 1 241 ? -2.375  -11.072 15.858  1.00 46.13  ? 241 PHE 1 CE2 1 
ATOM 682  C CZ  . PHE A 1 241 ? -3.183  -10.120 16.447  1.00 45.71  ? 241 PHE 1 CZ  1 
ATOM 683  N N   . GLY A 1 242 ? -3.522  -11.071 9.018   1.00 41.89  ? 242 GLY 1 N   1 
ATOM 684  C CA  . GLY A 1 242 ? -3.516  -10.755 7.590   1.00 46.85  ? 242 GLY 1 CA  1 
ATOM 685  C C   . GLY A 1 242 ? -4.852  -10.289 7.003   1.00 52.71  ? 242 GLY 1 C   1 
ATOM 686  O O   . GLY A 1 242 ? -5.783  -9.948  7.749   1.00 56.62  ? 242 GLY 1 O   1 
ATOM 687  N N   . SER A 1 243 ? -5.008  -10.302 5.683   1.00 58.22  ? 243 SER 1 N   1 
ATOM 688  C CA  . SER A 1 243 ? -6.207  -9.737  5.072   1.00 55.92  ? 243 SER 1 CA  1 
ATOM 689  C C   . SER A 1 243 ? -6.861  -10.640 4.037   1.00 55.65  ? 243 SER 1 C   1 
ATOM 690  O O   . SER A 1 243 ? -6.194  -11.315 3.250   1.00 51.11  ? 243 SER 1 O   1 
ATOM 691  C CB  . SER A 1 243 ? -5.891  -8.377  4.442   1.00 54.64  ? 243 SER 1 CB  1 
ATOM 692  O OG  . SER A 1 243 ? -7.076  -7.740  4.006   1.00 56.34  ? 243 SER 1 OG  1 
ATOM 693  N N   . LEU A 1 244 ? -8.198  -10.658 4.092   1.00 55.50  ? 244 LEU 1 N   1 
ATOM 694  C CA  . LEU A 1 244 ? -9.087  -11.426 3.223   1.00 57.60  ? 244 LEU 1 CA  1 
ATOM 695  C C   . LEU A 1 244 ? -10.020 -10.457 2.503   1.00 59.82  ? 244 LEU 1 C   1 
ATOM 696  O O   . LEU A 1 244 ? -10.635 -9.598  3.138   1.00 60.44  ? 244 LEU 1 O   1 
ATOM 697  C CB  . LEU A 1 244 ? -9.910  -12.395 4.084   1.00 58.26  ? 244 LEU 1 CB  1 
ATOM 698  C CG  . LEU A 1 244 ? -9.153  -13.480 4.857   1.00 54.45  ? 244 LEU 1 CG  1 
ATOM 699  C CD1 . LEU A 1 244 ? -10.072 -14.159 5.856   1.00 48.44  ? 244 LEU 1 CD1 1 
ATOM 700  C CD2 . LEU A 1 244 ? -8.569  -14.513 3.916   1.00 50.65  ? 244 LEU 1 CD2 1 
ATOM 701  N N   . GLU A 1 245 ? -10.101 -10.580 1.169   1.00 53.08  ? 245 GLU 1 N   1 
ATOM 702  C CA  . GLU A 1 245 ? -10.867 -9.655  0.333   1.00 51.55  ? 245 GLU 1 CA  1 
ATOM 703  C C   . GLU A 1 245 ? -11.245 -10.316 -0.987  1.00 51.96  ? 245 GLU 1 C   1 
ATOM 704  O O   . GLU A 1 245 ? -10.370 -10.855 -1.682  1.00 48.18  ? 245 GLU 1 O   1 
ATOM 705  C CB  . GLU A 1 245 ? -10.029 -8.386  0.085   1.00 49.88  ? 245 GLU 1 CB  1 
ATOM 706  C CG  . GLU A 1 245 ? -10.724 -7.255  -0.665  1.00 56.50  ? 245 GLU 1 CG  1 
ATOM 707  C CD  . GLU A 1 245 ? -9.790  -6.084  -0.938  1.00 57.94  ? 245 GLU 1 CD  1 
ATOM 708  O OE1 . GLU A 1 245 ? -8.681  -6.313  -1.463  1.00 59.40  ? 245 GLU 1 OE1 1 
ATOM 709  O OE2 . GLU A 1 245 ? -10.162 -4.935  -0.609  1.00 47.80  ? 245 GLU 1 OE2 1 
ATOM 710  N N   . SER A 1 246 ? -12.542 -10.301 -1.316  1.00 46.22  ? 246 SER 1 N   1 
ATOM 711  C CA  . SER A 1 246 ? -13.040 -10.907 -2.557  1.00 40.41  ? 246 SER 1 CA  1 
ATOM 712  C C   . SER A 1 246 ? -12.588 -10.092 -3.775  1.00 48.27  ? 246 SER 1 C   1 
ATOM 713  O O   . SER A 1 246 ? -12.241 -8.912  -3.663  1.00 50.18  ? 246 SER 1 O   1 
ATOM 714  C CB  . SER A 1 246 ? -14.567 -11.035 -2.534  1.00 40.35  ? 246 SER 1 CB  1 
ATOM 715  O OG  . SER A 1 246 ? -15.202 -9.774  -2.493  1.00 40.67  ? 246 SER 1 OG  1 
ATOM 716  N N   . ARG A 1 247 ? -12.579 -10.757 -4.942  1.00 46.92  ? 247 ARG 1 N   1 
ATOM 717  C CA  . ARG A 1 247 ? -12.419 -10.115 -6.249  1.00 37.56  ? 247 ARG 1 CA  1 
ATOM 718  C C   . ARG A 1 247 ? -13.403 -8.953  -6.473  1.00 35.14  ? 247 ARG 1 C   1 
ATOM 719  O O   . ARG A 1 247 ? -12.990 -7.835  -6.860  1.00 54.39  ? 247 ARG 1 O   1 
ATOM 720  C CB  . ARG A 1 247 ? -12.548 -11.185 -7.347  1.00 34.69  ? 247 ARG 1 CB  1 
ATOM 721  C CG  . ARG A 1 247 ? -12.220 -10.736 -8.786  1.00 36.21  ? 247 ARG 1 CG  1 
ATOM 722  C CD  . ARG A 1 247 ? -12.870 -11.640 -9.844  1.00 38.90  ? 247 ARG 1 CD  1 
ATOM 723  N NE  . ARG A 1 247 ? -14.314 -11.554 -9.778  1.00 48.58  ? 247 ARG 1 NE  1 
ATOM 724  C CZ  . ARG A 1 247 ? -15.044 -10.471 -10.020 1.00 50.25  ? 247 ARG 1 CZ  1 
ATOM 725  N NH1 . ARG A 1 247 ? -14.578 -9.460  -10.724 1.00 49.25  ? 247 ARG 1 NH1 1 
ATOM 726  N NH2 . ARG A 1 247 ? -16.306 -10.428 -9.604  1.00 45.67  ? 247 ARG 1 NH2 1 
ATOM 727  N N   . ARG A 1 248 ? -14.687 -9.191  -6.183  1.00 21.06  ? 248 ARG 1 N   1 
ATOM 728  C CA  . ARG A 1 248 ? -15.724 -8.167  -6.274  1.00 19.69  ? 248 ARG 1 CA  1 
ATOM 729  C C   . ARG A 1 248 ? -15.491 -6.970  -5.334  1.00 18.40  ? 248 ARG 1 C   1 
ATOM 730  O O   . ARG A 1 248 ? -15.714 -5.818  -5.750  1.00 38.78  ? 248 ARG 1 O   1 
ATOM 731  C CB  . ARG A 1 248 ? -17.097 -8.787  -6.021  1.00 27.43  ? 248 ARG 1 CB  1 
ATOM 732  C CG  . ARG A 1 248 ? -18.237 -7.807  -6.291  1.00 29.22  ? 248 ARG 1 CG  1 
ATOM 733  C CD  . ARG A 1 248 ? -19.630 -8.359  -5.988  1.00 21.38  ? 248 ARG 1 CD  1 
ATOM 734  N NE  . ARG A 1 248 ? -20.691 -7.370  -6.095  1.00 18.35  ? 248 ARG 1 NE  1 
ATOM 735  C CZ  . ARG A 1 248 ? -20.929 -6.368  -5.255  1.00 20.46  ? 248 ARG 1 CZ  1 
ATOM 736  N NH1 . ARG A 1 248 ? -20.179 -6.142  -4.195  1.00 28.02  ? 248 ARG 1 NH1 1 
ATOM 737  N NH2 . ARG A 1 248 ? -21.948 -5.553  -5.490  1.00 20.67  ? 248 ARG 1 NH2 1 
ATOM 738  N N   . THR A 1 249 ? -14.982 -7.195  -4.109  1.00 25.61  ? 249 THR 1 N   1 
ATOM 739  C CA  . THR A 1 249 ? -14.688 -6.073  -3.204  1.00 38.01  ? 249 THR 1 CA  1 
ATOM 740  C C   . THR A 1 249 ? -13.497 -5.223  -3.676  1.00 37.73  ? 249 THR 1 C   1 
ATOM 741  O O   . THR A 1 249 ? -13.573 -3.983  -3.589  1.00 36.90  ? 249 THR 1 O   1 
ATOM 742  C CB  . THR A 1 249 ? -14.447 -6.627  -1.786  1.00 46.94  ? 249 THR 1 CB  1 
ATOM 743  O OG1 . THR A 1 249 ? -15.678 -7.170  -1.265  1.00 48.38  ? 249 THR 1 OG1 1 
ATOM 744  C CG2 . THR A 1 249 ? -14.007 -5.553  -0.784  1.00 43.50  ? 249 THR 1 CG2 1 
ATOM 745  N N   . ALA A 1 250 ? -12.478 -5.838  -4.291  1.00 29.67  ? 250 ALA 1 N   1 
ATOM 746  C CA  . ALA A 1 250 ? -11.325 -5.119  -4.835  1.00 32.71  ? 250 ALA 1 CA  1 
ATOM 747  C C   . ALA A 1 250 ? -11.739 -4.195  -5.986  1.00 37.32  ? 250 ALA 1 C   1 
ATOM 748  O O   . ALA A 1 250 ? -11.437 -2.978  -5.978  1.00 45.11  ? 250 ALA 1 O   1 
ATOM 749  C CB  . ALA A 1 250 ? -10.271 -6.125  -5.296  1.00 31.57  ? 250 ALA 1 CB  1 
ATOM 750  N N   . GLN A 1 251 ? -12.581 -4.738  -6.881  1.00 39.48  ? 251 GLN 1 N   1 
ATOM 751  C CA  . GLN A 1 251 ? -13.140 -4.010  -8.020  1.00 26.43  ? 251 GLN 1 CA  1 
ATOM 752  C C   . GLN A 1 251 ? -14.065 -2.841  -7.628  1.00 18.91  ? 251 GLN 1 C   1 
ATOM 753  O O   . GLN A 1 251 ? -13.877 -1.695  -8.097  1.00 37.67  ? 251 GLN 1 O   1 
ATOM 754  C CB  . GLN A 1 251 ? -13.879 -5.032  -8.864  1.00 19.66  ? 251 GLN 1 CB  1 
ATOM 755  C CG  . GLN A 1 251 ? -14.392 -4.591  -10.199 1.00 36.91  ? 251 GLN 1 CG  1 
ATOM 756  C CD  . GLN A 1 251 ? -14.821 -5.782  -11.033 1.00 43.75  ? 251 GLN 1 CD  1 
ATOM 757  O OE1 . GLN A 1 251 ? -15.413 -6.727  -10.512 1.00 43.18  ? 251 GLN 1 OE1 1 
ATOM 758  N NE2 . GLN A 1 251 ? -14.488 -5.750  -12.312 1.00 40.62  ? 251 GLN 1 NE2 1 
ATOM 759  N N   . VAL A 1 252 ? -15.023 -3.095  -6.729  1.00 9.25   ? 252 VAL 1 N   1 
ATOM 760  C CA  . VAL A 1 252 ? -15.970 -2.079  -6.263  1.00 9.76   ? 252 VAL 1 CA  1 
ATOM 761  C C   . VAL A 1 252 ? -15.284 -0.970  -5.452  1.00 22.69  ? 252 VAL 1 C   1 
ATOM 762  O O   . VAL A 1 252 ? -15.622 0.217   -5.599  1.00 26.67  ? 252 VAL 1 O   1 
ATOM 763  C CB  . VAL A 1 252 ? -17.092 -2.788  -5.473  1.00 18.38  ? 252 VAL 1 CB  1 
ATOM 764  C CG1 . VAL A 1 252 ? -17.877 -1.866  -4.558  1.00 21.70  ? 252 VAL 1 CG1 1 
ATOM 765  C CG2 . VAL A 1 252 ? -18.044 -3.490  -6.435  1.00 13.90  ? 252 VAL 1 CG2 1 
ATOM 766  N N   . ARG A 1 253 ? -14.286 -1.318  -4.638  1.00 39.02  ? 253 ARG 1 N   1 
ATOM 767  C CA  . ARG A 1 253 ? -13.555 -0.364  -3.808  1.00 40.45  ? 253 ARG 1 CA  1 
ATOM 768  C C   . ARG A 1 253 ? -12.669 0.579   -4.627  1.00 39.44  ? 253 ARG 1 C   1 
ATOM 769  O O   . ARG A 1 253 ? -12.509 1.755   -4.262  1.00 31.76  ? 253 ARG 1 O   1 
ATOM 770  C CB  . ARG A 1 253 ? -12.771 -1.147  -2.751  1.00 43.00  ? 253 ARG 1 CB  1 
ATOM 771  C CG  . ARG A 1 253 ? -11.955 -0.348  -1.761  1.00 41.95  ? 253 ARG 1 CG  1 
ATOM 772  C CD  . ARG A 1 253 ? -11.432 -1.266  -0.650  1.00 37.23  ? 253 ARG 1 CD  1 
ATOM 773  N NE  . ARG A 1 253 ? -12.486 -1.524  0.318   1.00 48.97  ? 253 ARG 1 NE  1 
ATOM 774  C CZ  . ARG A 1 253 ? -12.515 -2.535  1.177   1.00 50.70  ? 253 ARG 1 CZ  1 
ATOM 775  N NH1 . ARG A 1 253 ? -11.659 -3.532  1.112   1.00 45.84  ? 253 ARG 1 NH1 1 
ATOM 776  N NH2 . ARG A 1 253 ? -13.449 -2.561  2.120   1.00 40.38  ? 253 ARG 1 NH2 1 
ATOM 777  N N   . TYR A 1 254 ? -12.163 0.112   -5.771  1.00 40.29  ? 254 TYR 1 N   1 
ATOM 778  C CA  . TYR A 1 254 ? -11.481 0.995   -6.723  1.00 28.90  ? 254 TYR 1 CA  1 
ATOM 779  C C   . TYR A 1 254 ? -12.444 1.972   -7.401  1.00 26.40  ? 254 TYR 1 C   1 
ATOM 780  O O   . TYR A 1 254 ? -12.304 3.194   -7.238  1.00 26.08  ? 254 TYR 1 O   1 
ATOM 781  C CB  . TYR A 1 254 ? -10.734 0.187   -7.774  1.00 25.59  ? 254 TYR 1 CB  1 
ATOM 782  C CG  . TYR A 1 254 ? -10.143 1.003   -8.907  1.00 25.60  ? 254 TYR 1 CG  1 
ATOM 783  C CD1 . TYR A 1 254 ? -9.185  1.987   -8.669  1.00 36.97  ? 254 TYR 1 CD1 1 
ATOM 784  C CD2 . TYR A 1 254 ? -10.544 0.797   -10.225 1.00 29.42  ? 254 TYR 1 CD2 1 
ATOM 785  C CE1 . TYR A 1 254 ? -8.632  2.731   -9.703  1.00 38.82  ? 254 TYR 1 CE1 1 
ATOM 786  C CE2 . TYR A 1 254 ? -10.004 1.531   -11.266 1.00 35.89  ? 254 TYR 1 CE2 1 
ATOM 787  C CZ  . TYR A 1 254 ? -9.053  2.494   -10.997 1.00 35.90  ? 254 TYR 1 CZ  1 
ATOM 788  O OH  . TYR A 1 254 ? -8.512  3.226   -12.029 1.00 40.10  ? 254 TYR 1 OH  1 
ATOM 789  N N   . LEU A 1 255 ? -13.402 1.456   -8.192  1.00 32.18  ? 255 LEU 1 N   1 
ATOM 790  C CA  . LEU A 1 255 ? -14.331 2.265   -9.013  1.00 27.62  ? 255 LEU 1 CA  1 
ATOM 791  C C   . LEU A 1 255 ? -15.155 3.325   -8.250  1.00 24.93  ? 255 LEU 1 C   1 
ATOM 792  O O   . LEU A 1 255 ? -15.600 4.298   -8.873  1.00 42.47  ? 255 LEU 1 O   1 
ATOM 793  C CB  . LEU A 1 255 ? -15.274 1.322   -9.764  1.00 5.55   ? 255 LEU 1 CB  1 
ATOM 794  C CG  . LEU A 1 255 ? -14.736 0.458   -10.910 1.00 20.30  ? 255 LEU 1 CG  1 
ATOM 795  C CD1 . LEU A 1 255 ? -15.810 -0.501  -11.362 1.00 24.10  ? 255 LEU 1 CD1 1 
ATOM 796  C CD2 . LEU A 1 255 ? -14.305 1.315   -12.094 1.00 32.34  ? 255 LEU 1 CD2 1 
ATOM 797  N N   . LYS A 1 256 ? -15.378 3.178   -6.948  1.00 27.08  ? 256 LYS 1 N   1 
ATOM 798  C CA  . LYS A 1 256 ? -16.117 4.149   -6.130  1.00 27.67  ? 256 LYS 1 CA  1 
ATOM 799  C C   . LYS A 1 256 ? -15.291 5.400   -5.666  1.00 36.13  ? 256 LYS 1 C   1 
ATOM 800  O O   . LYS A 1 256 ? -15.841 6.215   -4.908  1.00 39.16  ? 256 LYS 1 O   1 
ATOM 801  C CB  . LYS A 1 256 ? -16.769 3.443   -4.922  1.00 34.23  ? 256 LYS 1 CB  1 
ATOM 802  C CG  . LYS A 1 256 ? -15.907 3.208   -3.671  1.00 44.10  ? 256 LYS 1 CG  1 
ATOM 803  C CD  . LYS A 1 256 ? -16.788 2.667   -2.543  1.00 42.61  ? 256 LYS 1 CD  1 
ATOM 804  C CE  . LYS A 1 256 ? -16.020 2.550   -1.243  1.00 43.90  ? 256 LYS 1 CE  1 
ATOM 805  N NZ  . LYS A 1 256 ? -16.896 2.102   -0.124  1.00 42.32  ? 256 LYS 1 NZ  1 
ATOM 806  N N   . THR A 1 257 ? -14.041 5.607   -6.089  1.00 42.05  ? 257 THR 1 N   1 
ATOM 807  C CA  . THR A 1 257 ? -13.125 6.569   -5.465  1.00 41.62  ? 257 THR 1 CA  1 
ATOM 808  C C   . THR A 1 257 ? -13.115 7.926   -6.190  1.00 44.24  ? 257 THR 1 C   1 
ATOM 809  O O   . THR A 1 257 ? -12.765 8.005   -7.374  1.00 48.91  ? 257 THR 1 O   1 
ATOM 810  C CB  . THR A 1 257 ? -11.716 5.977   -5.442  1.00 41.45  ? 257 THR 1 CB  1 
ATOM 811  O OG1 . THR A 1 257 ? -11.756 4.704   -4.766  1.00 50.05  ? 257 THR 1 OG1 1 
ATOM 812  C CG2 . THR A 1 257 ? -10.748 6.891   -4.715  1.00 42.43  ? 257 THR 1 CG2 1 
ATOM 813  N N   . TYR A 1 258 ? -13.475 9.007   -5.452  1.00 54.68  ? 258 TYR 1 N   1 
ATOM 814  C CA  . TYR A 1 258 ? -13.706 10.365  -5.967  1.00 55.73  ? 258 TYR 1 CA  1 
ATOM 815  C C   . TYR A 1 258 ? -12.861 11.389  -5.203  1.00 56.93  ? 258 TYR 1 C   1 
ATOM 816  O O   . TYR A 1 258 ? -12.398 11.127  -4.091  1.00 66.40  ? 258 TYR 1 O   1 
ATOM 817  C CB  . TYR A 1 258 ? -15.216 10.737  -5.855  1.00 56.71  ? 258 TYR 1 CB  1 
ATOM 818  C CG  . TYR A 1 258 ? -16.041 10.099  -6.936  1.00 56.01  ? 258 TYR 1 CG  1 
ATOM 819  C CD1 . TYR A 1 258 ? -16.227 10.742  -8.149  1.00 57.13  ? 258 TYR 1 CD1 1 
ATOM 820  C CD2 . TYR A 1 258 ? -16.590 8.819   -6.774  1.00 59.96  ? 258 TYR 1 CD2 1 
ATOM 821  C CE1 . TYR A 1 258 ? -16.918 10.170  -9.138  1.00 61.00  ? 258 TYR 1 CE1 1 
ATOM 822  C CE2 . TYR A 1 258 ? -17.285 8.233   -7.776  1.00 60.44  ? 258 TYR 1 CE2 1 
ATOM 823  C CZ  . TYR A 1 258 ? -17.454 8.921   -8.958  1.00 62.52  ? 258 TYR 1 CZ  1 
ATOM 824  O OH  . TYR A 1 258 ? -18.133 8.359   -9.985  1.00 66.42  ? 258 TYR 1 OH  1 
ATOM 825  N N   . GLN A 1 259 ? -12.610 12.545  -5.843  1.00 52.76  ? 259 GLN 1 N   1 
ATOM 826  C CA  . GLN A 1 259 ? -11.759 13.599  -5.272  1.00 55.37  ? 259 GLN 1 CA  1 
ATOM 827  C C   . GLN A 1 259 ? -12.428 14.286  -4.078  1.00 55.47  ? 259 GLN 1 C   1 
ATOM 828  O O   . GLN A 1 259 ? -13.629 14.563  -4.103  1.00 55.38  ? 259 GLN 1 O   1 
ATOM 829  C CB  . GLN A 1 259 ? -11.402 14.614  -6.368  1.00 57.12  ? 259 GLN 1 CB  1 
ATOM 830  C CG  . GLN A 1 259 ? -10.434 15.730  -5.969  1.00 53.97  ? 259 GLN 1 CG  1 
ATOM 831  C CD  . GLN A 1 259 ? -10.125 16.682  -7.125  1.00 56.36  ? 259 GLN 1 CD  1 
ATOM 832  O OE1 . GLN A 1 259 ? -10.607 16.489  -8.240  1.00 60.35  ? 259 GLN 1 OE1 1 
ATOM 833  N NE2 . GLN A 1 259 ? -9.330  17.702  -6.843  1.00 63.44  ? 259 GLN 1 NE2 1 
ATOM 834  N N   . GLU A 1 260 ? -11.647 14.564  -3.021  1.00 71.32  ? 260 GLU 1 N   1 
ATOM 835  C CA  . GLU A 1 260 ? -12.163 15.148  -1.784  1.00 72.33  ? 260 GLU 1 CA  1 
ATOM 836  C C   . GLU A 1 260 ? -12.161 16.684  -1.797  1.00 76.60  ? 260 GLU 1 C   1 
ATOM 837  O O   . GLU A 1 260 ? -11.649 17.329  -2.720  1.00 77.03  ? 260 GLU 1 O   1 
ATOM 838  C CB  . GLU A 1 260 ? -11.369 14.598  -0.593  1.00 76.53  ? 260 GLU 1 CB  1 
ATOM 839  C CG  . GLU A 1 260 ? -11.591 13.089  -0.408  1.00 74.24  ? 260 GLU 1 CG  1 
ATOM 840  C CD  . GLU A 1 260 ? -10.877 12.491  0.790   1.00 78.77  ? 260 GLU 1 CD  1 
ATOM 841  O OE1 . GLU A 1 260 ? -9.871  13.074  1.248   1.00 80.75  ? 260 GLU 1 OE1 1 
ATOM 842  O OE2 . GLU A 1 260 ? -11.322 11.423  1.267   1.00 78.65  ? 260 GLU 1 OE2 1 
ATOM 843  N N   . GLU A 1 261 ? -12.779 17.278  -0.755  1.00 88.95  ? 261 GLU 1 N   1 
ATOM 844  C CA  . GLU A 1 261 ? -12.807 18.735  -0.566  1.00 89.57  ? 261 GLU 1 CA  1 
ATOM 845  C C   . GLU A 1 261 ? -11.401 19.300  -0.344  1.00 90.28  ? 261 GLU 1 C   1 
ATOM 846  O O   . GLU A 1 261 ? -10.733 18.959  0.631   1.00 91.42  ? 261 GLU 1 O   1 
ATOM 847  C CB  . GLU A 1 261 ? -13.706 19.096  0.626   1.00 90.74  ? 261 GLU 1 CB  1 
ATOM 848  C CG  . GLU A 1 261 ? -15.203 18.741  0.475   1.00 94.29  ? 261 GLU 1 CG  1 
ATOM 849  C CD  . GLU A 1 261 ? -16.037 19.079  1.710   1.00 93.31  ? 261 GLU 1 CD  1 
ATOM 850  O OE1 . GLU A 1 261 ? -15.715 20.069  2.409   1.00 92.97  ? 261 GLU 1 OE1 1 
ATOM 851  O OE2 . GLU A 1 261 ? -17.014 18.350  1.984   1.00 91.00  ? 261 GLU 1 OE2 1 
ATOM 852  N N   . GLY A 1 262 ? -10.968 20.199  -1.234  1.00 82.41  ? 262 GLY 1 N   1 
ATOM 853  C CA  . GLY A 1 262 ? -9.680  20.868  -1.170  1.00 84.65  ? 262 GLY 1 CA  1 
ATOM 854  C C   . GLY A 1 262 ? -8.460  20.042  -1.537  1.00 81.81  ? 262 GLY 1 C   1 
ATOM 855  O O   . GLY A 1 262 ? -7.342  20.574  -1.486  1.00 81.02  ? 262 GLY 1 O   1 
ATOM 856  N N   . GLU A 1 263 ? -8.631  18.763  -1.868  1.00 70.60  ? 263 GLU 1 N   1 
ATOM 857  C CA  . GLU A 1 263 ? -7.563  17.925  -2.406  1.00 70.14  ? 263 GLU 1 CA  1 
ATOM 858  C C   . GLU A 1 263 ? -7.158  18.356  -3.816  1.00 67.44  ? 263 GLU 1 C   1 
ATOM 859  O O   . GLU A 1 263 ? -8.015  18.703  -4.633  1.00 67.48  ? 263 GLU 1 O   1 
ATOM 860  C CB  . GLU A 1 263 ? -8.051  16.471  -2.386  1.00 66.50  ? 263 GLU 1 CB  1 
ATOM 861  C CG  . GLU A 1 263 ? -7.123  15.414  -2.978  1.00 66.99  ? 263 GLU 1 CG  1 
ATOM 862  C CD  . GLU A 1 263 ? -7.675  14.006  -2.817  1.00 70.50  ? 263 GLU 1 CD  1 
ATOM 863  O OE1 . GLU A 1 263 ? -8.854  13.790  -3.174  1.00 67.89  ? 263 GLU 1 OE1 1 
ATOM 864  O OE2 . GLU A 1 263 ? -6.936  13.121  -2.332  1.00 72.04  ? 263 GLU 1 OE2 1 
ATOM 865  N N   . LYS A 1 264 ? -5.844  18.348  -4.097  1.00 60.93  ? 264 LYS 1 N   1 
ATOM 866  C CA  . LYS A 1 264 ? -5.316  18.708  -5.416  1.00 59.29  ? 264 LYS 1 CA  1 
ATOM 867  C C   . LYS A 1 264 ? -5.392  17.504  -6.363  1.00 57.90  ? 264 LYS 1 C   1 
ATOM 868  O O   . LYS A 1 264 ? -5.401  16.355  -5.912  1.00 61.48  ? 264 LYS 1 O   1 
ATOM 869  C CB  . LYS A 1 264 ? -3.877  19.217  -5.279  1.00 58.69  ? 264 LYS 1 CB  1 
ATOM 870  C CG  . LYS A 1 264 ? -3.774  20.475  -4.415  1.00 56.24  ? 264 LYS 1 CG  1 
ATOM 871  C CD  . LYS A 1 264 ? -2.353  20.992  -4.239  1.00 59.86  ? 264 LYS 1 CD  1 
ATOM 872  C CE  . LYS A 1 264 ? -1.779  21.551  -5.528  1.00 59.82  ? 264 LYS 1 CE  1 
ATOM 873  N NZ  . LYS A 1 264 ? -0.402  22.089  -5.323  1.00 60.65  ? 264 LYS 1 NZ  1 
ATOM 874  N N   . VAL A 1 265 ? -5.463  17.765  -7.684  1.00 48.46  ? 265 VAL 1 N   1 
ATOM 875  C CA  . VAL A 1 265 ? -5.587  16.692  -8.686  1.00 51.15  ? 265 VAL 1 CA  1 
ATOM 876  C C   . VAL A 1 265 ? -4.364  15.757  -8.710  1.00 56.94  ? 265 VAL 1 C   1 
ATOM 877  O O   . VAL A 1 265 ? -4.522  14.527  -8.788  1.00 61.18  ? 265 VAL 1 O   1 
ATOM 878  C CB  . VAL A 1 265 ? -5.889  17.286  -10.082 1.00 52.71  ? 265 VAL 1 CB  1 
ATOM 879  C CG1 . VAL A 1 265 ? -5.972  16.215  -11.170 1.00 50.61  ? 265 VAL 1 CG1 1 
ATOM 880  C CG2 . VAL A 1 265 ? -7.234  18.014  -10.071 1.00 47.70  ? 265 VAL 1 CG2 1 
ATOM 881  N N   . SER A 1 266 ? -3.148  16.297  -8.544  1.00 48.17  ? 266 SER 1 N   1 
ATOM 882  C CA  . SER A 1 266 ? -1.963  15.438  -8.448  1.00 50.24  ? 266 SER 1 CA  1 
ATOM 883  C C   . SER A 1 266 ? -1.894  14.612  -7.161  1.00 48.70  ? 266 SER 1 C   1 
ATOM 884  O O   . SER A 1 266 ? -1.252  13.558  -7.165  1.00 44.51  ? 266 SER 1 O   1 
ATOM 885  C CB  . SER A 1 266 ? -0.685  16.270  -8.603  1.00 48.94  ? 266 SER 1 CB  1 
ATOM 886  O OG  . SER A 1 266 ? -0.617  17.293  -7.624  1.00 54.79  ? 266 SER 1 OG  1 
ATOM 887  N N   . ALA A 1 267 ? -2.550  15.045  -6.080  1.00 46.46  ? 267 ALA 1 N   1 
ATOM 888  C CA  . ALA A 1 267 ? -2.670  14.261  -4.853  1.00 50.13  ? 267 ALA 1 CA  1 
ATOM 889  C C   . ALA A 1 267 ? -3.675  13.114  -4.982  1.00 51.86  ? 267 ALA 1 C   1 
ATOM 890  O O   . ALA A 1 267 ? -3.405  11.977  -4.549  1.00 55.22  ? 267 ALA 1 O   1 
ATOM 891  C CB  . ALA A 1 267 ? -3.050  15.179  -3.686  1.00 47.37  ? 267 ALA 1 CB  1 
ATOM 892  N N   . TYR A 1 268 ? -4.792  13.394  -5.655  1.00 41.62  ? 268 TYR 1 N   1 
ATOM 893  C CA  . TYR A 1 268 ? -5.799  12.398  -5.998  1.00 33.66  ? 268 TYR 1 CA  1 
ATOM 894  C C   . TYR A 1 268 ? -5.260  11.286  -6.910  1.00 32.41  ? 268 TYR 1 C   1 
ATOM 895  O O   . TYR A 1 268 ? -5.518  10.103  -6.645  1.00 45.88  ? 268 TYR 1 O   1 
ATOM 896  C CB  . TYR A 1 268 ? -6.993  13.110  -6.636  1.00 40.33  ? 268 TYR 1 CB  1 
ATOM 897  C CG  . TYR A 1 268 ? -8.031  12.207  -7.234  1.00 47.27  ? 268 TYR 1 CG  1 
ATOM 898  C CD1 . TYR A 1 268 ? -8.720  11.282  -6.453  1.00 52.20  ? 268 TYR 1 CD1 1 
ATOM 899  C CD2 . TYR A 1 268 ? -8.306  12.237  -8.598  1.00 44.93  ? 268 TYR 1 CD2 1 
ATOM 900  C CE1 . TYR A 1 268 ? -9.679  10.444  -7.005  1.00 46.31  ? 268 TYR 1 CE1 1 
ATOM 901  C CE2 . TYR A 1 268 ? -9.248  11.397  -9.164  1.00 42.38  ? 268 TYR 1 CE2 1 
ATOM 902  C CZ  . TYR A 1 268 ? -9.931  10.508  -8.362  1.00 40.81  ? 268 TYR 1 CZ  1 
ATOM 903  O OH  . TYR A 1 268 ? -10.861 9.659   -8.920  1.00 43.06  ? 268 TYR 1 OH  1 
ATOM 904  N N   . VAL A 1 269 ? -4.533  11.634  -7.985  1.00 28.96  ? 269 VAL 1 N   1 
ATOM 905  C CA  . VAL A 1 269 ? -3.997  10.647  -8.941  1.00 34.83  ? 269 VAL 1 CA  1 
ATOM 906  C C   . VAL A 1 269 ? -2.911  9.740   -8.322  1.00 45.18  ? 269 VAL 1 C   1 
ATOM 907  O O   . VAL A 1 269 ? -2.804  8.560   -8.683  1.00 49.50  ? 269 VAL 1 O   1 
ATOM 908  C CB  . VAL A 1 269 ? -3.529  11.397  -10.213 1.00 34.26  ? 269 VAL 1 CB  1 
ATOM 909  C CG1 . VAL A 1 269 ? -2.809  10.518  -11.239 1.00 31.72  ? 269 VAL 1 CG1 1 
ATOM 910  C CG2 . VAL A 1 269 ? -4.740  11.990  -10.907 1.00 39.67  ? 269 VAL 1 CG2 1 
ATOM 911  N N   . LEU A 1 270 ? -2.218  10.197  -7.286  1.00 49.93  ? 270 LEU 1 N   1 
ATOM 912  C CA  . LEU A 1 270 ? -1.308  9.334   -6.523  1.00 43.38  ? 270 LEU 1 CA  1 
ATOM 913  C C   . LEU A 1 270 ? -2.070  8.378   -5.598  1.00 46.07  ? 270 LEU 1 C   1 
ATOM 914  O O   . LEU A 1 270 ? -1.780  7.169   -5.601  1.00 51.30  ? 270 LEU 1 O   1 
ATOM 915  C CB  . LEU A 1 270 ? -0.291  10.178  -5.750  1.00 44.45  ? 270 LEU 1 CB  1 
ATOM 916  C CG  . LEU A 1 270 ? 0.691   9.458   -4.819  1.00 41.96  ? 270 LEU 1 CG  1 
ATOM 917  C CD1 . LEU A 1 270 ? 1.566   8.483   -5.585  1.00 42.07  ? 270 LEU 1 CD1 1 
ATOM 918  C CD2 . LEU A 1 270 ? 1.564   10.504  -4.150  1.00 50.02  ? 270 LEU 1 CD2 1 
ATOM 919  N N   . ARG A 1 271 ? -3.018  8.907   -4.805  1.00 36.68  ? 271 ARG 1 N   1 
ATOM 920  C CA  . ARG A 1 271 ? -3.888  8.128   -3.916  1.00 35.86  ? 271 ARG 1 CA  1 
ATOM 921  C C   . ARG A 1 271 ? -4.637  6.991   -4.641  1.00 31.31  ? 271 ARG 1 C   1 
ATOM 922  O O   . ARG A 1 271 ? -4.656  5.847   -4.169  1.00 33.70  ? 271 ARG 1 O   1 
ATOM 923  C CB  . ARG A 1 271 ? -4.854  9.080   -3.207  1.00 37.66  ? 271 ARG 1 CB  1 
ATOM 924  C CG  . ARG A 1 271 ? -5.810  8.446   -2.194  1.00 38.41  ? 271 ARG 1 CG  1 
ATOM 925  C CD  . ARG A 1 271 ? -6.468  9.520   -1.329  1.00 35.75  ? 271 ARG 1 CD  1 
ATOM 926  N NE  . ARG A 1 271 ? -7.385  10.403  -2.029  1.00 37.67  ? 271 ARG 1 NE  1 
ATOM 927  C CZ  . ARG A 1 271 ? -8.659  10.149  -2.299  1.00 51.13  ? 271 ARG 1 CZ  1 
ATOM 928  N NH1 . ARG A 1 271 ? -9.203  8.975   -2.059  1.00 47.57  ? 271 ARG 1 NH1 1 
ATOM 929  N NH2 . ARG A 1 271 ? -9.416  11.101  -2.840  1.00 52.46  ? 271 ARG 1 NH2 1 
ATOM 930  N N   . LEU A 1 272 ? -5.205  7.280   -5.809  1.00 31.49  ? 272 LEU 1 N   1 
ATOM 931  C CA  . LEU A 1 272 ? -5.863  6.330   -6.709  1.00 27.71  ? 272 LEU 1 CA  1 
ATOM 932  C C   . LEU A 1 272 ? -4.943  5.213   -7.299  1.00 31.39  ? 272 LEU 1 C   1 
ATOM 933  O O   . LEU A 1 272 ? -5.433  4.088   -7.581  1.00 43.47  ? 272 LEU 1 O   1 
ATOM 934  C CB  . LEU A 1 272 ? -6.514  7.165   -7.815  1.00 36.94  ? 272 LEU 1 CB  1 
ATOM 935  C CG  . LEU A 1 272 ? -7.440  6.505   -8.821  1.00 38.54  ? 272 LEU 1 CG  1 
ATOM 936  C CD1 . LEU A 1 272 ? -8.741  6.159   -8.128  1.00 38.82  ? 272 LEU 1 CD1 1 
ATOM 937  C CD2 . LEU A 1 272 ? -7.678  7.440   -9.985  1.00 28.67  ? 272 LEU 1 CD2 1 
ATOM 938  N N   . GLU A 1 273 ? -3.634  5.424   -7.398  1.00 29.52  ? 273 GLU 1 N   1 
ATOM 939  C CA  . GLU A 1 273 ? -2.754  4.438   -8.019  1.00 29.33  ? 273 GLU 1 CA  1 
ATOM 940  C C   . GLU A 1 273 ? -2.457  3.230   -7.109  1.00 43.58  ? 273 GLU 1 C   1 
ATOM 941  O O   . GLU A 1 273 ? -2.330  2.086   -7.627  1.00 42.94  ? 273 GLU 1 O   1 
ATOM 942  C CB  . GLU A 1 273 ? -1.443  5.138   -8.428  1.00 32.86  ? 273 GLU 1 CB  1 
ATOM 943  C CG  . GLU A 1 273 ? -0.399  4.277   -9.160  1.00 36.15  ? 273 GLU 1 CG  1 
ATOM 944  C CD  . GLU A 1 273 ? -0.855  3.740   -10.534 1.00 39.68  ? 273 GLU 1 CD  1 
ATOM 945  O OE1 . GLU A 1 273 ? -1.872  4.199   -11.111 1.00 45.71  ? 273 GLU 1 OE1 1 
ATOM 946  O OE2 . GLU A 1 273 ? -0.199  2.805   -11.035 1.00 40.08  ? 273 GLU 1 OE2 1 
ATOM 947  N N   . THR A 1 274 ? -2.475  3.435   -5.782  1.00 44.93  ? 274 THR 1 N   1 
ATOM 948  C CA  . THR A 1 274 ? -2.338  2.342   -4.822  1.00 45.08  ? 274 THR 1 CA  1 
ATOM 949  C C   . THR A 1 274 ? -3.488  1.334   -4.959  1.00 45.23  ? 274 THR 1 C   1 
ATOM 950  O O   . THR A 1 274 ? -3.246  0.119   -4.948  1.00 45.59  ? 274 THR 1 O   1 
ATOM 951  C CB  . THR A 1 274 ? -2.261  2.901   -3.390  1.00 45.44  ? 274 THR 1 CB  1 
ATOM 952  O OG1 . THR A 1 274 ? -3.541  3.452   -2.997  1.00 39.25  ? 274 THR 1 OG1 1 
ATOM 953  C CG2 . THR A 1 274 ? -1.184  3.984   -3.271  1.00 45.13  ? 274 THR 1 CG2 1 
ATOM 954  N N   . LEU A 1 275 ? -4.726  1.812   -5.146  1.00 30.38  ? 275 LEU 1 N   1 
ATOM 955  C CA  . LEU A 1 275 ? -5.916  0.964   -5.325  1.00 15.56  ? 275 LEU 1 CA  1 
ATOM 956  C C   . LEU A 1 275 ? -5.916  0.177   -6.654  1.00 18.64  ? 275 LEU 1 C   1 
ATOM 957  O O   . LEU A 1 275 ? -6.350  -1.001  -6.687  1.00 32.74  ? 275 LEU 1 O   1 
ATOM 958  C CB  . LEU A 1 275 ? -7.163  1.844   -5.236  1.00 9.71   ? 275 LEU 1 CB  1 
ATOM 959  C CG  . LEU A 1 275 ? -7.435  2.476   -3.866  1.00 6.76   ? 275 LEU 1 CG  1 
ATOM 960  C CD1 . LEU A 1 275 ? -8.435  3.599   -3.992  1.00 20.11  ? 275 LEU 1 CD1 1 
ATOM 961  C CD2 . LEU A 1 275 ? -7.969  1.420   -2.923  1.00 21.71  ? 275 LEU 1 CD2 1 
ATOM 962  N N   . LEU A 1 276 ? -5.352  0.758   -7.725  1.00 29.35  ? 276 LEU 1 N   1 
ATOM 963  C CA  . LEU A 1 276 ? -5.279  0.044   -9.010  1.00 34.62  ? 276 LEU 1 CA  1 
ATOM 964  C C   . LEU A 1 276 ? -4.297  -1.138  -8.978  1.00 35.80  ? 276 LEU 1 C   1 
ATOM 965  O O   . LEU A 1 276 ? -4.592  -2.198  -9.571  1.00 39.07  ? 276 LEU 1 O   1 
ATOM 966  C CB  . LEU A 1 276 ? -4.941  1.016   -10.143 1.00 36.84  ? 276 LEU 1 CB  1 
ATOM 967  C CG  . LEU A 1 276 ? -4.825  0.451   -11.567 1.00 39.11  ? 276 LEU 1 CG  1 
ATOM 968  C CD1 . LEU A 1 276 ? -6.118  -0.215  -12.002 1.00 40.32  ? 276 LEU 1 CD1 1 
ATOM 969  C CD2 . LEU A 1 276 ? -4.477  1.567   -12.513 1.00 40.26  ? 276 LEU 1 CD2 1 
ATOM 970  N N   . ARG A 1 277 ? -3.245  -1.063  -8.153  1.00 43.57  ? 277 ARG 1 N   1 
ATOM 971  C CA  . ARG A 1 277 ? -2.301  -2.194  -8.037  1.00 51.26  ? 277 ARG 1 CA  1 
ATOM 972  C C   . ARG A 1 277 ? -2.896  -3.423  -7.320  1.00 54.29  ? 277 ARG 1 C   1 
ATOM 973  O O   . ARG A 1 277 ? -2.706  -4.559  -7.785  1.00 49.52  ? 277 ARG 1 O   1 
ATOM 974  C CB  . ARG A 1 277 ? -1.006  -1.743  -7.366  1.00 54.83  ? 277 ARG 1 CB  1 
ATOM 975  C CG  . ARG A 1 277 ? -0.283  -0.635  -8.119  1.00 49.60  ? 277 ARG 1 CG  1 
ATOM 976  C CD  . ARG A 1 277 ? -0.202  -0.895  -9.637  1.00 51.82  ? 277 ARG 1 CD  1 
ATOM 977  N NE  . ARG A 1 277 ? 0.462   0.191   -10.335 1.00 57.44  ? 277 ARG 1 NE  1 
ATOM 978  C CZ  . ARG A 1 277 ? 1.622   0.114   -10.970 1.00 57.18  ? 277 ARG 1 CZ  1 
ATOM 979  N NH1 . ARG A 1 277 ? 2.330   -0.993  -10.993 1.00 56.49  ? 277 ARG 1 NH1 1 
ATOM 980  N NH2 . ARG A 1 277 ? 2.093   1.186   -11.594 1.00 52.01  ? 277 ARG 1 NH2 1 
ATOM 981  N N   . ARG A 1 278 ? -3.593  -3.215  -6.191  1.00 49.38  ? 278 ARG 1 N   1 
ATOM 982  C CA  . ARG A 1 278 ? -4.363  -4.259  -5.495  1.00 40.87  ? 278 ARG 1 CA  1 
ATOM 983  C C   . ARG A 1 278 ? -5.374  -4.954  -6.411  1.00 42.05  ? 278 ARG 1 C   1 
ATOM 984  O O   . ARG A 1 278 ? -5.431  -6.192  -6.446  1.00 42.70  ? 278 ARG 1 O   1 
ATOM 985  C CB  . ARG A 1 278 ? -5.110  -3.680  -4.293  1.00 34.18  ? 278 ARG 1 CB  1 
ATOM 986  C CG  . ARG A 1 278 ? -4.247  -3.066  -3.226  1.00 37.82  ? 278 ARG 1 CG  1 
ATOM 987  C CD  . ARG A 1 278 ? -5.086  -2.600  -2.050  1.00 39.34  ? 278 ARG 1 CD  1 
ATOM 988  N NE  . ARG A 1 278 ? -4.320  -1.707  -1.200  1.00 47.09  ? 278 ARG 1 NE  1 
ATOM 989  C CZ  . ARG A 1 278 ? -4.841  -0.722  -0.482  1.00 51.15  ? 278 ARG 1 CZ  1 
ATOM 990  N NH1 . ARG A 1 278 ? -6.143  -0.551  -0.382  1.00 38.71  ? 278 ARG 1 NH1 1 
ATOM 991  N NH2 . ARG A 1 278 ? -4.037  0.098   0.184   1.00 52.30  ? 278 ARG 1 NH2 1 
ATOM 992  N N   . ALA A 1 279 ? -6.181  -4.179  -7.150  1.00 32.62  ? 279 ALA 1 N   1 
ATOM 993  C CA  . ALA A 1 279 ? -7.164  -4.768  -8.070  1.00 22.55  ? 279 ALA 1 CA  1 
ATOM 994  C C   . ALA A 1 279 ? -6.527  -5.569  -9.226  1.00 32.08  ? 279 ALA 1 C   1 
ATOM 995  O O   . ALA A 1 279 ? -7.161  -6.504  -9.733  1.00 48.43  ? 279 ALA 1 O   1 
ATOM 996  C CB  . ALA A 1 279 ? -8.083  -3.676  -8.603  1.00 27.80  ? 279 ALA 1 CB  1 
ATOM 997  N N   . VAL A 1 280 ? -5.290  -5.266  -9.634  1.00 38.93  ? 280 VAL 1 N   1 
ATOM 998  C CA  . VAL A 1 280 ? -4.607  -6.066  -10.674 1.00 41.79  ? 280 VAL 1 CA  1 
ATOM 999  C C   . VAL A 1 280 ? -3.913  -7.331  -10.094 1.00 48.31  ? 280 VAL 1 C   1 
ATOM 1000 O O   . VAL A 1 280 ? -3.917  -8.387  -10.754 1.00 51.68  ? 280 VAL 1 O   1 
ATOM 1001 C CB  . VAL A 1 280 ? -3.626  -5.189  -11.484 1.00 45.03  ? 280 VAL 1 CB  1 
ATOM 1002 C CG1 . VAL A 1 280 ? -2.819  -5.977  -12.540 1.00 45.88  ? 280 VAL 1 CG1 1 
ATOM 1003 C CG2 . VAL A 1 280 ? -4.385  -4.139  -12.242 1.00 48.81  ? 280 VAL 1 CG2 1 
ATOM 1004 N N   . GLU A 1 281 ? -3.373  -7.271  -8.865  1.00 63.37  ? 281 GLU 1 N   1 
ATOM 1005 C CA  . GLU A 1 281 ? -2.911  -8.476  -8.148  1.00 60.51  ? 281 GLU 1 CA  1 
ATOM 1006 C C   . GLU A 1 281 ? -4.026  -9.518  -7.978  1.00 58.20  ? 281 GLU 1 C   1 
ATOM 1007 O O   . GLU A 1 281 ? -3.854  -10.683 -8.360  1.00 55.86  ? 281 GLU 1 O   1 
ATOM 1008 C CB  . GLU A 1 281 ? -2.380  -8.097  -6.763  1.00 57.03  ? 281 GLU 1 CB  1 
ATOM 1009 C CG  . GLU A 1 281 ? -1.044  -7.388  -6.741  1.00 57.39  ? 281 GLU 1 CG  1 
ATOM 1010 C CD  . GLU A 1 281 ? -0.659  -6.908  -5.350  1.00 64.04  ? 281 GLU 1 CD  1 
ATOM 1011 O OE1 . GLU A 1 281 ? -1.296  -7.328  -4.353  1.00 63.11  ? 281 GLU 1 OE1 1 
ATOM 1012 O OE2 . GLU A 1 281 ? 0.289   -6.106  -5.257  1.00 67.86  ? 281 GLU 1 OE2 1 
ATOM 1013 N N   . LYS A 1 282 ? -5.171  -9.129  -7.442  1.00 48.22  ? 282 LYS 1 N   1 
ATOM 1014 C CA  . LYS A 1 282 ? -6.295  -10.023 -7.163  1.00 45.63  ? 282 LYS 1 CA  1 
ATOM 1015 C C   . LYS A 1 282 ? -7.117  -10.412 -8.438  1.00 54.84  ? 282 LYS 1 C   1 
ATOM 1016 O O   . LYS A 1 282 ? -8.254  -10.867 -8.294  1.00 59.24  ? 282 LYS 1 O   1 
ATOM 1017 C CB  . LYS A 1 282 ? -7.173  -9.435  -6.056  1.00 45.33  ? 282 LYS 1 CB  1 
ATOM 1018 C CG  . LYS A 1 282 ? -6.296  -9.145  -4.852  1.00 52.90  ? 282 LYS 1 CG  1 
ATOM 1019 C CD  . LYS A 1 282 ? -7.007  -8.688  -3.602  1.00 52.72  ? 282 LYS 1 CD  1 
ATOM 1020 C CE  . LYS A 1 282 ? -5.945  -8.229  -2.607  1.00 51.06  ? 282 LYS 1 CE  1 
ATOM 1021 N NZ  . LYS A 1 282 ? -6.469  -7.884  -1.263  1.00 52.51  ? 282 LYS 1 NZ  1 
ATOM 1022 N N   . ARG A 1 283 ? -6.541  -10.210 -9.640  1.00 56.44  ? 283 ARG 1 N   1 
ATOM 1023 C CA  . ARG A 1 283 ? -7.092  -10.534 -10.971 1.00 53.37  ? 283 ARG 1 CA  1 
ATOM 1024 C C   . ARG A 1 283 ? -8.471  -9.937  -11.275 1.00 55.64  ? 283 ARG 1 C   1 
ATOM 1025 O O   . ARG A 1 283 ? -9.200  -10.454 -12.129 1.00 61.23  ? 283 ARG 1 O   1 
ATOM 1026 C CB  . ARG A 1 283 ? -7.065  -12.056 -11.213 1.00 51.38  ? 283 ARG 1 CB  1 
ATOM 1027 C CG  . ARG A 1 283 ? -5.653  -12.650 -11.074 1.00 59.80  ? 283 ARG 1 CG  1 
ATOM 1028 C CD  . ARG A 1 283 ? -5.603  -14.135 -11.430 1.00 58.45  ? 283 ARG 1 CD  1 
ATOM 1029 N NE  . ARG A 1 283 ? -5.875  -14.371 -12.839 1.00 60.66  ? 283 ARG 1 NE  1 
ATOM 1030 C CZ  . ARG A 1 283 ? -5.004  -14.322 -13.838 1.00 65.32  ? 283 ARG 1 CZ  1 
ATOM 1031 N NH1 . ARG A 1 283 ? -3.732  -14.052 -13.643 1.00 63.15  ? 283 ARG 1 NH1 1 
ATOM 1032 N NH2 . ARG A 1 283 ? -5.425  -14.561 -15.076 1.00 63.76  ? 283 ARG 1 NH2 1 
ATOM 1033 N N   . ALA A 1 284 ? -8.856  -8.881  -10.567 1.00 41.34  ? 284 ALA 1 N   1 
ATOM 1034 C CA  . ALA A 1 284 ? -10.107 -8.200  -10.870 1.00 45.47  ? 284 ALA 1 CA  1 
ATOM 1035 C C   . ALA A 1 284 ? -10.004 -7.385  -12.160 1.00 51.72  ? 284 ALA 1 C   1 
ATOM 1036 O O   . ALA A 1 284 ? -10.972 -7.317  -12.928 1.00 53.60  ? 284 ALA 1 O   1 
ATOM 1037 C CB  . ALA A 1 284 ? -10.507 -7.297  -9.705  1.00 38.86  ? 284 ALA 1 CB  1 
ATOM 1038 N N   . ILE A 1 285 ? -8.869  -6.733  -12.402 1.00 48.53  ? 285 ILE 1 N   1 
ATOM 1039 C CA  . ILE A 1 285 ? -8.630  -5.964  -13.621 1.00 44.48  ? 285 ILE 1 CA  1 
ATOM 1040 C C   . ILE A 1 285 ? -7.487  -6.608  -14.403 1.00 43.72  ? 285 ILE 1 C   1 
ATOM 1041 O O   . ILE A 1 285 ? -6.442  -6.897  -13.820 1.00 45.81  ? 285 ILE 1 O   1 
ATOM 1042 C CB  . ILE A 1 285 ? -8.289  -4.496  -13.304 1.00 39.29  ? 285 ILE 1 CB  1 
ATOM 1043 C CG1 . ILE A 1 285 ? -9.459  -3.826  -12.571 1.00 32.63  ? 285 ILE 1 CG1 1 
ATOM 1044 C CG2 . ILE A 1 285 ? -7.904  -3.704  -14.535 1.00 42.50  ? 285 ILE 1 CG2 1 
ATOM 1045 C CD1 . ILE A 1 285 ? -9.126  -2.487  -11.938 1.00 39.84  ? 285 ILE 1 CD1 1 
ATOM 1046 N N   . PRO A 1 286 ? -7.650  -6.901  -15.700 1.00 51.37  ? 286 PRO 1 N   1 
ATOM 1047 C CA  . PRO A 1 286 ? -6.535  -7.453  -16.500 1.00 55.50  ? 286 PRO 1 CA  1 
ATOM 1048 C C   . PRO A 1 286 ? -5.375  -6.469  -16.670 1.00 62.46  ? 286 PRO 1 C   1 
ATOM 1049 O O   . PRO A 1 286 ? -5.603  -5.310  -17.010 1.00 62.41  ? 286 PRO 1 O   1 
ATOM 1050 C CB  . PRO A 1 286 ? -7.182  -7.761  -17.881 1.00 50.96  ? 286 PRO 1 CB  1 
ATOM 1051 C CG  . PRO A 1 286 ? -8.633  -7.881  -17.643 1.00 51.60  ? 286 PRO 1 CG  1 
ATOM 1052 C CD  . PRO A 1 286 ? -8.869  -6.855  -16.503 1.00 55.46  ? 286 PRO 1 CD  1 
ATOM 1053 N N   . ARG A 1 287 ? -4.129  -6.944  -16.442 1.00 66.33  ? 287 ARG 1 N   1 
ATOM 1054 C CA  . ARG A 1 287 ? -2.923  -6.116  -16.580 1.00 65.47  ? 287 ARG 1 CA  1 
ATOM 1055 C C   . ARG A 1 287 ? -2.736  -5.527  -17.997 1.00 67.30  ? 287 ARG 1 C   1 
ATOM 1056 O O   . ARG A 1 287 ? -2.138  -4.450  -18.143 1.00 71.64  ? 287 ARG 1 O   1 
ATOM 1057 C CB  . ARG A 1 287 ? -1.685  -6.947  -16.158 1.00 68.60  ? 287 ARG 1 CB  1 
ATOM 1058 C CG  . ARG A 1 287 ? -0.312  -6.242  -16.214 1.00 69.25  ? 287 ARG 1 CG  1 
ATOM 1059 C CD  . ARG A 1 287 ? -0.259  -4.985  -15.339 1.00 68.52  ? 287 ARG 1 CD  1 
ATOM 1060 N NE  . ARG A 1 287 ? 1.020   -4.307  -15.476 1.00 69.48  ? 287 ARG 1 NE  1 
ATOM 1061 C CZ  . ARG A 1 287 ? 1.250   -3.043  -15.141 1.00 74.31  ? 287 ARG 1 CZ  1 
ATOM 1062 N NH1 . ARG A 1 287 ? 0.315   -2.282  -14.610 1.00 73.15  ? 287 ARG 1 NH1 1 
ATOM 1063 N NH2 . ARG A 1 287 ? 2.453   -2.522  -15.353 1.00 71.01  ? 287 ARG 1 NH2 1 
ATOM 1064 N N   . ARG A 1 288 ? -3.327  -6.175  -19.007 1.00 58.47  ? 288 ARG 1 N   1 
ATOM 1065 C CA  . ARG A 1 288 ? -3.387  -5.724  -20.389 1.00 57.61  ? 288 ARG 1 CA  1 
ATOM 1066 C C   . ARG A 1 288 ? -4.018  -4.334  -20.585 1.00 59.03  ? 288 ARG 1 C   1 
ATOM 1067 O O   . ARG A 1 288 ? -3.661  -3.631  -21.545 1.00 62.11  ? 288 ARG 1 O   1 
ATOM 1068 C CB  . ARG A 1 288 ? -4.160  -6.796  -21.172 1.00 56.72  ? 288 ARG 1 CB  1 
ATOM 1069 C CG  . ARG A 1 288 ? -4.262  -6.632  -22.676 1.00 63.86  ? 288 ARG 1 CG  1 
ATOM 1070 C CD  . ARG A 1 288 ? -5.035  -7.798  -23.291 1.00 61.51  ? 288 ARG 1 CD  1 
ATOM 1071 N NE  . ARG A 1 288 ? -5.107  -7.693  -24.738 1.00 61.98  ? 288 ARG 1 NE  1 
ATOM 1072 C CZ  . ARG A 1 288 ? -6.143  -7.247  -25.437 1.00 62.82  ? 288 ARG 1 CZ  1 
ATOM 1073 N NH1 . ARG A 1 288 ? -7.221  -6.763  -24.857 1.00 62.11  ? 288 ARG 1 NH1 1 
ATOM 1074 N NH2 . ARG A 1 288 ? -6.094  -7.277  -26.765 1.00 67.00  ? 288 ARG 1 NH2 1 
ATOM 1075 N N   . ILE A 1 289 ? -4.927  -3.908  -19.697 1.00 49.62  ? 289 ILE 1 N   1 
ATOM 1076 C CA  . ILE A 1 289 ? -5.734  -2.690  -19.883 1.00 50.03  ? 289 ILE 1 CA  1 
ATOM 1077 C C   . ILE A 1 289 ? -5.690  -1.633  -18.773 1.00 51.08  ? 289 ILE 1 C   1 
ATOM 1078 O O   . ILE A 1 289 ? -6.426  -0.632  -18.854 1.00 50.07  ? 289 ILE 1 O   1 
ATOM 1079 C CB  . ILE A 1 289 ? -7.213  -3.045  -20.205 1.00 52.12  ? 289 ILE 1 CB  1 
ATOM 1080 C CG1 . ILE A 1 289 ? -7.955  -3.660  -19.017 1.00 54.62  ? 289 ILE 1 CG1 1 
ATOM 1081 C CG2 . ILE A 1 289 ? -7.362  -3.891  -21.487 1.00 53.38  ? 289 ILE 1 CG2 1 
ATOM 1082 C CD1 . ILE A 1 289 ? -9.454  -3.783  -19.277 1.00 54.91  ? 289 ILE 1 CD1 1 
ATOM 1083 N N   . ALA A 1 290 ? -4.782  -1.786  -17.791 1.00 54.49  ? 290 ALA 1 N   1 
ATOM 1084 C CA  . ALA A 1 290 ? -4.676  -0.897  -16.626 1.00 54.63  ? 290 ALA 1 CA  1 
ATOM 1085 C C   . ALA A 1 290 ? -4.394  0.573   -16.970 1.00 51.10  ? 290 ALA 1 C   1 
ATOM 1086 O O   . ALA A 1 290 ? -4.853  1.458   -16.238 1.00 49.80  ? 290 ALA 1 O   1 
ATOM 1087 C CB  . ALA A 1 290 ? -3.589  -1.420  -15.687 1.00 57.60  ? 290 ALA 1 CB  1 
ATOM 1088 N N   . ASP A 1 291 ? -3.707  0.866   -18.075 1.00 54.99  ? 291 ASP 1 N   1 
ATOM 1089 C CA  . ASP A 1 291 ? -3.440  2.247   -18.488 1.00 55.40  ? 291 ASP 1 CA  1 
ATOM 1090 C C   . ASP A 1 291 ? -4.663  2.933   -19.106 1.00 51.02  ? 291 ASP 1 C   1 
ATOM 1091 O O   . ASP A 1 291 ? -4.818  4.152   -18.952 1.00 53.79  ? 291 ASP 1 O   1 
ATOM 1092 C CB  . ASP A 1 291 ? -2.262  2.336   -19.471 1.00 51.34  ? 291 ASP 1 CB  1 
ATOM 1093 C CG  . ASP A 1 291 ? -0.915  2.139   -18.803 1.00 56.01  ? 291 ASP 1 CG  1 
ATOM 1094 O OD1 . ASP A 1 291 ? -0.818  2.309   -17.574 1.00 57.68  ? 291 ASP 1 OD1 1 
ATOM 1095 O OD2 . ASP A 1 291 ? 0.056   1.835   -19.530 1.00 55.79  ? 291 ASP 1 OD2 1 
ATOM 1096 N N   . GLN A 1 292 ? -5.543  2.179   -19.768 1.00 35.39  ? 292 GLN 1 N   1 
ATOM 1097 C CA  . GLN A 1 292 ? -6.835  2.709   -20.205 1.00 35.54  ? 292 GLN 1 CA  1 
ATOM 1098 C C   . GLN A 1 292 ? -7.795  2.959   -19.035 1.00 37.44  ? 292 GLN 1 C   1 
ATOM 1099 O O   . GLN A 1 292 ? -8.305  4.085   -18.880 1.00 40.46  ? 292 GLN 1 O   1 
ATOM 1100 C CB  . GLN A 1 292 ? -7.450  1.769   -21.246 1.00 42.78  ? 292 GLN 1 CB  1 
ATOM 1101 C CG  . GLN A 1 292 ? -8.796  2.220   -21.795 1.00 44.02  ? 292 GLN 1 CG  1 
ATOM 1102 C CD  . GLN A 1 292 ? -9.525  1.117   -22.545 1.00 48.95  ? 292 GLN 1 CD  1 
ATOM 1103 O OE1 . GLN A 1 292 ? -8.900  0.245   -23.148 1.00 48.75  ? 292 GLN 1 OE1 1 
ATOM 1104 N NE2 . GLN A 1 292 ? -10.848 1.162   -22.504 1.00 45.36  ? 292 GLN 1 NE2 1 
ATOM 1105 N N   . VAL A 1 293 ? -7.897  1.995   -18.113 1.00 37.31  ? 293 VAL 1 N   1 
ATOM 1106 C CA  . VAL A 1 293 ? -8.720  2.058   -16.901 1.00 36.98  ? 293 VAL 1 CA  1 
ATOM 1107 C C   . VAL A 1 293 ? -8.301  3.202   -15.970 1.00 34.25  ? 293 VAL 1 C   1 
ATOM 1108 O O   . VAL A 1 293 ? -9.168  3.836   -15.348 1.00 20.17  ? 293 VAL 1 O   1 
ATOM 1109 C CB  . VAL A 1 293 ? -8.661  0.668   -16.222 1.00 33.08  ? 293 VAL 1 CB  1 
ATOM 1110 C CG1 . VAL A 1 293 ? -9.303  0.638   -14.846 1.00 29.72  ? 293 VAL 1 CG1 1 
ATOM 1111 C CG2 . VAL A 1 293 ? -9.350  -0.371  -17.107 1.00 35.53  ? 293 VAL 1 CG2 1 
ATOM 1112 N N   . ARG A 1 294 ? -7.016  3.552   -15.928 1.00 26.13  ? 294 ARG 1 N   1 
ATOM 1113 C CA  . ARG A 1 294 ? -6.560  4.702   -15.146 1.00 21.42  ? 294 ARG 1 CA  1 
ATOM 1114 C C   . ARG A 1 294 ? -7.070  6.041   -15.690 1.00 35.38  ? 294 ARG 1 C   1 
ATOM 1115 O O   . ARG A 1 294 ? -7.749  6.772   -14.943 1.00 34.44  ? 294 ARG 1 O   1 
ATOM 1116 C CB  . ARG A 1 294 ? -5.033  4.720   -15.037 1.00 27.18  ? 294 ARG 1 CB  1 
ATOM 1117 C CG  . ARG A 1 294 ? -4.544  5.771   -14.025 1.00 31.16  ? 294 ARG 1 CG  1 
ATOM 1118 C CD  . ARG A 1 294 ? -3.036  6.058   -14.069 1.00 26.89  ? 294 ARG 1 CD  1 
ATOM 1119 N NE  . ARG A 1 294 ? -2.247  4.918   -13.640 1.00 22.96  ? 294 ARG 1 NE  1 
ATOM 1120 C CZ  . ARG A 1 294 ? -1.623  4.058   -14.430 1.00 29.84  ? 294 ARG 1 CZ  1 
ATOM 1121 N NH1 . ARG A 1 294 ? -1.650  4.172   -15.739 1.00 25.07  ? 294 ARG 1 NH1 1 
ATOM 1122 N NH2 . ARG A 1 294 ? -0.952  3.045   -13.889 1.00 41.38  ? 294 ARG 1 NH2 1 
ATOM 1123 N N   . LEU A 1 295 ? -7.016  6.246   -17.013 1.00 45.17  ? 295 LEU 1 N   1 
ATOM 1124 C CA  . LEU A 1 295 ? -7.454  7.516   -17.602 1.00 38.25  ? 295 LEU 1 CA  1 
ATOM 1125 C C   . LEU A 1 295 ? -8.972  7.710   -17.530 1.00 40.74  ? 295 LEU 1 C   1 
ATOM 1126 O O   . LEU A 1 295 ? -9.420  8.768   -17.052 1.00 44.46  ? 295 LEU 1 O   1 
ATOM 1127 C CB  . LEU A 1 295 ? -6.914  7.630   -19.027 1.00 34.59  ? 295 LEU 1 CB  1 
ATOM 1128 C CG  . LEU A 1 295 ? -7.083  8.991   -19.709 1.00 41.83  ? 295 LEU 1 CG  1 
ATOM 1129 C CD1 . LEU A 1 295 ? -6.277  10.067  -18.999 1.00 36.63  ? 295 LEU 1 CD1 1 
ATOM 1130 C CD2 . LEU A 1 295 ? -6.599  8.881   -21.143 1.00 44.77  ? 295 LEU 1 CD2 1 
ATOM 1131 N N   . GLU A 1 296 ? -9.742  6.652   -17.794 1.00 31.79  ? 296 GLU 1 N   1 
ATOM 1132 C CA  . GLU A 1 296 ? -11.199 6.643   -17.629 1.00 25.81  ? 296 GLU 1 CA  1 
ATOM 1133 C C   . GLU A 1 296 ? -11.641 6.958   -16.194 1.00 37.10  ? 296 GLU 1 C   1 
ATOM 1134 O O   . GLU A 1 296 ? -12.624 7.683   -16.001 1.00 30.49  ? 296 GLU 1 O   1 
ATOM 1135 C CB  . GLU A 1 296 ? -11.788 5.292   -18.047 1.00 35.89  ? 296 GLU 1 CB  1 
ATOM 1136 C CG  . GLU A 1 296 ? -11.737 4.997   -19.537 1.00 42.37  ? 296 GLU 1 CG  1 
ATOM 1137 C CD  . GLU A 1 296 ? -12.192 3.592   -19.898 1.00 48.63  ? 296 GLU 1 CD  1 
ATOM 1138 O OE1 . GLU A 1 296 ? -12.603 2.825   -18.996 1.00 50.99  ? 296 GLU 1 OE1 1 
ATOM 1139 O OE2 . GLU A 1 296 ? -12.135 3.258   -21.098 1.00 46.14  ? 296 GLU 1 OE2 1 
ATOM 1140 N N   . GLN A 1 297 ? -10.934 6.453   -15.178 1.00 39.82  ? 297 GLN 1 N   1 
ATOM 1141 C CA  . GLN A 1 297 ? -11.294 6.795   -13.798 1.00 29.74  ? 297 GLN 1 CA  1 
ATOM 1142 C C   . GLN A 1 297 ? -10.897 8.215   -13.368 1.00 27.54  ? 297 GLN 1 C   1 
ATOM 1143 O O   . GLN A 1 297 ? -11.733 8.883   -12.736 1.00 25.94  ? 297 GLN 1 O   1 
ATOM 1144 C CB  . GLN A 1 297 ? -10.735 5.732   -12.838 1.00 28.48  ? 297 GLN 1 CB  1 
ATOM 1145 C CG  . GLN A 1 297 ? -11.074 5.905   -11.336 1.00 27.19  ? 297 GLN 1 CG  1 
ATOM 1146 C CD  . GLN A 1 297 ? -12.564 5.715   -10.988 1.00 20.60  ? 297 GLN 1 CD  1 
ATOM 1147 O OE1 . GLN A 1 297 ? -13.326 5.117   -11.746 1.00 31.32  ? 297 GLN 1 OE1 1 
ATOM 1148 N NE2 . GLN A 1 297 ? -12.950 6.217   -9.820  1.00 17.19  ? 297 GLN 1 NE2 1 
ATOM 1149 N N   . VAL A 1 298 ? -9.810  8.785   -13.911 1.00 27.59  ? 298 VAL 1 N   1 
ATOM 1150 C CA  . VAL A 1 298 ? -9.447  10.175  -13.605 1.00 30.16  ? 298 VAL 1 CA  1 
ATOM 1151 C C   . VAL A 1 298 ? -10.450 11.179  -14.167 1.00 37.37  ? 298 VAL 1 C   1 
ATOM 1152 O O   . VAL A 1 298 ? -11.057 11.927  -13.383 1.00 29.99  ? 298 VAL 1 O   1 
ATOM 1153 C CB  . VAL A 1 298 ? -8.012  10.453  -14.091 1.00 29.49  ? 298 VAL 1 CB  1 
ATOM 1154 C CG1 . VAL A 1 298 ? -7.699  11.928  -14.065 1.00 26.97  ? 298 VAL 1 CG1 1 
ATOM 1155 C CG2 . VAL A 1 298 ? -7.015  9.723   -13.184 1.00 37.23  ? 298 VAL 1 CG2 1 
ATOM 1156 N N   . MET A 1 299 ? -10.857 11.005  -15.419 1.00 44.61  ? 299 MET 1 N   1 
ATOM 1157 C CA  . MET A 1 299 ? -11.900 11.832  -16.034 1.00 33.43  ? 299 MET 1 CA  1 
ATOM 1158 C C   . MET A 1 299 ? -13.277 11.623  -15.393 1.00 31.72  ? 299 MET 1 C   1 
ATOM 1159 O O   . MET A 1 299 ? -14.086 12.556  -15.371 1.00 31.07  ? 299 MET 1 O   1 
ATOM 1160 C CB  . MET A 1 299 ? -11.949 11.555  -17.533 1.00 33.14  ? 299 MET 1 CB  1 
ATOM 1161 C CG  . MET A 1 299 ? -10.672 11.981  -18.219 1.00 35.56  ? 299 MET 1 CG  1 
ATOM 1162 S SD  . MET A 1 299 ? -10.773 12.025  -20.012 1.00 59.44  ? 299 MET 1 SD  1 
ATOM 1163 C CE  . MET A 1 299 ? -11.043 10.295  -20.368 1.00 38.83  ? 299 MET 1 CE  1 
ATOM 1164 N N   . ALA A 1 300 ? -13.548 10.438  -14.839 1.00 40.76  ? 300 ALA 1 N   1 
ATOM 1165 C CA  . ALA A 1 300 ? -14.770 10.219  -14.069 1.00 33.49  ? 300 ALA 1 CA  1 
ATOM 1166 C C   . ALA A 1 300 ? -14.733 10.884  -12.691 1.00 42.63  ? 300 ALA 1 C   1 
ATOM 1167 O O   . ALA A 1 300 ? -15.737 11.466  -12.258 1.00 39.70  ? 300 ALA 1 O   1 
ATOM 1168 C CB  . ALA A 1 300 ? -15.062 8.733   -13.916 1.00 26.60  ? 300 ALA 1 CB  1 
ATOM 1169 N N   . GLY A 1 301 ? -13.630 10.780  -11.968 1.00 43.44  ? 301 GLY 1 N   1 
ATOM 1170 C CA  . GLY A 1 301 ? -13.608 11.194  -10.572 1.00 40.57  ? 301 GLY 1 CA  1 
ATOM 1171 C C   . GLY A 1 301 ? -13.085 12.561  -10.194 1.00 38.43  ? 301 GLY 1 C   1 
ATOM 1172 O O   . GLY A 1 301 ? -13.394 13.053  -9.102  1.00 40.11  ? 301 GLY 1 O   1 
ATOM 1173 N N   . ALA A 1 302 ? -12.267 13.162  -11.041 1.00 49.26  ? 302 ALA 1 N   1 
ATOM 1174 C CA  . ALA A 1 302 ? -11.652 14.454  -10.762 1.00 53.16  ? 302 ALA 1 CA  1 
ATOM 1175 C C   . ALA A 1 302 ? -12.541 15.636  -11.141 1.00 53.38  ? 302 ALA 1 C   1 
ATOM 1176 O O   . ALA A 1 302 ? -13.468 15.532  -11.948 1.00 66.31  ? 302 ALA 1 O   1 
ATOM 1177 C CB  . ALA A 1 302 ? -10.321 14.573  -11.495 1.00 51.48  ? 302 ALA 1 CB  1 
ATOM 1178 N N   . THR A 1 303 ? -12.238 16.777  -10.512 1.00 58.48  ? 303 THR 1 N   1 
ATOM 1179 C CA  . THR A 1 303 ? -12.858 18.076  -10.801 1.00 64.60  ? 303 THR 1 CA  1 
ATOM 1180 C C   . THR A 1 303 ? -11.937 18.966  -11.646 1.00 67.16  ? 303 THR 1 C   1 
ATOM 1181 O O   . THR A 1 303 ? -11.252 19.874  -11.171 1.00 69.15  ? 303 THR 1 O   1 
ATOM 1182 C CB  . THR A 1 303 ? -13.216 18.772  -9.481  1.00 66.53  ? 303 THR 1 CB  1 
ATOM 1183 O OG1 . THR A 1 303 ? -13.910 17.856  -8.615  1.00 69.99  ? 303 THR 1 OG1 1 
ATOM 1184 C CG2 . THR A 1 303 ? -14.156 19.968  -9.701  1.00 62.43  ? 303 THR 1 CG2 1 
ATOM 1185 N N   . LEU A 1 304 ? -11.820 18.583  -12.924 1.00 65.66  ? 304 LEU 1 N   1 
ATOM 1186 C CA  . LEU A 1 304 ? -10.845 19.188  -13.837 1.00 68.05  ? 304 LEU 1 CA  1 
ATOM 1187 C C   . LEU A 1 304 ? -11.249 20.602  -14.275 1.00 73.40  ? 304 LEU 1 C   1 
ATOM 1188 O O   . LEU A 1 304 ? -12.403 20.822  -14.655 1.00 74.63  ? 304 LEU 1 O   1 
ATOM 1189 C CB  . LEU A 1 304 ? -10.734 18.304  -15.071 1.00 65.55  ? 304 LEU 1 CB  1 
ATOM 1190 C CG  . LEU A 1 304 ? -10.396 16.816  -14.933 1.00 63.48  ? 304 LEU 1 CG  1 
ATOM 1191 C CD1 . LEU A 1 304 ? -10.546 16.113  -16.268 1.00 61.63  ? 304 LEU 1 CD1 1 
ATOM 1192 C CD2 . LEU A 1 304 ? -9.006  16.610  -14.401 1.00 67.52  ? 304 LEU 1 CD2 1 
ATOM 1193 N N   . ASN A 1 305 ? -10.309 21.569  -14.230 1.00 83.47  ? 305 ASN 1 N   1 
ATOM 1194 C CA  . ASN A 1 305 ? -10.516 22.854  -14.922 1.00 80.64  ? 305 ASN 1 CA  1 
ATOM 1195 C C   . ASN A 1 305 ? -10.451 22.644  -16.440 1.00 79.25  ? 305 ASN 1 C   1 
ATOM 1196 O O   . ASN A 1 305 ? -9.851  21.677  -16.916 1.00 75.94  ? 305 ASN 1 O   1 
ATOM 1197 C CB  . ASN A 1 305 ? -9.532  23.937  -14.380 1.00 79.18  ? 305 ASN 1 CB  1 
ATOM 1198 C CG  . ASN A 1 305 ? -8.060  23.932  -14.996 1.00 84.56  ? 305 ASN 1 CG  1 
ATOM 1199 O OD1 . ASN A 1 305 ? -7.802  23.991  -16.212 1.00 84.66  ? 305 ASN 1 OD1 1 
ATOM 1200 N ND2 . ASN A 1 305 ? -7.095  23.860  -14.080 1.00 84.68  ? 305 ASN 1 ND2 1 
ATOM 1201 N N   . GLN A 1 306 ? -11.066 23.558  -17.206 1.00 81.31  ? 306 GLN 1 N   1 
ATOM 1202 C CA  . GLN A 1 306 ? -11.297 23.320  -18.632 1.00 84.40  ? 306 GLN 1 CA  1 
ATOM 1203 C C   . GLN A 1 306 ? -10.030 23.453  -19.511 1.00 84.29  ? 306 GLN 1 C   1 
ATOM 1204 O O   . GLN A 1 306 ? -9.959  22.785  -20.554 1.00 88.56  ? 306 GLN 1 O   1 
ATOM 1205 C CB  . GLN A 1 306 ? -12.466 24.211  -19.114 1.00 84.19  ? 306 GLN 1 CB  1 
ATOM 1206 C CG  . GLN A 1 306 ? -12.884 24.130  -20.601 1.00 83.42  ? 306 GLN 1 CG  1 
ATOM 1207 C CD  . GLN A 1 306 ? -13.439 22.783  -21.061 1.00 86.60  ? 306 GLN 1 CD  1 
ATOM 1208 O OE1 . GLN A 1 306 ? -14.274 22.161  -20.410 1.00 88.24  ? 306 GLN 1 OE1 1 
ATOM 1209 N NE2 . GLN A 1 306 ? -12.961 22.353  -22.224 1.00 82.89  ? 306 GLN 1 NE2 1 
ATOM 1210 N N   . MET A 1 307 ? -8.950  24.067  -19.024 1.00 69.90  ? 307 MET 1 N   1 
ATOM 1211 C CA  . MET A 1 307 ? -7.691  24.011  -19.767 1.00 68.97  ? 307 MET 1 CA  1 
ATOM 1212 C C   . MET A 1 307 ? -6.963  22.679  -19.576 1.00 71.18  ? 307 MET 1 C   1 
ATOM 1213 O O   . MET A 1 307 ? -6.320  22.189  -20.517 1.00 67.87  ? 307 MET 1 O   1 
ATOM 1214 C CB  . MET A 1 307 ? -6.794  25.198  -19.411 1.00 70.66  ? 307 MET 1 CB  1 
ATOM 1215 C CG  . MET A 1 307 ? -5.771  25.480  -20.509 1.00 72.25  ? 307 MET 1 CG  1 
ATOM 1216 S SD  . MET A 1 307 ? -6.453  26.181  -22.020 1.00 69.49  ? 307 MET 1 SD  1 
ATOM 1217 C CE  . MET A 1 307 ? -5.510  25.263  -23.247 1.00 67.98  ? 307 MET 1 CE  1 
ATOM 1218 N N   . LEU A 1 308 ? -7.103  22.086  -18.397 1.00 78.16  ? 308 LEU 1 N   1 
ATOM 1219 C CA  . LEU A 1 308 ? -6.694  20.713  -18.141 1.00 78.15  ? 308 LEU 1 CA  1 
ATOM 1220 C C   . LEU A 1 308 ? -7.556  19.709  -18.911 1.00 75.70  ? 308 LEU 1 C   1 
ATOM 1221 O O   . LEU A 1 308 ? -7.027  18.712  -19.428 1.00 75.75  ? 308 LEU 1 O   1 
ATOM 1222 C CB  . LEU A 1 308 ? -6.684  20.421  -16.636 1.00 77.68  ? 308 LEU 1 CB  1 
ATOM 1223 C CG  . LEU A 1 308 ? -6.185  19.049  -16.154 1.00 78.20  ? 308 LEU 1 CG  1 
ATOM 1224 C CD1 . LEU A 1 308 ? -4.785  18.740  -16.666 1.00 72.63  ? 308 LEU 1 CD1 1 
ATOM 1225 C CD2 . LEU A 1 308 ? -6.171  19.032  -14.639 1.00 74.73  ? 308 LEU 1 CD2 1 
ATOM 1226 N N   . TRP A 1 309 ? -8.871  19.938  -18.963 1.00 72.68  ? 309 TRP 1 N   1 
ATOM 1227 C CA  . TRP A 1 309 ? -9.784  19.140  -19.779 1.00 70.99  ? 309 TRP 1 CA  1 
ATOM 1228 C C   . TRP A 1 309 ? -9.377  19.090  -21.259 1.00 67.39  ? 309 TRP 1 C   1 
ATOM 1229 O O   . TRP A 1 309 ? -9.395  17.993  -21.847 1.00 71.80  ? 309 TRP 1 O   1 
ATOM 1230 C CB  . TRP A 1 309 ? -11.228 19.645  -19.602 1.00 65.13  ? 309 TRP 1 CB  1 
ATOM 1231 C CG  . TRP A 1 309 ? -12.196 18.515  -19.859 1.00 68.68  ? 309 TRP 1 CG  1 
ATOM 1232 C CD1 . TRP A 1 309 ? -12.351 17.790  -21.004 1.00 71.28  ? 309 TRP 1 CD1 1 
ATOM 1233 C CD2 . TRP A 1 309 ? -12.997 17.852  -18.871 1.00 73.17  ? 309 TRP 1 CD2 1 
ATOM 1234 N NE1 . TRP A 1 309 ? -13.213 16.751  -20.809 1.00 70.57  ? 309 TRP 1 NE1 1 
ATOM 1235 C CE2 . TRP A 1 309 ? -13.644 16.779  -19.522 1.00 73.24  ? 309 TRP 1 CE2 1 
ATOM 1236 C CE3 . TRP A 1 309 ? -13.278 18.084  -17.523 1.00 74.85  ? 309 TRP 1 CE3 1 
ATOM 1237 C CZ2 . TRP A 1 309 ? -14.553 15.948  -18.875 1.00 71.96  ? 309 TRP 1 CZ2 1 
ATOM 1238 C CZ3 . TRP A 1 309 ? -14.167 17.243  -16.872 1.00 75.99  ? 309 TRP 1 CZ3 1 
ATOM 1239 C CH2 . TRP A 1 309 ? -14.803 16.192  -17.558 1.00 72.12  ? 309 TRP 1 CH2 1 
ATOM 1240 N N   . CYS A 1 310 ? -8.955  20.220  -21.852 1.00 67.21  ? 310 CYS 1 N   1 
ATOM 1241 C CA  . CYS A 1 310 ? -8.449  20.226  -23.238 1.00 71.16  ? 310 CYS 1 CA  1 
ATOM 1242 C C   . CYS A 1 310 ? -7.217  19.296  -23.454 1.00 71.01  ? 310 CYS 1 C   1 
ATOM 1243 O O   . CYS A 1 310 ? -7.168  18.508  -24.428 1.00 71.42  ? 310 CYS 1 O   1 
ATOM 1244 C CB  . CYS A 1 310 ? -8.116  21.665  -23.647 1.00 75.69  ? 310 CYS 1 CB  1 
ATOM 1245 S SG  . CYS A 1 310 ? -9.583  22.737  -23.799 1.00 76.19  ? 310 CYS 1 SG  1 
ATOM 1246 N N   . ARG A 1 311 ? -6.308  19.224  -22.484 1.00 70.39  ? 311 ARG 1 N   1 
ATOM 1247 C CA  . ARG A 1 311 ? -5.121  18.377  -22.637 1.00 68.57  ? 311 ARG 1 CA  1 
ATOM 1248 C C   . ARG A 1 311 ? -5.401  16.890  -22.423 1.00 71.14  ? 311 ARG 1 C   1 
ATOM 1249 O O   . ARG A 1 311 ? -4.871  16.060  -23.198 1.00 71.85  ? 311 ARG 1 O   1 
ATOM 1250 C CB  . ARG A 1 311 ? -4.001  18.852  -21.716 1.00 68.57  ? 311 ARG 1 CB  1 
ATOM 1251 C CG  . ARG A 1 311 ? -3.455  20.208  -22.101 1.00 68.80  ? 311 ARG 1 CG  1 
ATOM 1252 C CD  . ARG A 1 311 ? -2.245  20.595  -21.273 1.00 70.05  ? 311 ARG 1 CD  1 
ATOM 1253 N NE  . ARG A 1 311 ? -1.010  19.965  -21.720 1.00 73.98  ? 311 ARG 1 NE  1 
ATOM 1254 C CZ  . ARG A 1 311 ? 0.145   20.041  -21.069 1.00 70.95  ? 311 ARG 1 CZ  1 
ATOM 1255 N NH1 . ARG A 1 311 ? 0.254   20.659  -19.918 1.00 66.41  ? 311 ARG 1 NH1 1 
ATOM 1256 N NH2 . ARG A 1 311 ? 1.221   19.453  -21.576 1.00 66.43  ? 311 ARG 1 NH2 1 
ATOM 1257 N N   . LEU A 1 312 ? -6.160  16.524  -21.377 1.00 73.10  ? 312 LEU 1 N   1 
ATOM 1258 C CA  . LEU A 1 312 ? -6.480  15.111  -21.151 1.00 66.75  ? 312 LEU 1 CA  1 
ATOM 1259 C C   . LEU A 1 312 ? -7.286  14.520  -22.310 1.00 69.49  ? 312 LEU 1 C   1 
ATOM 1260 O O   . LEU A 1 312 ? -7.073  13.353  -22.672 1.00 71.83  ? 312 LEU 1 O   1 
ATOM 1261 C CB  . LEU A 1 312 ? -7.214  14.923  -19.818 1.00 65.19  ? 312 LEU 1 CB  1 
ATOM 1262 C CG  . LEU A 1 312 ? -6.426  15.235  -18.534 1.00 67.16  ? 312 LEU 1 CG  1 
ATOM 1263 C CD1 . LEU A 1 312 ? -7.205  14.794  -17.318 1.00 66.29  ? 312 LEU 1 CD1 1 
ATOM 1264 C CD2 . LEU A 1 312 ? -5.067  14.550  -18.554 1.00 67.27  ? 312 LEU 1 CD2 1 
ATOM 1265 N N   . ARG A 1 313 ? -8.158  15.310  -22.941 1.00 80.98  ? 313 ARG 1 N   1 
ATOM 1266 C CA  . ARG A 1 313 ? -8.843  14.897  -24.168 1.00 78.24  ? 313 ARG 1 CA  1 
ATOM 1267 C C   . ARG A 1 313 ? -7.929  14.780  -25.388 1.00 75.27  ? 313 ARG 1 C   1 
ATOM 1268 O O   . ARG A 1 313 ? -8.260  14.026  -26.310 1.00 78.89  ? 313 ARG 1 O   1 
ATOM 1269 C CB  . ARG A 1 313 ? -9.999  15.824  -24.467 1.00 70.94  ? 313 ARG 1 CB  1 
ATOM 1270 C CG  . ARG A 1 313 ? -11.097 15.684  -23.472 1.00 74.43  ? 313 ARG 1 CG  1 
ATOM 1271 C CD  . ARG A 1 313 ? -11.661 14.254  -23.424 1.00 81.86  ? 313 ARG 1 CD  1 
ATOM 1272 N NE  . ARG A 1 313 ? -13.113 14.279  -23.321 1.00 84.67  ? 313 ARG 1 NE  1 
ATOM 1273 C CZ  . ARG A 1 313 ? -13.944 14.677  -24.278 1.00 83.78  ? 313 ARG 1 CZ  1 
ATOM 1274 N NH1 . ARG A 1 313 ? -13.541 14.894  -25.513 1.00 79.56  ? 313 ARG 1 NH1 1 
ATOM 1275 N NH2 . ARG A 1 313 ? -15.229 14.847  -23.997 1.00 81.62  ? 313 ARG 1 NH2 1 
ATOM 1276 N N   . GLU A 1 314 ? -6.770  15.436  -25.396 1.00 76.11  ? 314 GLU 1 N   1 
ATOM 1277 C CA  . GLU A 1 314 ? -5.767  15.052  -26.403 1.00 78.79  ? 314 GLU 1 CA  1 
ATOM 1278 C C   . GLU A 1 314 ? -5.133  13.693  -26.104 1.00 84.24  ? 314 GLU 1 C   1 
ATOM 1279 O O   . GLU A 1 314 ? -5.022  12.869  -27.022 1.00 89.67  ? 314 GLU 1 O   1 
ATOM 1280 C CB  . GLU A 1 314 ? -4.679  16.105  -26.579 1.00 81.77  ? 314 GLU 1 CB  1 
ATOM 1281 C CG  . GLU A 1 314 ? -5.170  17.402  -27.188 1.00 83.97  ? 314 GLU 1 CG  1 
ATOM 1282 C CD  . GLU A 1 314 ? -4.078  18.437  -27.343 1.00 87.92  ? 314 GLU 1 CD  1 
ATOM 1283 O OE1 . GLU A 1 314 ? -2.960  18.080  -27.778 1.00 87.13  ? 314 GLU 1 OE1 1 
ATOM 1284 O OE2 . GLU A 1 314 ? -4.346  19.616  -27.034 1.00 89.93  ? 314 GLU 1 OE2 1 
ATOM 1285 N N   . LEU A 1 315 ? -4.729  13.433  -24.853 1.00 79.26  ? 315 LEU 1 N   1 
ATOM 1286 C CA  . LEU A 1 315 ? -4.110  12.148  -24.465 1.00 76.31  ? 315 LEU 1 CA  1 
ATOM 1287 C C   . LEU A 1 315 ? -5.023  10.941  -24.740 1.00 76.19  ? 315 LEU 1 C   1 
ATOM 1288 O O   . LEU A 1 315 ? -4.532  9.863   -25.107 1.00 76.18  ? 315 LEU 1 O   1 
ATOM 1289 C CB  . LEU A 1 315 ? -3.719  12.164  -22.992 1.00 75.47  ? 315 LEU 1 CB  1 
ATOM 1290 C CG  . LEU A 1 315 ? -2.699  13.204  -22.540 1.00 74.66  ? 315 LEU 1 CG  1 
ATOM 1291 C CD1 . LEU A 1 315 ? -2.456  13.057  -21.056 1.00 73.56  ? 315 LEU 1 CD1 1 
ATOM 1292 C CD2 . LEU A 1 315 ? -1.409  13.006  -23.311 1.00 76.98  ? 315 LEU 1 CD2 1 
ATOM 1293 N N   . LYS A 1 316 ? -6.338  11.108  -24.548 1.00 79.88  ? 316 LYS 1 N   1 
ATOM 1294 C CA  . LYS A 1 316 ? -7.339  10.091  -24.867 1.00 81.12  ? 316 LYS 1 CA  1 
ATOM 1295 C C   . LYS A 1 316 ? -7.312  9.669   -26.346 1.00 83.88  ? 316 LYS 1 C   1 
ATOM 1296 O O   . LYS A 1 316 ? -7.607  8.508   -26.655 1.00 82.60  ? 316 LYS 1 O   1 
ATOM 1297 C CB  . LYS A 1 316 ? -8.726  10.624  -24.496 1.00 76.51  ? 316 LYS 1 CB  1 
ATOM 1298 C CG  . LYS A 1 316 ? -9.833  9.583   -24.481 1.00 80.93  ? 316 LYS 1 CG  1 
ATOM 1299 C CD  . LYS A 1 316 ? -11.203 10.229  -24.383 1.00 82.03  ? 316 LYS 1 CD  1 
ATOM 1300 C CE  . LYS A 1 316 ? -12.288 9.166   -24.391 1.00 86.52  ? 316 LYS 1 CE  1 
ATOM 1301 N NZ  . LYS A 1 316 ? -13.656 9.751   -24.433 1.00 85.60  ? 316 LYS 1 NZ  1 
ATOM 1302 N N   . ASP A 1 317 ? -6.948  10.567  -27.259 1.00 87.84  ? 317 ASP 1 N   1 
ATOM 1303 C CA  . ASP A 1 317 ? -7.022  10.328  -28.694 1.00 86.35  ? 317 ASP 1 CA  1 
ATOM 1304 C C   . ASP A 1 317 ? -5.659  10.157  -29.366 1.00 87.38  ? 317 ASP 1 C   1 
ATOM 1305 O O   . ASP A 1 317 ? -5.582  9.488   -30.406 1.00 86.11  ? 317 ASP 1 O   1 
ATOM 1306 C CB  . ASP A 1 317 ? -7.742  11.495  -29.400 1.00 88.05  ? 317 ASP 1 CB  1 
ATOM 1307 C CG  . ASP A 1 317 ? -9.221  11.595  -29.041 1.00 90.25  ? 317 ASP 1 CG  1 
ATOM 1308 O OD1 . ASP A 1 317 ? -9.758  10.687  -28.382 1.00 89.97  ? 317 ASP 1 OD1 1 
ATOM 1309 O OD2 . ASP A 1 317 ? -9.848  12.613  -29.423 1.00 89.25  ? 317 ASP 1 OD2 1 
ATOM 1310 N N   . GLN A 1 318 ? -4.595  10.769  -28.833 1.00 98.14  ? 318 GLN 1 N   1 
ATOM 1311 C CA  . GLN A 1 318 ? -3.243  10.818  -29.416 1.00 97.49  ? 318 GLN 1 CA  1 
ATOM 1312 C C   . GLN A 1 318 ? -2.480  9.504   -29.180 1.00 98.36  ? 318 GLN 1 C   1 
ATOM 1313 O O   . GLN A 1 318 ? -1.528  9.409   -28.408 1.00 99.48  ? 318 GLN 1 O   1 
ATOM 1314 C CB  . GLN A 1 318 ? -2.504  12.038  -28.889 1.00 98.63  ? 318 GLN 1 CB  1 
ATOM 1315 C CG  . GLN A 1 318 ? -1.189  12.409  -29.566 1.00 98.07  ? 318 GLN 1 CG  1 
ATOM 1316 C CD  . GLN A 1 318 ? -0.586  13.705  -29.031 1.00 100.84 ? 318 GLN 1 CD  1 
ATOM 1317 O OE1 . GLN A 1 318 ? -1.022  14.239  -28.004 1.00 101.48 ? 318 GLN 1 OE1 1 
ATOM 1318 N NE2 . GLN A 1 318 ? 0.415   14.200  -29.732 1.00 100.48 ? 318 GLN 1 NE2 1 
ATOM 1319 N N   . GLY A 1 319 ? -2.947  8.448   -29.845 1.00 92.43  ? 319 GLY 1 N   1 
ATOM 1320 C CA  . GLY A 1 319 ? -2.317  7.155   -29.780 1.00 91.62  ? 319 GLY 1 CA  1 
ATOM 1321 C C   . GLY A 1 319 ? -2.538  6.400   -28.478 1.00 89.92  ? 319 GLY 1 C   1 
ATOM 1322 O O   . GLY A 1 319 ? -3.662  6.393   -27.952 1.00 91.35  ? 319 GLY 1 O   1 
ATOM 1323 N N   . PRO A 1 320 ? -1.519  5.704   -27.980 1.00 76.30  ? 320 PRO 1 N   1 
ATOM 1324 C CA  . PRO A 1 320 ? -1.714  4.883   -26.780 1.00 78.80  ? 320 PRO 1 CA  1 
ATOM 1325 C C   . PRO A 1 320 ? -1.922  5.712   -25.518 1.00 82.21  ? 320 PRO 1 C   1 
ATOM 1326 O O   . PRO A 1 320 ? -1.479  6.871   -25.429 1.00 81.91  ? 320 PRO 1 O   1 
ATOM 1327 C CB  . PRO A 1 320 ? -0.410  4.049   -26.697 1.00 74.17  ? 320 PRO 1 CB  1 
ATOM 1328 C CG  . PRO A 1 320 ? 0.624   4.877   -27.284 1.00 74.60  ? 320 PRO 1 CG  1 
ATOM 1329 C CD  . PRO A 1 320 ? -0.129  5.617   -28.430 1.00 76.00  ? 320 PRO 1 CD  1 
ATOM 1330 N N   . PRO A 1 321 ? -2.619  5.148   -24.513 1.00 67.14  ? 321 PRO 1 N   1 
ATOM 1331 C CA  . PRO A 1 321 ? -2.821  5.866   -23.249 1.00 59.00  ? 321 PRO 1 CA  1 
ATOM 1332 C C   . PRO A 1 321 ? -1.538  6.073   -22.452 1.00 58.59  ? 321 PRO 1 C   1 
ATOM 1333 O O   . PRO A 1 321 ? -0.608  5.253   -22.524 1.00 57.75  ? 321 PRO 1 O   1 
ATOM 1334 C CB  . PRO A 1 321 ? -3.825  4.974   -22.485 1.00 63.35  ? 321 PRO 1 CB  1 
ATOM 1335 C CG  . PRO A 1 321 ? -3.608  3.634   -22.955 1.00 66.37  ? 321 PRO 1 CG  1 
ATOM 1336 C CD  . PRO A 1 321 ? -3.262  3.836   -24.450 1.00 61.57  ? 321 PRO 1 CD  1 
ATOM 1337 N N   . PRO A 1 322 ? -1.439  7.176   -21.703 1.00 52.41  ? 322 PRO 1 N   1 
ATOM 1338 C CA  . PRO A 1 322 ? -0.200  7.521   -20.981 1.00 54.82  ? 322 PRO 1 CA  1 
ATOM 1339 C C   . PRO A 1 322 ? 0.124   6.584   -19.815 1.00 62.38  ? 322 PRO 1 C   1 
ATOM 1340 O O   . PRO A 1 322 ? -0.761  5.982   -19.214 1.00 70.33  ? 322 PRO 1 O   1 
ATOM 1341 C CB  . PRO A 1 322 ? -0.451  8.957   -20.467 1.00 57.53  ? 322 PRO 1 CB  1 
ATOM 1342 C CG  . PRO A 1 322 ? -1.899  9.037   -20.269 1.00 54.09  ? 322 PRO 1 CG  1 
ATOM 1343 C CD  . PRO A 1 322 ? -2.447  8.211   -21.463 1.00 56.66  ? 322 PRO 1 CD  1 
ATOM 1344 N N   . SER A 1 323 ? 1.428   6.504   -19.495 1.00 54.53  ? 323 SER 1 N   1 
ATOM 1345 C CA  . SER A 1 323 ? 1.921   5.871   -18.271 1.00 47.53  ? 323 SER 1 CA  1 
ATOM 1346 C C   . SER A 1 323 ? 1.602   6.739   -17.047 1.00 45.89  ? 323 SER 1 C   1 
ATOM 1347 O O   . SER A 1 323 ? 1.097   7.860   -17.172 1.00 51.99  ? 323 SER 1 O   1 
ATOM 1348 C CB  . SER A 1 323 ? 3.430   5.650   -18.343 1.00 47.44  ? 323 SER 1 CB  1 
ATOM 1349 O OG  . SER A 1 323 ? 3.817   5.177   -19.621 1.00 50.93  ? 323 SER 1 OG  1 
ATOM 1350 N N   . PHE A 1 324 ? 1.902   6.210   -15.852 1.00 42.19  ? 324 PHE 1 N   1 
ATOM 1351 C CA  . PHE A 1 324 ? 1.687   6.935   -14.596 1.00 44.27  ? 324 PHE 1 CA  1 
ATOM 1352 C C   . PHE A 1 324 ? 2.497   8.234   -14.498 1.00 50.92  ? 324 PHE 1 C   1 
ATOM 1353 O O   . PHE A 1 324 ? 1.932   9.304   -14.213 1.00 52.02  ? 324 PHE 1 O   1 
ATOM 1354 C CB  . PHE A 1 324 ? 1.996   6.019   -13.407 1.00 44.27  ? 324 PHE 1 CB  1 
ATOM 1355 C CG  . PHE A 1 324 ? 1.927   6.704   -12.072 1.00 38.85  ? 324 PHE 1 CG  1 
ATOM 1356 C CD1 . PHE A 1 324 ? 0.707   7.138   -11.569 1.00 35.86  ? 324 PHE 1 CD1 1 
ATOM 1357 C CD2 . PHE A 1 324 ? 3.072   6.915   -11.315 1.00 45.58  ? 324 PHE 1 CD2 1 
ATOM 1358 C CE1 . PHE A 1 324 ? 0.630   7.774   -10.347 1.00 39.67  ? 324 PHE 1 CE1 1 
ATOM 1359 C CE2 . PHE A 1 324 ? 3.001   7.548   -10.094 1.00 41.75  ? 324 PHE 1 CE2 1 
ATOM 1360 C CZ  . PHE A 1 324 ? 1.781   7.972   -9.609  1.00 40.37  ? 324 PHE 1 CZ  1 
ATOM 1361 N N   . LEU A 1 325 ? 3.804   8.183   -14.781 1.00 49.36  ? 325 LEU 1 N   1 
ATOM 1362 C CA  . LEU A 1 325 ? 4.653   9.372   -14.663 1.00 46.41  ? 325 LEU 1 CA  1 
ATOM 1363 C C   . LEU A 1 325 ? 4.421   10.398  -15.779 1.00 50.09  ? 325 LEU 1 C   1 
ATOM 1364 O O   . LEU A 1 325 ? 4.508   11.610  -15.519 1.00 53.38  ? 325 LEU 1 O   1 
ATOM 1365 C CB  . LEU A 1 325 ? 6.129   8.967   -14.578 1.00 46.80  ? 325 LEU 1 CB  1 
ATOM 1366 C CG  . LEU A 1 325 ? 6.551   8.256   -13.280 1.00 46.15  ? 325 LEU 1 CG  1 
ATOM 1367 C CD1 . LEU A 1 325 ? 7.977   7.775   -13.391 1.00 45.86  ? 325 LEU 1 CD1 1 
ATOM 1368 C CD2 . LEU A 1 325 ? 6.399   9.179   -12.073 1.00 43.70  ? 325 LEU 1 CD2 1 
ATOM 1369 N N   . GLU A 1 326 ? 4.038   9.946   -16.981 1.00 50.91  ? 326 GLU 1 N   1 
ATOM 1370 C CA  . GLU A 1 326 ? 3.609   10.838  -18.064 1.00 46.05  ? 326 GLU 1 CA  1 
ATOM 1371 C C   . GLU A 1 326 ? 2.341   11.636  -17.721 1.00 46.44  ? 326 GLU 1 C   1 
ATOM 1372 O O   . GLU A 1 326 ? 2.308   12.874  -17.884 1.00 54.33  ? 326 GLU 1 O   1 
ATOM 1373 C CB  . GLU A 1 326 ? 3.401   10.030  -19.346 1.00 47.69  ? 326 GLU 1 CB  1 
ATOM 1374 C CG  . GLU A 1 326 ? 4.681   9.409   -19.905 1.00 54.81  ? 326 GLU 1 CG  1 
ATOM 1375 C CD  . GLU A 1 326 ? 4.445   8.482   -21.082 1.00 63.00  ? 326 GLU 1 CD  1 
ATOM 1376 O OE1 . GLU A 1 326 ? 3.642   7.536   -20.971 1.00 65.10  ? 326 GLU 1 OE1 1 
ATOM 1377 O OE2 . GLU A 1 326 ? 5.107   8.674   -22.118 1.00 63.89  ? 326 GLU 1 OE2 1 
ATOM 1378 N N   . LEU A 1 327 ? 1.296   10.938  -17.243 1.00 43.54  ? 327 LEU 1 N   1 
ATOM 1379 C CA  . LEU A 1 327 ? 0.060   11.583  -16.797 1.00 38.60  ? 327 LEU 1 CA  1 
ATOM 1380 C C   . LEU A 1 327 ? 0.321   12.548  -15.634 1.00 43.60  ? 327 LEU 1 C   1 
ATOM 1381 O O   . LEU A 1 327 ? -0.235  13.660  -15.602 1.00 41.28  ? 327 LEU 1 O   1 
ATOM 1382 C CB  . LEU A 1 327 ? -0.960  10.508  -16.418 1.00 46.75  ? 327 LEU 1 CB  1 
ATOM 1383 C CG  . LEU A 1 327 ? -2.343  10.968  -15.968 1.00 46.77  ? 327 LEU 1 CG  1 
ATOM 1384 C CD1 . LEU A 1 327 ? -3.026  11.687  -17.103 1.00 50.18  ? 327 LEU 1 CD1 1 
ATOM 1385 C CD2 . LEU A 1 327 ? -3.162  9.772   -15.538 1.00 40.98  ? 327 LEU 1 CD2 1 
ATOM 1386 N N   . MET A 1 328 ? 1.205   12.155  -14.702 1.00 50.88  ? 328 MET 1 N   1 
ATOM 1387 C CA  . MET A 1 328 ? 1.533   12.968  -13.534 1.00 46.65  ? 328 MET 1 CA  1 
ATOM 1388 C C   . MET A 1 328 ? 2.287   14.260  -13.901 1.00 51.93  ? 328 MET 1 C   1 
ATOM 1389 O O   . MET A 1 328 ? 2.004   15.328  -13.319 1.00 49.77  ? 328 MET 1 O   1 
ATOM 1390 C CB  . MET A 1 328 ? 2.322   12.111  -12.539 1.00 44.45  ? 328 MET 1 CB  1 
ATOM 1391 C CG  . MET A 1 328 ? 2.581   12.795  -11.219 1.00 54.18  ? 328 MET 1 CG  1 
ATOM 1392 S SD  . MET A 1 328 ? 1.123   13.044  -10.206 1.00 48.33  ? 328 MET 1 SD  1 
ATOM 1393 C CE  . MET A 1 328 ? 0.856   11.423  -9.519  1.00 52.28  ? 328 MET 1 CE  1 
ATOM 1394 N N   . LYS A 1 329 ? 3.118   14.209  -14.952 1.00 57.78  ? 329 LYS 1 N   1 
ATOM 1395 C CA  . LYS A 1 329 ? 3.796   15.386  -15.496 1.00 55.31  ? 329 LYS 1 CA  1 
ATOM 1396 C C   . LYS A 1 329 ? 2.815   16.398  -16.104 1.00 51.75  ? 329 LYS 1 C   1 
ATOM 1397 O O   . LYS A 1 329 ? 2.879   17.607  -15.782 1.00 51.58  ? 329 LYS 1 O   1 
ATOM 1398 C CB  . LYS A 1 329 ? 4.845   14.975  -16.522 1.00 57.54  ? 329 LYS 1 CB  1 
ATOM 1399 C CG  . LYS A 1 329 ? 5.651   16.169  -17.035 1.00 53.70  ? 329 LYS 1 CG  1 
ATOM 1400 C CD  . LYS A 1 329 ? 6.746   15.770  -17.997 1.00 58.04  ? 329 LYS 1 CD  1 
ATOM 1401 C CE  . LYS A 1 329 ? 7.496   16.998  -18.483 1.00 61.91  ? 329 LYS 1 CE  1 
ATOM 1402 N NZ  . LYS A 1 329 ? 8.569   16.656  -19.454 1.00 62.70  ? 329 LYS 1 NZ  1 
ATOM 1403 N N   . VAL A 1 330 ? 1.942   15.923  -17.013 1.00 51.78  ? 330 VAL 1 N   1 
ATOM 1404 C CA  . VAL A 1 330 ? 0.901   16.750  -17.648 1.00 45.36  ? 330 VAL 1 CA  1 
ATOM 1405 C C   . VAL A 1 330 ? -0.009  17.435  -16.614 1.00 41.20  ? 330 VAL 1 C   1 
ATOM 1406 O O   . VAL A 1 330 ? -0.323  18.629  -16.758 1.00 54.76  ? 330 VAL 1 O   1 
ATOM 1407 C CB  . VAL A 1 330 ? 0.088   15.915  -18.655 1.00 46.17  ? 330 VAL 1 CB  1 
ATOM 1408 C CG1 . VAL A 1 330 ? -1.084  16.694  -19.251 1.00 45.03  ? 330 VAL 1 CG1 1 
ATOM 1409 C CG2 . VAL A 1 330 ? 0.978   15.443  -19.784 1.00 50.34  ? 330 VAL 1 CG2 1 
ATOM 1410 N N   . ILE A 1 331 ? -0.398  16.727  -15.547 1.00 43.89  ? 331 ILE 1 N   1 
ATOM 1411 C CA  . ILE A 1 331 ? -1.213  17.328  -14.478 1.00 50.80  ? 331 ILE 1 CA  1 
ATOM 1412 C C   . ILE A 1 331 ? -0.444  18.437  -13.721 1.00 51.86  ? 331 ILE 1 C   1 
ATOM 1413 O O   . ILE A 1 331 ? -0.987  19.547  -13.509 1.00 53.64  ? 331 ILE 1 O   1 
ATOM 1414 C CB  . ILE A 1 331 ? -1.732  16.215  -13.558 1.00 52.78  ? 331 ILE 1 CB  1 
ATOM 1415 C CG1 . ILE A 1 331 ? -2.796  15.395  -14.310 1.00 51.21  ? 331 ILE 1 CG1 1 
ATOM 1416 C CG2 . ILE A 1 331 ? -2.323  16.771  -12.284 1.00 49.33  ? 331 ILE 1 CG2 1 
ATOM 1417 C CD1 . ILE A 1 331 ? -3.210  14.127  -13.634 1.00 49.37  ? 331 ILE 1 CD1 1 
ATOM 1418 N N   . ARG A 1 332 ? 0.837   18.191  -13.377 1.00 60.79  ? 332 ARG 1 N   1 
ATOM 1419 C CA  . ARG A 1 332 ? 1.648   19.141  -12.595 1.00 59.52  ? 332 ARG 1 CA  1 
ATOM 1420 C C   . ARG A 1 332 ? 1.873   20.465  -13.330 1.00 61.86  ? 332 ARG 1 C   1 
ATOM 1421 O O   . ARG A 1 332 ? 1.791   21.533  -12.705 1.00 65.03  ? 332 ARG 1 O   1 
ATOM 1422 C CB  . ARG A 1 332 ? 2.988   18.507  -12.220 1.00 60.87  ? 332 ARG 1 CB  1 
ATOM 1423 C CG  . ARG A 1 332 ? 2.933   17.550  -11.036 1.00 57.68  ? 332 ARG 1 CG  1 
ATOM 1424 C CD  . ARG A 1 332 ? 3.144   18.248  -9.687  1.00 56.52  ? 332 ARG 1 CD  1 
ATOM 1425 N NE  . ARG A 1 332 ? 4.515   18.732  -9.598  1.00 56.91  ? 332 ARG 1 NE  1 
ATOM 1426 C CZ  . ARG A 1 332 ? 4.993   19.519  -8.641  1.00 60.85  ? 332 ARG 1 CZ  1 
ATOM 1427 N NH1 . ARG A 1 332 ? 4.266   19.880  -7.606  1.00 59.94  ? 332 ARG 1 NH1 1 
ATOM 1428 N NH2 . ARG A 1 332 ? 6.255   19.929  -8.709  1.00 59.15  ? 332 ARG 1 NH2 1 
ATOM 1429 N N   . GLU A 1 333 ? 2.137   20.418  -14.646 1.00 60.51  ? 333 GLU 1 N   1 
ATOM 1430 C CA  . GLU A 1 333 ? 2.235   21.628  -15.490 1.00 52.50  ? 333 GLU 1 CA  1 
ATOM 1431 C C   . GLU A 1 333 ? 0.989   22.533  -15.484 1.00 55.62  ? 333 GLU 1 C   1 
ATOM 1432 O O   . GLU A 1 333 ? 1.107   23.726  -15.786 1.00 60.96  ? 333 GLU 1 O   1 
ATOM 1433 C CB  . GLU A 1 333 ? 2.491   21.232  -16.943 1.00 52.32  ? 333 GLU 1 CB  1 
ATOM 1434 C CG  . GLU A 1 333 ? 3.828   20.582  -17.209 1.00 52.05  ? 333 GLU 1 CG  1 
ATOM 1435 C CD  . GLU A 1 333 ? 3.948   20.066  -18.628 1.00 61.05  ? 333 GLU 1 CD  1 
ATOM 1436 O OE1 . GLU A 1 333 ? 2.967   20.178  -19.401 1.00 64.66  ? 333 GLU 1 OE1 1 
ATOM 1437 O OE2 . GLU A 1 333 ? 5.022   19.534  -18.969 1.00 63.81  ? 333 GLU 1 OE2 1 
ATOM 1438 N N   . GLU A 1 334 ? -0.186  22.005  -15.154 1.00 65.46  ? 334 GLU 1 N   1 
ATOM 1439 C CA  . GLU A 1 334 ? -1.445  22.730  -15.147 1.00 65.83  ? 334 GLU 1 CA  1 
ATOM 1440 C C   . GLU A 1 334 ? -1.837  23.223  -13.761 1.00 64.20  ? 334 GLU 1 C   1 
ATOM 1441 O O   . GLU A 1 334 ? -2.677  24.124  -13.654 1.00 60.98  ? 334 GLU 1 O   1 
ATOM 1442 C CB  . GLU A 1 334 ? -2.540  21.842  -15.743 1.00 65.45  ? 334 GLU 1 CB  1 
ATOM 1443 C CG  . GLU A 1 334 ? -3.333  22.491  -16.853 1.00 62.28  ? 334 GLU 1 CG  1 
ATOM 1444 C CD  . GLU A 1 334 ? -2.475  22.738  -18.064 1.00 67.03  ? 334 GLU 1 CD  1 
ATOM 1445 O OE1 . GLU A 1 334 ? -1.643  21.870  -18.378 1.00 62.79  ? 334 GLU 1 OE1 1 
ATOM 1446 O OE2 . GLU A 1 334 ? -2.677  23.775  -18.730 1.00 68.00  ? 334 GLU 1 OE2 1 
ATOM 1447 N N   . GLU A 1 335 ? -1.262  22.650  -12.699 1.00 71.11  ? 335 GLU 1 N   1 
ATOM 1448 C CA  . GLU A 1 335 ? -1.677  22.978  -11.330 1.00 75.87  ? 335 GLU 1 CA  1 
ATOM 1449 C C   . GLU A 1 335 ? -1.171  24.350  -10.841 1.00 78.02  ? 335 GLU 1 C   1 
ATOM 1450 O O   . GLU A 1 335 ? -1.760  24.912  -9.910  1.00 74.19  ? 335 GLU 1 O   1 
ATOM 1451 C CB  . GLU A 1 335 ? -1.169  21.908  -10.358 1.00 73.35  ? 335 GLU 1 CB  1 
ATOM 1452 C CG  . GLU A 1 335 ? -1.794  20.537  -10.520 1.00 74.84  ? 335 GLU 1 CG  1 
ATOM 1453 C CD  . GLU A 1 335 ? -2.602  20.097  -9.331  1.00 79.49  ? 335 GLU 1 CD  1 
ATOM 1454 O OE1 . GLU A 1 335 ? -3.687  20.654  -9.095  1.00 75.75  ? 335 GLU 1 OE1 1 
ATOM 1455 O OE2 . GLU A 1 335 ? -2.139  19.188  -8.621  1.00 81.41  ? 335 GLU 1 OE2 1 
ATOM 1456 N N   . GLU A 1 336 ? -0.084  24.875  -11.419 1.00 88.49  ? 336 GLU 1 N   1 
ATOM 1457 C CA  . GLU A 1 336 ? 0.597   26.102  -10.981 1.00 84.29  ? 336 GLU 1 CA  1 
ATOM 1458 C C   . GLU A 1 336 ? -0.158  27.402  -11.309 1.00 85.27  ? 336 GLU 1 C   1 
ATOM 1459 O O   . GLU A 1 336 ? -0.770  27.535  -12.371 1.00 91.10  ? 336 GLU 1 O   1 
ATOM 1460 C CB  . GLU A 1 336 ? 2.016   26.123  -11.569 1.00 82.66  ? 336 GLU 1 CB  1 
ATOM 1461 C CG  . GLU A 1 336 ? 2.107   25.947  -13.088 1.00 83.44  ? 336 GLU 1 CG  1 
ATOM 1462 C CD  . GLU A 1 336 ? 3.538   26.042  -13.607 1.00 88.90  ? 336 GLU 1 CD  1 
ATOM 1463 O OE1 . GLU A 1 336 ? 4.319   26.872  -13.091 1.00 90.17  ? 336 GLU 1 OE1 1 
ATOM 1464 O OE2 . GLU A 1 336 ? 3.876   25.289  -14.546 1.00 87.80  ? 336 GLU 1 OE2 1 
ATOM 1465 N N   . GLU A 1 337 ? -0.107  28.367  -10.369 1.00 88.67  ? 337 GLU 1 N   1 
ATOM 1466 C CA  . GLU A 1 337 ? -0.816  29.647  -10.416 1.00 88.85  ? 337 GLU 1 CA  1 
ATOM 1467 C C   . GLU A 1 337 ? 0.145   30.838  -10.339 1.00 90.56  ? 337 GLU 1 C   1 
ATOM 1468 O O   . GLU A 1 337 ? 1.243   30.747  -9.784  1.00 88.62  ? 337 GLU 1 O   1 
ATOM 1469 C CB  . GLU A 1 337 ? -1.831  29.731  -9.260  1.00 86.57  ? 337 GLU 1 CB  1 
ATOM 1470 C CG  . GLU A 1 337 ? -2.987  28.741  -9.387  1.00 88.99  ? 337 GLU 1 CG  1 
ATOM 1471 C CD  . GLU A 1 337 ? -4.045  28.916  -8.312  1.00 92.91  ? 337 GLU 1 CD  1 
ATOM 1472 O OE1 . GLU A 1 337 ? -3.706  29.408  -7.213  1.00 92.45  ? 337 GLU 1 OE1 1 
ATOM 1473 O OE2 . GLU A 1 337 ? -5.212  28.549  -8.563  1.00 94.25  ? 337 GLU 1 OE2 1 
ATOM 1474 N N   . GLU A 1 338 ? -0.285  31.971  -10.915 1.00 77.03  ? 338 GLU 1 N   1 
ATOM 1475 C CA  . GLU A 1 338 ? 0.500   33.204  -11.043 1.00 76.96  ? 338 GLU 1 CA  1 
ATOM 1476 C C   . GLU A 1 338 ? 0.081   34.224  -9.979  1.00 76.16  ? 338 GLU 1 C   1 
ATOM 1477 O O   . GLU A 1 338 ? -1.114  34.453  -9.768  1.00 74.73  ? 338 GLU 1 O   1 
ATOM 1478 C CB  . GLU A 1 338 ? 0.328   33.755  -12.465 1.00 77.50  ? 338 GLU 1 CB  1 
ATOM 1479 C CG  . GLU A 1 338 ? 1.151   34.969  -12.856 1.00 73.84  ? 338 GLU 1 CG  1 
ATOM 1480 C CD  . GLU A 1 338 ? 2.626   34.797  -12.545 1.00 77.39  ? 338 GLU 1 CD  1 
ATOM 1481 O OE1 . GLU A 1 338 ? 3.245   33.825  -13.034 1.00 76.23  ? 338 GLU 1 OE1 1 
ATOM 1482 O OE2 . GLU A 1 338 ? 3.177   35.648  -11.820 1.00 77.79  ? 338 GLU 1 OE2 1 
ATOM 1483 N N   . ALA A 1 339 ? 1.068   34.825  -9.302  1.00 70.26  ? 339 ALA 1 N   1 
ATOM 1484 C CA  . ALA A 1 339 ? 0.872   35.695  -8.140  1.00 66.76  ? 339 ALA 1 CA  1 
ATOM 1485 C C   . ALA A 1 339 ? 0.500   37.140  -8.483  1.00 70.26  ? 339 ALA 1 C   1 
ATOM 1486 O O   . ALA A 1 339 ? 0.832   37.683  -9.545  1.00 68.76  ? 339 ALA 1 O   1 
ATOM 1487 C CB  . ALA A 1 339 ? 2.117   35.707  -7.252  1.00 60.32  ? 339 ALA 1 CB  1 
ATOM 1488 N N   . SER A 1 340 ? -0.149  37.770  -7.499  1.00 77.88  ? 340 SER 1 N   1 
ATOM 1489 C CA  . SER A 1 340 ? -0.651  39.144  -7.537  1.00 76.55  ? 340 SER 1 CA  1 
ATOM 1490 C C   . SER A 1 340 ? -0.521  39.923  -6.222  1.00 73.95  ? 340 SER 1 C   1 
ATOM 1491 O O   . SER A 1 340 ? -0.381  39.338  -5.151  1.00 77.28  ? 340 SER 1 O   1 
ATOM 1492 C CB  . SER A 1 340 ? -2.125  39.117  -7.897  1.00 75.12  ? 340 SER 1 CB  1 
ATOM 1493 O OG  . SER A 1 340 ? -2.274  38.628  -9.210  1.00 73.78  ? 340 SER 1 OG  1 
# 
